data_3PRC
#
_entry.id   3PRC
#
_cell.length_a   223.500
_cell.length_b   223.500
_cell.length_c   113.600
_cell.angle_alpha   90.00
_cell.angle_beta   90.00
_cell.angle_gamma   90.00
#
_symmetry.space_group_name_H-M   'P 43 21 2'
#
loop_
_entity.id
_entity.type
_entity.pdbx_description
1 polymer 'PHOTOSYNTHETIC REACTION CENTER'
2 polymer 'PHOTOSYNTHETIC REACTION CENTER'
3 polymer 'PHOTOSYNTHETIC REACTION CENTER'
4 polymer 'PHOTOSYNTHETIC REACTION CENTER'
5 non-polymer 'PROTOPORPHYRIN IX CONTAINING FE'
6 non-polymer 'BACTERIOCHLOROPHYLL B'
7 non-polymer 'BACTERIOPHEOPHYTIN B'
8 non-polymer 'LAURYL DIMETHYLAMINE-N-OXIDE'
9 non-polymer 'FE (II) ION'
10 non-polymer 'SULFATE ION'
11 non-polymer MENAQUINONE-7
12 non-polymer 15-cis-1,2-dihydroneurosporene
13 water water
#
loop_
_entity_poly.entity_id
_entity_poly.type
_entity_poly.pdbx_seq_one_letter_code
_entity_poly.pdbx_strand_id
1 'polypeptide(L)'
;CFEPPPATTTQTGFRGLSMGEVLHPATVKAKKERDAQYPPALAAVKAEGPPVSQVYKNVKVLGNLTEAEFLRTMTAITEW
VSPQEGCTYCHDENNLASEAKYPYVVARRMLEMTRAINTNWTQHVAQTGVTCYTCHRGTPLPPYVRYLEPTLPLNNRETP
THVERVETRSGYVVRLAKYTAYSALNYDPFTMFLANDKRQVRVVPQTALPLVGVSRGKERRPLSDAYATFALMMSISDSL
GTNCTFCHNAQTFESWGKKSTPQRAIAWWGIRMVRDLNMNYLAPLNASLPASRLGRQGEAPQADCRTCHQGVTKPLFGAS
RLKDYPELGPIKAAAK
;
C
2 'polypeptide(L)'
;ALLSFERKYRVRGGTLIGGDLFDFWVGPYFVGFFGVSAIFFIFLGVSLIGYAASQGPTWDPFAISINPPDLKYGLGAAPL
LEGGFWQAITVCALGAFISWMLREVEISRKLGIGWHVPLAFCVPIFMFCVLQVFRPLLLGSWGHAFPYGILSHLDWVNNF
GYQYLNWHYNPGHMSSVSFLFVNAMALGLHGGLILSVANPGDGDKVKTAEHENQYFRDVVGYSIGALSIHRLGLFLASNI
FLTGAFGTIASGPFWTRGWPEWWGWWLDIPFWS
;
L
3 'polypeptide(L)'
;ADYQTIYTQIQARGPHITVSGEWGDNDRVGKPFYSYWLGKIGDAQIGPIYLGASGIAAFAFGSTAILIILFNMAAEVHFD
PLQFFRQFFWLGLYPPKAQYGMGIPPLHDGGWWLMAGLFMTLSLGSWWIRVYSRARALGLGTHIAWNFAAAIFFVLCIGC
IHPTLVGSWSEGVPFGIWPHIDWLTAFSIRYGNFYYCPWHGFSIGFAYGCGLLFAAHGATILAVARFGGDREIEQITDRG
TAVERAALFWRWTIGFNATIESVHRWGWFFSLMVMVSASVGILLTGTFVDNWYLWCVKHGAAPDYPAYLPATPDPASLPG
APK
;
M
4 'polypeptide(L)'
;(FME)YHGALAQHLDIAQLVWYAQWLVIWTVVLLYLRREDRREGYPLVEPLGLVKLAPEDGQVYELPYPKTFVLPHGGTV
TVPRRRPETRELKLAQTDGFEGAPLQPTGNPLVDAVGPASYAERAEVVDATVDGKAKIVPLRVATDFSIAEGDVDPRGLP
VVAADGVEAGTVTDLWVDRSEHYFRYLELSVAGSARTALIPLGFCDVKKDKIVVTSILSEQFANVPRLQSRDQITLREED
KVSAYYAGGLLYATPERAESLL
;
H
#
loop_
_chem_comp.id
_chem_comp.type
_chem_comp.name
_chem_comp.formula
BCB non-polymer 'BACTERIOCHLOROPHYLL B' 'C55 H72 Mg N4 O6 2'
BPB non-polymer 'BACTERIOPHEOPHYTIN B' 'C55 H74 N4 O6'
FE2 non-polymer 'FE (II) ION' 'Fe 2'
HEM non-polymer 'PROTOPORPHYRIN IX CONTAINING FE' 'C34 H32 Fe N4 O4'
LDA non-polymer 'LAURYL DIMETHYLAMINE-N-OXIDE' 'C14 H31 N O'
MQ7 non-polymer MENAQUINONE-7 'C46 H64 O2'
NS5 non-polymer 15-cis-1,2-dihydroneurosporene 'C40 H60'
SO4 non-polymer 'SULFATE ION' 'O4 S -2'
#
# COMPACT_ATOMS: atom_id res chain seq x y z
N CYS A 1 22.01 6.49 2.82
CA CYS A 1 21.29 7.56 2.08
C CYS A 1 20.18 8.13 2.97
N PHE A 2 20.48 8.39 4.24
CA PHE A 2 19.46 8.82 5.22
C PHE A 2 19.94 9.93 6.16
N GLU A 3 19.01 10.58 6.85
CA GLU A 3 19.34 11.73 7.69
C GLU A 3 19.01 11.41 9.12
N PRO A 4 20.02 11.34 9.99
CA PRO A 4 19.85 10.97 11.41
C PRO A 4 18.92 11.91 12.15
N PRO A 5 18.11 11.38 13.07
CA PRO A 5 17.27 12.20 13.94
C PRO A 5 18.12 12.96 14.92
N PRO A 6 17.52 13.90 15.66
CA PRO A 6 16.13 14.34 15.59
C PRO A 6 15.84 15.20 14.36
N ALA A 7 14.56 15.26 14.01
CA ALA A 7 14.05 16.17 12.99
C ALA A 7 13.31 17.25 13.74
N THR A 8 13.39 18.46 13.21
CA THR A 8 12.62 19.58 13.72
C THR A 8 11.29 19.54 13.01
N THR A 9 10.18 19.59 13.74
CA THR A 9 8.88 19.62 13.09
C THR A 9 8.06 20.78 13.61
N THR A 10 7.25 21.39 12.74
CA THR A 10 6.31 22.40 13.14
C THR A 10 4.89 21.98 12.83
N GLN A 11 3.94 22.80 13.28
CA GLN A 11 2.54 22.51 13.04
C GLN A 11 1.94 23.69 12.28
N THR A 12 1.25 23.41 11.18
CA THR A 12 0.69 24.48 10.35
C THR A 12 -0.81 24.30 10.12
N GLY A 13 -1.38 23.25 10.71
CA GLY A 13 -2.80 22.98 10.57
C GLY A 13 -3.37 22.44 11.87
N PHE A 14 -4.67 22.32 11.93
CA PHE A 14 -5.34 21.80 13.12
C PHE A 14 -4.73 20.47 13.50
N ARG A 15 -4.64 20.19 14.79
CA ARG A 15 -4.02 18.95 15.27
C ARG A 15 -4.63 17.68 14.71
N GLY A 16 -3.78 16.67 14.50
CA GLY A 16 -4.17 15.40 13.88
C GLY A 16 -4.23 15.36 12.36
N LEU A 17 -3.78 16.42 11.68
CA LEU A 17 -3.90 16.50 10.22
C LEU A 17 -2.56 16.29 9.54
N SER A 18 -1.50 16.22 10.33
CA SER A 18 -0.14 16.04 9.83
C SER A 18 0.30 17.11 8.86
N MET A 19 0.08 18.36 9.26
CA MET A 19 0.49 19.51 8.48
C MET A 19 1.63 20.25 9.19
N GLY A 20 2.71 20.50 8.47
CA GLY A 20 3.79 21.27 9.03
C GLY A 20 5.11 20.98 8.36
N GLU A 21 6.16 21.65 8.83
CA GLU A 21 7.50 21.49 8.26
C GLU A 21 8.25 20.37 8.94
N VAL A 22 9.07 19.67 8.17
CA VAL A 22 9.97 18.64 8.69
C VAL A 22 11.36 19.04 8.26
N LEU A 23 12.21 19.43 9.22
CA LEU A 23 13.53 19.99 8.93
C LEU A 23 14.64 19.14 9.51
N HIS A 24 15.75 19.09 8.79
CA HIS A 24 16.93 18.43 9.32
C HIS A 24 17.83 19.52 9.90
N PRO A 25 18.12 19.43 11.20
CA PRO A 25 18.81 20.55 11.83
C PRO A 25 20.15 20.98 11.16
N ALA A 26 20.99 20.00 10.79
CA ALA A 26 22.27 20.30 10.16
C ALA A 26 22.09 21.09 8.86
N THR A 27 21.04 20.78 8.12
CA THR A 27 20.78 21.46 6.86
C THR A 27 20.35 22.89 7.09
N VAL A 28 19.50 23.10 8.08
CA VAL A 28 19.00 24.42 8.35
C VAL A 28 20.14 25.30 8.81
N LYS A 29 21.04 24.73 9.59
CA LYS A 29 22.16 25.47 10.15
C LYS A 29 23.11 25.88 9.03
N ALA A 30 23.28 24.98 8.08
CA ALA A 30 24.16 25.20 6.96
C ALA A 30 23.64 26.32 6.07
N LYS A 31 22.32 26.39 5.86
CA LYS A 31 21.78 27.48 5.08
C LYS A 31 21.84 28.77 5.88
N LYS A 32 21.65 28.64 7.19
CA LYS A 32 21.66 29.77 8.12
C LYS A 32 22.99 30.47 8.03
N GLU A 33 24.05 29.69 7.97
CA GLU A 33 25.40 30.22 7.96
C GLU A 33 25.71 30.85 6.62
N ARG A 34 25.20 30.27 5.55
CA ARG A 34 25.40 30.80 4.22
C ARG A 34 24.68 32.14 4.12
N ASP A 35 23.47 32.22 4.63
CA ASP A 35 22.73 33.45 4.54
C ASP A 35 23.29 34.50 5.49
N ALA A 36 24.05 34.05 6.48
CA ALA A 36 24.67 34.95 7.46
C ALA A 36 25.73 35.87 6.87
N GLN A 37 26.15 35.58 5.65
CA GLN A 37 27.19 36.35 4.99
C GLN A 37 26.68 37.66 4.41
N TYR A 38 25.37 37.87 4.49
CA TYR A 38 24.80 39.18 4.20
C TYR A 38 25.64 40.24 4.92
N PRO A 39 26.40 41.04 4.16
CA PRO A 39 27.11 42.20 4.72
C PRO A 39 26.15 43.02 5.54
N PRO A 40 26.65 43.62 6.63
CA PRO A 40 25.82 44.49 7.44
C PRO A 40 25.68 45.82 6.78
N ALA A 41 24.69 46.57 7.24
CA ALA A 41 24.51 47.94 6.79
C ALA A 41 25.79 48.73 7.03
N LEU A 42 26.27 49.38 5.98
CA LEU A 42 27.23 50.47 6.14
C LEU A 42 26.66 51.49 7.12
N ALA A 43 27.56 52.09 7.88
CA ALA A 43 27.20 53.14 8.81
C ALA A 43 26.47 54.26 8.11
N ALA A 44 25.55 54.88 8.84
CA ALA A 44 24.72 55.93 8.29
C ALA A 44 25.54 57.20 8.11
N VAL A 45 25.29 57.90 7.02
CA VAL A 45 25.95 59.17 6.76
C VAL A 45 24.97 60.34 6.95
N LYS A 46 25.52 61.50 7.29
CA LYS A 46 24.74 62.73 7.47
C LYS A 46 24.36 63.33 6.11
N ALA A 47 23.10 63.77 6.01
CA ALA A 47 22.60 64.29 4.75
C ALA A 47 23.03 65.75 4.49
N GLU A 48 24.29 65.92 4.07
CA GLU A 48 24.85 67.25 3.83
C GLU A 48 24.88 67.66 2.35
N GLY A 49 24.21 68.76 2.04
CA GLY A 49 24.46 69.44 0.79
C GLY A 49 23.48 69.09 -0.32
N PRO A 50 23.90 69.26 -1.58
CA PRO A 50 23.01 69.32 -2.74
C PRO A 50 22.61 67.91 -3.17
N PRO A 51 21.35 67.74 -3.62
CA PRO A 51 21.03 66.53 -4.38
C PRO A 51 22.05 66.31 -5.48
N VAL A 52 22.48 65.06 -5.63
CA VAL A 52 23.52 64.74 -6.59
C VAL A 52 23.04 65.01 -8.00
N SER A 53 21.76 65.35 -8.15
CA SER A 53 21.22 65.74 -9.46
C SER A 53 21.89 67.03 -9.97
N GLN A 54 22.14 67.93 -9.05
CA GLN A 54 22.97 69.09 -9.31
C GLN A 54 24.42 68.63 -9.41
N VAL A 55 24.91 67.94 -8.37
CA VAL A 55 26.33 67.58 -8.25
C VAL A 55 26.91 66.74 -9.41
N TYR A 56 26.27 65.64 -9.77
CA TYR A 56 26.87 64.69 -10.72
C TYR A 56 26.29 64.89 -12.10
N LYS A 57 26.87 64.17 -13.06
CA LYS A 57 26.55 64.39 -14.47
C LYS A 57 25.41 63.52 -15.00
N ASN A 58 25.30 62.29 -14.51
CA ASN A 58 24.47 61.28 -15.18
C ASN A 58 23.83 60.35 -14.17
N VAL A 59 23.10 60.94 -13.24
CA VAL A 59 22.38 60.20 -12.22
C VAL A 59 20.89 60.37 -12.46
N LYS A 60 20.23 59.27 -12.85
CA LYS A 60 18.79 59.31 -13.14
C LYS A 60 17.94 58.81 -11.98
N VAL A 61 18.26 57.62 -11.51
CA VAL A 61 17.45 56.99 -10.46
C VAL A 61 17.70 57.66 -9.11
N LEU A 62 18.95 57.69 -8.65
CA LEU A 62 19.28 58.12 -7.28
C LEU A 62 19.58 59.63 -7.16
N GLY A 63 19.02 60.41 -8.08
CA GLY A 63 19.37 61.83 -8.19
C GLY A 63 19.12 62.66 -6.95
N ASN A 64 18.22 62.22 -6.09
CA ASN A 64 17.83 63.02 -4.93
C ASN A 64 18.70 62.76 -3.70
N LEU A 65 19.64 61.83 -3.82
CA LEU A 65 20.55 61.55 -2.72
C LEU A 65 21.57 62.68 -2.60
N THR A 66 21.88 63.08 -1.38
CA THR A 66 23.04 63.93 -1.18
C THR A 66 24.25 63.09 -1.58
N GLU A 67 25.40 63.73 -1.75
CA GLU A 67 26.61 63.04 -2.20
C GLU A 67 27.04 61.88 -1.29
N ALA A 68 27.16 62.14 0.00
CA ALA A 68 27.63 61.12 0.96
C ALA A 68 26.72 59.90 0.96
N GLU A 69 25.42 60.15 0.89
CA GLU A 69 24.42 59.11 0.75
C GLU A 69 24.60 58.30 -0.51
N PHE A 70 24.73 58.98 -1.64
CA PHE A 70 24.90 58.35 -2.93
C PHE A 70 26.14 57.46 -2.95
N LEU A 71 27.21 57.93 -2.32
CA LEU A 71 28.45 57.16 -2.32
C LEU A 71 28.37 55.97 -1.40
N ARG A 72 27.54 56.08 -0.38
CA ARG A 72 27.22 54.96 0.50
C ARG A 72 26.45 53.89 -0.28
N THR A 73 25.52 54.33 -1.11
CA THR A 73 24.77 53.42 -1.94
C THR A 73 25.68 52.68 -2.89
N MET A 74 26.64 53.40 -3.48
CA MET A 74 27.58 52.81 -4.46
C MET A 74 28.52 51.81 -3.81
N THR A 75 28.89 52.09 -2.56
CA THR A 75 29.76 51.18 -1.81
C THR A 75 29.02 49.89 -1.51
N ALA A 76 27.74 50.03 -1.12
CA ALA A 76 26.88 48.89 -0.80
C ALA A 76 26.66 48.04 -2.05
N ILE A 77 26.25 48.69 -3.13
CA ILE A 77 26.02 48.05 -4.42
C ILE A 77 27.25 47.24 -4.81
N THR A 78 28.42 47.79 -4.48
CA THR A 78 29.66 47.16 -4.89
C THR A 78 29.93 45.93 -4.05
N GLU A 79 29.59 45.97 -2.77
CA GLU A 79 29.79 44.79 -1.96
C GLU A 79 28.69 43.76 -2.14
N TRP A 80 27.51 44.18 -2.60
CA TRP A 80 26.45 43.21 -2.88
C TRP A 80 26.60 42.45 -4.19
N VAL A 81 27.06 43.13 -5.22
CA VAL A 81 27.03 42.60 -6.57
C VAL A 81 28.41 42.26 -7.10
N SER A 82 29.34 43.19 -7.02
CA SER A 82 30.64 43.02 -7.64
C SER A 82 31.81 43.35 -6.71
N PRO A 83 31.91 42.66 -5.57
CA PRO A 83 32.92 42.96 -4.55
C PRO A 83 34.33 42.58 -4.99
N GLN A 84 34.45 41.49 -5.72
CA GLN A 84 35.75 41.07 -6.18
C GLN A 84 36.26 41.94 -7.33
N GLU A 85 35.35 42.59 -8.01
CA GLU A 85 35.72 43.36 -9.19
C GLU A 85 35.91 44.82 -8.80
N GLY A 86 35.21 45.26 -7.76
CA GLY A 86 35.31 46.63 -7.34
C GLY A 86 34.46 47.53 -8.20
N CYS A 87 34.64 48.86 -8.08
CA CYS A 87 33.79 49.86 -8.73
C CYS A 87 33.86 49.80 -10.24
N THR A 88 35.01 49.40 -10.78
CA THR A 88 35.22 49.49 -12.24
C THR A 88 34.49 48.42 -13.02
N TYR A 89 33.80 47.53 -12.32
CA TYR A 89 33.03 46.50 -12.98
C TYR A 89 31.98 47.17 -13.86
N CYS A 90 31.44 48.27 -13.35
CA CYS A 90 30.41 49.04 -14.06
C CYS A 90 30.92 50.39 -14.58
N HIS A 91 32.00 50.89 -13.99
CA HIS A 91 32.43 52.24 -14.29
C HIS A 91 33.67 52.23 -15.11
N ASP A 92 33.73 53.20 -16.01
CA ASP A 92 34.99 53.65 -16.54
C ASP A 92 35.82 54.30 -15.45
N GLU A 93 36.98 53.72 -15.21
CA GLU A 93 38.02 54.23 -14.33
C GLU A 93 38.09 55.75 -14.32
N ASN A 94 38.04 56.35 -15.50
CA ASN A 94 38.37 57.77 -15.64
C ASN A 94 37.18 58.62 -15.99
N ASN A 95 36.01 58.01 -16.05
CA ASN A 95 34.79 58.77 -16.22
C ASN A 95 33.61 58.03 -15.66
N LEU A 96 33.17 58.49 -14.50
CA LEU A 96 32.21 57.75 -13.71
C LEU A 96 30.80 57.86 -14.27
N ALA A 97 30.64 58.79 -15.20
CA ALA A 97 29.34 59.00 -15.83
C ALA A 97 29.23 58.18 -17.10
N SER A 98 30.33 57.56 -17.52
CA SER A 98 30.31 56.77 -18.74
C SER A 98 29.44 55.54 -18.56
N GLU A 99 28.54 55.35 -19.52
CA GLU A 99 27.65 54.20 -19.59
C GLU A 99 28.27 53.15 -20.49
N ALA A 100 29.59 53.25 -20.64
CA ALA A 100 30.29 52.44 -21.62
C ALA A 100 30.11 50.95 -21.38
N LYS A 101 30.19 50.54 -20.11
CA LYS A 101 30.16 49.12 -19.77
C LYS A 101 28.72 48.74 -19.53
N TYR A 102 28.32 47.58 -20.04
CA TYR A 102 26.94 47.16 -19.86
C TYR A 102 26.50 46.93 -18.39
N PRO A 103 27.41 46.48 -17.52
CA PRO A 103 26.99 46.39 -16.12
C PRO A 103 26.43 47.70 -15.62
N TYR A 104 26.92 48.82 -16.15
CA TYR A 104 26.40 50.11 -15.76
C TYR A 104 24.91 50.17 -16.09
N VAL A 105 24.56 49.92 -17.33
CA VAL A 105 23.19 50.17 -17.77
C VAL A 105 22.25 49.15 -17.17
N VAL A 106 22.69 47.90 -17.10
CA VAL A 106 21.96 46.88 -16.39
C VAL A 106 21.75 47.31 -14.93
N ALA A 107 22.81 47.73 -14.25
CA ALA A 107 22.70 48.14 -12.86
C ALA A 107 21.68 49.26 -12.69
N ARG A 108 21.55 50.14 -13.68
CA ARG A 108 20.57 51.21 -13.57
C ARG A 108 19.15 50.67 -13.54
N ARG A 109 18.87 49.76 -14.47
CA ARG A 109 17.57 49.10 -14.59
C ARG A 109 17.30 48.26 -13.33
N MET A 110 18.36 47.68 -12.78
CA MET A 110 18.29 46.91 -11.56
C MET A 110 17.96 47.72 -10.33
N LEU A 111 18.41 48.99 -10.32
CA LEU A 111 18.00 49.92 -9.27
C LEU A 111 16.52 50.22 -9.37
N GLU A 112 16.00 50.30 -10.58
CA GLU A 112 14.58 50.56 -10.80
C GLU A 112 13.75 49.33 -10.42
N MET A 113 14.17 48.16 -10.90
CA MET A 113 13.55 46.89 -10.53
C MET A 113 13.53 46.71 -9.03
N THR A 114 14.68 46.85 -8.39
CA THR A 114 14.78 46.72 -6.94
C THR A 114 13.84 47.68 -6.19
N ARG A 115 13.79 48.94 -6.61
CA ARG A 115 12.85 49.87 -6.00
C ARG A 115 11.38 49.55 -6.31
N ALA A 116 11.16 48.86 -7.43
CA ALA A 116 9.83 48.40 -7.79
C ALA A 116 9.37 47.31 -6.82
N ILE A 117 10.22 46.31 -6.62
CA ILE A 117 9.90 45.21 -5.72
C ILE A 117 9.54 45.69 -4.32
N ASN A 118 10.29 46.65 -3.82
CA ASN A 118 10.11 47.10 -2.45
C ASN A 118 8.98 48.09 -2.31
N THR A 119 8.59 48.69 -3.41
CA THR A 119 7.52 49.66 -3.36
C THR A 119 6.19 49.05 -3.77
N ASN A 120 6.24 48.22 -4.80
CA ASN A 120 5.05 47.81 -5.52
C ASN A 120 4.63 46.39 -5.21
N TRP A 121 5.50 45.65 -4.55
CA TRP A 121 5.21 44.27 -4.23
C TRP A 121 5.42 44.02 -2.77
N THR A 122 4.96 44.96 -1.97
CA THR A 122 4.96 44.77 -0.54
C THR A 122 4.05 43.61 -0.11
N GLN A 123 3.09 43.23 -0.94
N GLN A 123 3.10 43.23 -0.96
CA GLN A 123 2.22 42.10 -0.59
CA GLN A 123 2.21 42.11 -0.65
C GLN A 123 2.97 40.78 -0.63
C GLN A 123 2.97 40.78 -0.63
N HIS A 124 4.11 40.75 -1.30
CA HIS A 124 5.00 39.61 -1.18
C HIS A 124 6.15 39.86 -0.19
N VAL A 125 6.91 40.93 -0.41
CA VAL A 125 8.20 41.13 0.28
C VAL A 125 8.03 41.91 1.56
N ALA A 126 6.89 42.57 1.68
CA ALA A 126 6.44 43.20 2.92
C ALA A 126 7.42 44.26 3.37
N GLN A 127 7.76 44.23 4.65
CA GLN A 127 8.70 45.17 5.21
C GLN A 127 10.08 44.54 5.40
N THR A 128 10.27 43.38 4.76
CA THR A 128 11.59 42.78 4.68
C THR A 128 12.30 43.31 3.46
N GLY A 129 11.60 43.34 2.34
CA GLY A 129 12.15 43.91 1.14
C GLY A 129 13.32 43.11 0.61
N VAL A 130 13.81 43.49 -0.56
CA VAL A 130 15.00 42.91 -1.11
C VAL A 130 16.08 43.97 -1.35
N THR A 131 17.32 43.53 -1.51
CA THR A 131 18.41 44.38 -1.92
C THR A 131 19.09 43.60 -3.02
N CYS A 132 20.09 44.19 -3.66
CA CYS A 132 20.83 43.49 -4.70
C CYS A 132 21.41 42.16 -4.17
N TYR A 133 21.71 42.13 -2.87
CA TYR A 133 22.34 40.94 -2.30
C TYR A 133 21.41 39.71 -2.31
N THR A 134 20.11 39.96 -2.14
CA THR A 134 19.10 38.91 -2.10
C THR A 134 19.23 37.94 -3.25
N CYS A 135 19.41 38.44 -4.48
CA CYS A 135 19.63 37.57 -5.64
C CYS A 135 21.10 37.35 -5.95
N HIS A 136 21.88 38.43 -6.00
CA HIS A 136 23.28 38.34 -6.45
C HIS A 136 24.25 37.64 -5.52
N ARG A 137 24.07 37.82 -4.23
CA ARG A 137 24.92 37.15 -3.27
C ARG A 137 26.40 37.41 -3.54
N GLY A 138 26.76 38.65 -3.85
CA GLY A 138 28.15 39.00 -4.04
C GLY A 138 28.84 38.56 -5.33
N THR A 139 28.06 38.19 -6.34
CA THR A 139 28.60 38.02 -7.69
C THR A 139 27.68 38.68 -8.69
N PRO A 140 28.25 39.14 -9.81
CA PRO A 140 27.46 39.78 -10.85
C PRO A 140 26.38 38.86 -11.43
N LEU A 141 26.76 37.63 -11.76
CA LEU A 141 25.76 36.66 -12.16
C LEU A 141 25.21 36.04 -10.89
N PRO A 142 23.91 36.30 -10.60
CA PRO A 142 23.22 35.64 -9.48
C PRO A 142 23.30 34.08 -9.56
N PRO A 143 23.57 33.42 -8.43
CA PRO A 143 23.82 31.98 -8.48
C PRO A 143 22.63 31.11 -8.94
N TYR A 144 21.40 31.60 -8.77
CA TYR A 144 20.23 30.83 -9.20
C TYR A 144 19.34 31.63 -10.12
N VAL A 145 19.50 31.37 -11.41
CA VAL A 145 18.74 32.04 -12.44
C VAL A 145 18.19 30.95 -13.37
N ARG A 146 17.23 31.31 -14.22
CA ARG A 146 16.59 30.34 -15.08
C ARG A 146 16.69 30.81 -16.54
N TYR A 147 16.93 29.87 -17.46
CA TYR A 147 16.80 30.14 -18.90
C TYR A 147 15.50 29.53 -19.38
N LEU A 148 15.28 29.59 -20.69
CA LEU A 148 14.08 29.00 -21.26
C LEU A 148 14.25 27.51 -21.45
N GLU A 149 15.35 26.97 -20.97
CA GLU A 149 15.49 25.51 -20.86
C GLU A 149 15.92 25.22 -19.43
N PRO A 150 15.61 24.01 -18.92
CA PRO A 150 16.26 23.54 -17.70
C PRO A 150 17.76 23.48 -17.87
N THR A 151 18.48 23.96 -16.87
CA THR A 151 19.92 23.90 -16.86
C THR A 151 20.40 23.31 -15.54
N LEU A 152 21.61 22.75 -15.55
CA LEU A 152 22.17 22.13 -14.36
C LEU A 152 23.66 22.44 -14.33
N PRO A 153 24.25 22.48 -13.13
CA PRO A 153 23.68 22.52 -11.77
C PRO A 153 22.80 23.75 -11.54
N LEU A 154 21.90 23.67 -10.55
CA LEU A 154 21.00 24.79 -10.28
C LEU A 154 21.81 25.99 -9.85
N ASN A 155 22.81 25.76 -9.00
CA ASN A 155 23.74 26.80 -8.66
C ASN A 155 24.79 26.87 -9.74
N ASN A 156 24.78 27.97 -10.47
CA ASN A 156 25.67 28.15 -11.61
C ASN A 156 27.11 28.45 -11.20
N ARG A 157 27.35 28.59 -9.90
CA ARG A 157 28.71 28.65 -9.42
C ARG A 157 29.38 27.29 -9.49
N GLU A 158 28.61 26.23 -9.72
CA GLU A 158 29.17 24.90 -9.89
C GLU A 158 29.44 24.59 -11.35
N THR A 159 30.33 23.64 -11.57
CA THR A 159 30.77 23.29 -12.92
C THR A 159 30.05 22.06 -13.48
N PRO A 160 29.43 22.22 -14.65
CA PRO A 160 28.63 21.16 -15.26
C PRO A 160 29.46 19.92 -15.55
N THR A 161 28.85 18.78 -15.35
CA THR A 161 29.35 17.56 -15.95
C THR A 161 28.96 17.62 -17.42
N HIS A 162 29.43 16.66 -18.20
CA HIS A 162 29.13 16.63 -19.62
C HIS A 162 27.63 16.53 -19.86
N VAL A 163 27.01 15.55 -19.19
CA VAL A 163 25.56 15.26 -19.26
C VAL A 163 24.70 16.46 -18.83
N GLU A 164 25.15 17.22 -17.83
CA GLU A 164 24.43 18.40 -17.36
C GLU A 164 24.41 19.51 -18.36
N ARG A 165 25.38 19.50 -19.27
CA ARG A 165 25.51 20.57 -20.25
C ARG A 165 24.29 20.55 -21.14
N VAL A 166 23.70 21.73 -21.31
CA VAL A 166 22.38 21.85 -21.88
C VAL A 166 22.38 21.29 -23.29
N GLU A 167 23.58 21.19 -23.84
CA GLU A 167 23.78 20.72 -25.21
C GLU A 167 23.66 19.20 -25.27
N THR A 168 24.08 18.56 -24.19
CA THR A 168 24.00 17.11 -24.09
C THR A 168 22.56 16.62 -23.95
N ARG A 169 22.00 16.15 -25.04
CA ARG A 169 20.58 15.81 -25.10
C ARG A 169 20.20 14.66 -24.19
N SER A 170 21.12 13.73 -23.96
CA SER A 170 20.84 12.56 -23.15
C SER A 170 20.65 12.89 -21.67
N GLY A 171 21.02 14.12 -21.29
CA GLY A 171 20.92 14.54 -19.91
C GLY A 171 19.69 15.39 -19.61
N TYR A 172 18.77 15.44 -20.57
CA TYR A 172 17.57 16.26 -20.47
C TYR A 172 16.64 15.90 -19.32
N VAL A 173 16.24 14.62 -19.29
CA VAL A 173 15.33 14.13 -18.26
C VAL A 173 15.89 14.39 -16.86
N VAL A 174 17.21 14.27 -16.71
CA VAL A 174 17.83 14.62 -15.45
C VAL A 174 17.81 16.11 -15.21
N ARG A 175 18.02 16.92 -16.25
CA ARG A 175 17.91 18.37 -16.09
C ARG A 175 16.54 18.78 -15.62
N LEU A 176 15.52 18.11 -16.14
CA LEU A 176 14.14 18.42 -15.82
C LEU A 176 13.78 17.91 -14.41
N ALA A 177 14.23 16.72 -14.08
CA ALA A 177 13.96 16.11 -12.77
C ALA A 177 14.54 16.91 -11.60
N LYS A 178 15.74 17.47 -11.75
CA LYS A 178 16.37 18.18 -10.66
C LYS A 178 15.72 19.53 -10.43
N TYR A 179 15.01 20.04 -11.44
CA TYR A 179 14.20 21.24 -11.28
C TYR A 179 12.83 20.97 -10.60
N THR A 180 12.35 19.73 -10.67
CA THR A 180 11.05 19.41 -10.07
C THR A 180 11.20 18.41 -8.92
N ALA A 181 12.22 18.60 -8.10
CA ALA A 181 12.41 17.85 -6.87
C ALA A 181 12.54 16.34 -7.09
N TYR A 182 13.18 15.98 -8.22
CA TYR A 182 13.54 14.62 -8.61
C TYR A 182 12.43 13.75 -9.15
N SER A 183 11.30 14.38 -9.45
CA SER A 183 10.19 13.68 -10.05
C SER A 183 10.45 13.54 -11.53
N ALA A 184 9.63 12.69 -12.16
CA ALA A 184 9.72 12.46 -13.59
C ALA A 184 8.71 13.29 -14.36
N LEU A 185 8.11 14.29 -13.71
CA LEU A 185 7.02 15.06 -14.31
C LEU A 185 7.58 15.76 -15.52
N ASN A 186 7.05 15.42 -16.67
CA ASN A 186 7.71 15.75 -17.92
C ASN A 186 7.41 17.18 -18.37
N TYR A 187 7.46 18.14 -17.45
CA TYR A 187 7.08 19.51 -17.72
C TYR A 187 8.05 20.46 -17.05
N ASP A 188 8.30 21.60 -17.69
CA ASP A 188 9.12 22.65 -17.11
C ASP A 188 8.22 23.76 -16.59
N PRO A 189 8.02 23.82 -15.26
CA PRO A 189 7.10 24.81 -14.69
C PRO A 189 7.57 26.25 -14.83
N PHE A 190 8.84 26.45 -15.19
CA PHE A 190 9.37 27.80 -15.30
C PHE A 190 8.84 28.50 -16.55
N THR A 191 9.10 27.89 -17.71
CA THR A 191 8.67 28.45 -18.98
C THR A 191 7.15 28.40 -19.12
N MET A 192 6.53 27.40 -18.49
CA MET A 192 5.07 27.33 -18.49
C MET A 192 4.41 28.37 -17.62
N PHE A 193 4.93 28.59 -16.41
CA PHE A 193 4.19 29.38 -15.44
C PHE A 193 4.79 30.71 -15.07
N LEU A 194 6.12 30.74 -14.94
CA LEU A 194 6.79 31.86 -14.26
C LEU A 194 7.40 32.91 -15.17
N ALA A 195 7.72 32.50 -16.40
CA ALA A 195 8.34 33.41 -17.37
C ALA A 195 7.33 34.43 -17.84
N ASN A 196 6.05 34.09 -17.82
CA ASN A 196 5.01 35.00 -18.29
C ASN A 196 3.67 34.65 -17.68
N ASP A 197 2.64 35.38 -18.08
CA ASP A 197 1.34 35.20 -17.46
C ASP A 197 0.33 34.50 -18.35
N LYS A 198 0.81 33.66 -19.26
CA LYS A 198 -0.05 33.05 -20.25
C LYS A 198 -0.85 31.85 -19.72
N ARG A 199 -0.25 31.02 -18.87
CA ARG A 199 -0.95 29.86 -18.37
C ARG A 199 -1.58 30.02 -17.00
N GLN A 200 -2.58 29.19 -16.73
CA GLN A 200 -3.35 29.27 -15.51
C GLN A 200 -2.93 28.08 -14.64
N VAL A 201 -2.65 28.35 -13.37
CA VAL A 201 -2.11 27.35 -12.47
C VAL A 201 -3.19 26.41 -11.92
N ARG A 202 -4.39 26.95 -11.71
CA ARG A 202 -5.49 26.17 -11.13
C ARG A 202 -6.06 25.22 -12.15
N VAL A 203 -6.25 23.95 -11.74
CA VAL A 203 -6.74 22.91 -12.64
C VAL A 203 -7.94 22.18 -12.07
N VAL A 204 -8.24 22.39 -10.80
CA VAL A 204 -9.21 21.58 -10.09
C VAL A 204 -10.54 22.28 -10.17
N PRO A 205 -11.60 21.54 -10.52
CA PRO A 205 -12.96 22.12 -10.63
C PRO A 205 -13.51 22.62 -9.30
N GLN A 206 -14.45 23.54 -9.37
CA GLN A 206 -15.05 24.10 -8.17
C GLN A 206 -16.55 23.81 -8.03
N THR A 207 -17.01 22.82 -8.80
CA THR A 207 -18.35 22.27 -8.63
C THR A 207 -18.19 20.77 -8.44
N ALA A 208 -19.10 20.16 -7.68
CA ALA A 208 -19.10 18.71 -7.52
C ALA A 208 -19.35 17.95 -8.83
N LEU A 209 -20.29 18.42 -9.65
CA LEU A 209 -20.62 17.74 -10.91
C LEU A 209 -19.99 18.46 -12.09
N PRO A 210 -19.74 17.73 -13.20
CA PRO A 210 -19.14 18.39 -14.36
C PRO A 210 -20.14 19.35 -15.03
N LEU A 211 -19.76 20.62 -15.17
CA LEU A 211 -20.56 21.59 -15.89
C LEU A 211 -20.65 21.22 -17.35
N VAL A 212 -21.88 21.15 -17.84
CA VAL A 212 -22.10 20.87 -19.25
C VAL A 212 -21.58 22.02 -20.10
N GLY A 213 -20.64 21.69 -20.98
CA GLY A 213 -20.12 22.68 -21.89
C GLY A 213 -18.65 22.94 -21.73
N VAL A 214 -18.03 22.46 -20.65
CA VAL A 214 -16.56 22.48 -20.55
C VAL A 214 -16.00 21.10 -20.23
N SER A 215 -16.84 20.08 -20.32
CA SER A 215 -16.48 18.82 -19.71
C SER A 215 -16.32 17.70 -20.66
N ARG A 216 -16.32 17.98 -21.96
CA ARG A 216 -16.21 16.88 -22.93
C ARG A 216 -15.34 17.28 -24.10
N GLY A 217 -14.53 16.33 -24.55
CA GLY A 217 -13.73 16.51 -25.73
C GLY A 217 -12.78 17.69 -25.70
N LYS A 218 -12.74 18.45 -26.79
CA LYS A 218 -11.80 19.56 -26.88
C LYS A 218 -12.21 20.73 -25.99
N GLU A 219 -13.38 20.65 -25.37
CA GLU A 219 -13.78 21.70 -24.46
C GLU A 219 -12.93 21.67 -23.22
N ARG A 220 -12.39 20.49 -22.92
CA ARG A 220 -11.71 20.32 -21.65
C ARG A 220 -10.21 20.48 -21.73
N ARG A 221 -9.64 21.01 -20.67
CA ARG A 221 -8.20 21.07 -20.59
C ARG A 221 -7.60 19.67 -20.47
N PRO A 222 -6.47 19.45 -21.14
CA PRO A 222 -5.84 18.14 -21.07
C PRO A 222 -5.32 17.84 -19.67
N LEU A 223 -5.25 16.55 -19.33
CA LEU A 223 -4.81 16.17 -18.00
C LEU A 223 -3.36 16.63 -17.80
N SER A 224 -2.66 16.90 -18.90
CA SER A 224 -1.28 17.32 -18.80
C SER A 224 -1.18 18.60 -17.99
N ASP A 225 -2.25 19.39 -17.97
CA ASP A 225 -2.29 20.60 -17.14
C ASP A 225 -2.14 20.32 -15.64
N ALA A 226 -2.80 19.26 -15.18
CA ALA A 226 -2.65 18.79 -13.83
C ALA A 226 -1.20 18.38 -13.50
N TYR A 227 -0.53 17.66 -14.40
CA TYR A 227 0.86 17.26 -14.14
C TYR A 227 1.75 18.50 -14.03
N ALA A 228 1.47 19.49 -14.88
CA ALA A 228 2.26 20.69 -14.89
C ALA A 228 2.12 21.46 -13.58
N THR A 229 0.88 21.64 -13.13
CA THR A 229 0.63 22.29 -11.85
C THR A 229 1.33 21.51 -10.72
N PHE A 230 1.33 20.17 -10.78
CA PHE A 230 2.01 19.37 -9.76
C PHE A 230 3.53 19.65 -9.85
N ALA A 231 4.08 19.67 -11.07
CA ALA A 231 5.49 20.01 -11.32
C ALA A 231 5.87 21.36 -10.80
N LEU A 232 5.09 22.38 -11.11
CA LEU A 232 5.32 23.69 -10.52
C LEU A 232 5.35 23.69 -8.99
N MET A 233 4.57 22.83 -8.35
CA MET A 233 4.47 22.82 -6.90
C MET A 233 5.59 22.02 -6.28
N MET A 234 6.04 20.98 -6.97
CA MET A 234 7.26 20.29 -6.54
C MET A 234 8.40 21.31 -6.52
N SER A 235 8.47 22.11 -7.58
CA SER A 235 9.56 23.05 -7.77
C SER A 235 9.49 24.18 -6.75
N ILE A 236 8.30 24.75 -6.52
CA ILE A 236 8.08 25.75 -5.48
C ILE A 236 8.50 25.21 -4.09
N SER A 237 8.11 23.98 -3.79
CA SER A 237 8.47 23.35 -2.53
C SER A 237 9.97 23.22 -2.36
N ASP A 238 10.65 22.66 -3.37
CA ASP A 238 12.09 22.55 -3.31
C ASP A 238 12.79 23.91 -3.23
N SER A 239 12.21 24.91 -3.90
CA SER A 239 12.81 26.23 -3.92
C SER A 239 12.80 26.91 -2.57
N LEU A 240 11.75 26.68 -1.79
CA LEU A 240 11.63 27.29 -0.47
C LEU A 240 12.06 26.33 0.65
N GLY A 241 12.58 25.16 0.27
CA GLY A 241 12.94 24.13 1.24
C GLY A 241 11.79 23.70 2.15
N THR A 242 10.60 23.52 1.57
CA THR A 242 9.41 23.18 2.35
C THR A 242 8.58 22.12 1.66
N ASN A 243 7.43 21.79 2.24
CA ASN A 243 6.51 20.79 1.67
C ASN A 243 5.11 21.40 1.49
N CYS A 244 4.24 20.69 0.78
CA CYS A 244 2.92 21.20 0.43
C CYS A 244 2.12 21.75 1.60
N THR A 245 2.28 21.16 2.78
CA THR A 245 1.45 21.51 3.92
C THR A 245 1.87 22.83 4.56
N PHE A 246 2.98 23.38 4.12
CA PHE A 246 3.33 24.74 4.47
C PHE A 246 2.20 25.63 4.00
N CYS A 247 1.56 25.24 2.90
CA CYS A 247 0.59 26.11 2.25
C CYS A 247 -0.81 25.52 2.11
N HIS A 248 -0.89 24.20 1.97
CA HIS A 248 -2.17 23.53 1.71
C HIS A 248 -2.55 22.61 2.85
N ASN A 249 -3.85 22.45 3.09
CA ASN A 249 -4.39 21.23 3.69
C ASN A 249 -4.75 20.29 2.52
N ALA A 250 -3.97 19.24 2.32
CA ALA A 250 -4.12 18.35 1.17
C ALA A 250 -5.50 17.76 1.05
N GLN A 251 -6.33 17.90 2.08
CA GLN A 251 -7.75 17.54 2.00
C GLN A 251 -8.39 18.12 0.76
N THR A 252 -8.08 19.38 0.47
CA THR A 252 -8.63 20.06 -0.69
C THR A 252 -7.62 21.14 -1.11
N PHE A 253 -6.75 20.80 -2.06
CA PHE A 253 -5.71 21.71 -2.51
C PHE A 253 -6.29 23.00 -3.06
N GLU A 254 -7.50 22.89 -3.60
CA GLU A 254 -8.08 23.99 -4.35
C GLU A 254 -8.86 24.97 -3.51
N SER A 255 -9.05 24.67 -2.23
CA SER A 255 -9.79 25.56 -1.33
C SER A 255 -8.90 26.53 -0.58
N TRP A 256 -9.50 27.63 -0.14
CA TRP A 256 -8.77 28.61 0.63
C TRP A 256 -9.46 28.68 1.96
N GLY A 257 -9.54 29.85 2.58
CA GLY A 257 -10.12 29.93 3.90
C GLY A 257 -9.31 29.12 4.88
N LYS A 258 -9.95 28.20 5.58
CA LYS A 258 -9.29 27.39 6.60
C LYS A 258 -8.47 26.29 6.00
N LYS A 259 -8.65 26.05 4.70
CA LYS A 259 -7.91 25.02 3.97
C LYS A 259 -6.57 25.51 3.42
N SER A 260 -6.25 26.77 3.64
CA SER A 260 -4.96 27.30 3.21
C SER A 260 -4.35 28.15 4.32
N THR A 261 -3.03 28.13 4.42
CA THR A 261 -2.32 28.98 5.37
C THR A 261 -2.04 30.36 4.74
N PRO A 262 -1.74 31.37 5.58
CA PRO A 262 -1.36 32.68 5.05
C PRO A 262 -0.20 32.62 4.05
N GLN A 263 0.69 31.67 4.22
CA GLN A 263 1.84 31.54 3.33
C GLN A 263 1.43 31.20 1.90
N ARG A 264 0.24 30.64 1.74
CA ARG A 264 -0.24 30.35 0.40
C ARG A 264 -0.61 31.63 -0.36
N ALA A 265 -1.27 32.54 0.34
CA ALA A 265 -1.70 33.79 -0.25
C ALA A 265 -0.48 34.63 -0.56
N ILE A 266 0.54 34.53 0.30
CA ILE A 266 1.79 35.22 0.03
C ILE A 266 2.51 34.65 -1.18
N ALA A 267 2.51 33.32 -1.29
CA ALA A 267 3.03 32.64 -2.48
C ALA A 267 2.27 33.04 -3.74
N TRP A 268 0.96 33.26 -3.62
CA TRP A 268 0.17 33.74 -4.76
C TRP A 268 0.74 35.06 -5.29
N TRP A 269 1.02 36.00 -4.41
CA TRP A 269 1.61 37.26 -4.81
C TRP A 269 3.00 37.12 -5.41
N GLY A 270 3.77 36.19 -4.87
CA GLY A 270 5.11 35.95 -5.38
C GLY A 270 5.12 35.45 -6.81
N ILE A 271 4.10 34.69 -7.20
CA ILE A 271 3.95 34.25 -8.57
C ILE A 271 3.69 35.47 -9.47
N ARG A 272 2.77 36.33 -9.05
CA ARG A 272 2.49 37.55 -9.81
C ARG A 272 3.75 38.42 -9.89
N MET A 273 4.43 38.54 -8.76
CA MET A 273 5.65 39.33 -8.67
C MET A 273 6.73 38.80 -9.62
N VAL A 274 6.98 37.50 -9.58
CA VAL A 274 8.01 36.90 -10.43
C VAL A 274 7.73 37.07 -11.91
N ARG A 275 6.46 37.06 -12.27
CA ARG A 275 6.07 37.26 -13.67
C ARG A 275 6.33 38.71 -14.10
N ASP A 276 5.95 39.66 -13.26
CA ASP A 276 6.29 41.05 -13.49
C ASP A 276 7.78 41.26 -13.73
N LEU A 277 8.61 40.78 -12.79
CA LEU A 277 10.05 40.92 -12.90
C LEU A 277 10.56 40.34 -14.21
N ASN A 278 10.10 39.15 -14.56
CA ASN A 278 10.57 38.47 -15.75
C ASN A 278 10.14 39.19 -17.02
N MET A 279 8.87 39.55 -17.07
CA MET A 279 8.32 40.12 -18.28
C MET A 279 8.76 41.56 -18.47
N ASN A 280 8.90 42.32 -17.40
CA ASN A 280 9.14 43.75 -17.53
C ASN A 280 10.52 44.29 -17.19
N TYR A 281 11.35 43.49 -16.53
CA TYR A 281 12.71 43.93 -16.24
C TYR A 281 13.75 42.98 -16.78
N LEU A 282 13.58 41.69 -16.51
CA LEU A 282 14.67 40.77 -16.74
C LEU A 282 14.77 40.28 -18.17
N ALA A 283 13.66 39.96 -18.80
CA ALA A 283 13.71 39.39 -20.15
C ALA A 283 14.18 40.41 -21.18
N PRO A 284 13.77 41.67 -21.05
CA PRO A 284 14.31 42.76 -21.87
C PRO A 284 15.86 42.96 -21.84
N LEU A 285 16.52 42.53 -20.78
CA LEU A 285 17.95 42.78 -20.68
C LEU A 285 18.76 41.98 -21.68
N ASN A 286 18.10 41.15 -22.49
CA ASN A 286 18.85 40.46 -23.53
C ASN A 286 19.32 41.48 -24.57
N ALA A 287 18.60 42.60 -24.63
CA ALA A 287 19.01 43.74 -25.46
C ALA A 287 20.34 44.35 -25.00
N SER A 288 20.62 44.29 -23.70
CA SER A 288 21.78 44.97 -23.14
C SER A 288 22.86 44.01 -22.67
N LEU A 289 22.69 42.71 -22.89
CA LEU A 289 23.66 41.78 -22.35
C LEU A 289 24.55 41.19 -23.43
N PRO A 290 25.78 40.81 -23.05
CA PRO A 290 26.68 40.11 -23.97
C PRO A 290 26.08 38.78 -24.36
N ALA A 291 26.49 38.28 -25.50
CA ALA A 291 26.03 36.97 -25.95
C ALA A 291 26.36 35.87 -24.94
N SER A 292 27.44 36.06 -24.19
CA SER A 292 27.87 35.08 -23.21
C SER A 292 26.83 34.95 -22.10
N ARG A 293 26.02 36.00 -21.95
CA ARG A 293 24.95 36.02 -20.94
C ARG A 293 23.71 35.25 -21.36
N LEU A 294 23.49 35.14 -22.66
CA LEU A 294 22.19 34.72 -23.15
C LEU A 294 22.08 33.21 -23.34
N GLY A 295 20.86 32.68 -23.21
CA GLY A 295 20.64 31.27 -23.43
C GLY A 295 20.54 30.87 -24.89
N ARG A 296 20.22 29.59 -25.16
CA ARG A 296 20.24 29.09 -26.54
C ARG A 296 19.16 29.68 -27.42
N GLN A 297 18.16 30.36 -26.87
CA GLN A 297 17.22 31.09 -27.71
C GLN A 297 17.37 32.59 -27.57
N GLY A 298 18.55 33.02 -27.12
CA GLY A 298 18.85 34.44 -27.00
C GLY A 298 18.12 35.12 -25.86
N GLU A 299 17.82 34.35 -24.81
CA GLU A 299 17.07 34.87 -23.65
C GLU A 299 18.03 35.32 -22.55
N ALA A 300 17.68 36.41 -21.87
CA ALA A 300 18.41 36.84 -20.68
C ALA A 300 18.10 35.86 -19.56
N PRO A 301 19.08 35.58 -18.67
CA PRO A 301 18.78 34.78 -17.47
C PRO A 301 17.67 35.43 -16.65
N GLN A 302 16.74 34.64 -16.15
CA GLN A 302 15.59 35.21 -15.47
C GLN A 302 15.40 34.60 -14.09
N ALA A 303 14.33 35.03 -13.40
CA ALA A 303 14.08 34.71 -11.99
C ALA A 303 12.94 33.70 -11.73
N ASP A 304 13.17 32.79 -10.80
CA ASP A 304 12.10 31.97 -10.24
C ASP A 304 12.06 32.18 -8.74
N CYS A 305 11.45 31.27 -8.00
CA CYS A 305 11.38 31.43 -6.55
C CYS A 305 12.77 31.23 -5.92
N ARG A 306 13.51 30.28 -6.45
CA ARG A 306 14.81 30.01 -5.89
C ARG A 306 15.76 31.20 -5.96
N THR A 307 15.67 32.02 -7.00
CA THR A 307 16.62 33.12 -7.18
C THR A 307 16.81 33.93 -5.92
N CYS A 308 15.70 34.29 -5.26
CA CYS A 308 15.73 34.90 -3.93
C CYS A 308 15.82 33.93 -2.76
N HIS A 309 14.94 32.94 -2.73
CA HIS A 309 14.74 32.14 -1.52
C HIS A 309 15.91 31.20 -1.29
N GLN A 310 16.41 30.62 -2.37
CA GLN A 310 17.59 29.78 -2.31
C GLN A 310 17.46 28.76 -1.20
N GLY A 311 16.28 28.15 -1.13
CA GLY A 311 16.09 26.99 -0.28
C GLY A 311 15.55 27.30 1.08
N VAL A 312 15.10 28.53 1.30
CA VAL A 312 14.60 28.95 2.61
C VAL A 312 13.23 29.62 2.44
N THR A 313 12.29 29.35 3.35
CA THR A 313 10.96 29.92 3.24
C THR A 313 10.92 31.47 3.24
N LYS A 314 11.84 32.09 3.97
CA LYS A 314 12.12 33.51 3.77
C LYS A 314 13.56 33.64 3.32
N PRO A 315 13.81 34.45 2.29
CA PRO A 315 15.19 34.63 1.82
C PRO A 315 16.05 35.13 2.96
N LEU A 316 17.22 34.51 3.13
CA LEU A 316 18.18 34.95 4.12
C LEU A 316 17.58 34.95 5.52
N PHE A 317 16.61 34.05 5.72
CA PHE A 317 15.96 33.89 7.00
C PHE A 317 15.30 35.19 7.50
N GLY A 318 14.87 36.03 6.58
CA GLY A 318 14.10 37.20 6.95
C GLY A 318 14.94 38.43 7.22
N ALA A 319 16.25 38.31 7.09
CA ALA A 319 17.16 39.43 7.27
C ALA A 319 16.71 40.56 6.37
N SER A 320 16.92 41.80 6.77
CA SER A 320 16.43 42.96 6.03
C SER A 320 17.43 44.12 6.08
N ARG A 321 17.47 44.96 5.05
CA ARG A 321 18.29 46.18 5.09
C ARG A 321 17.46 47.33 4.62
N LEU A 322 16.15 47.22 4.78
CA LEU A 322 15.23 48.16 4.17
C LEU A 322 15.33 49.57 4.77
N LYS A 323 15.44 49.63 6.09
CA LYS A 323 15.57 50.88 6.82
C LYS A 323 16.95 51.50 6.59
N ASP A 324 17.92 50.63 6.38
CA ASP A 324 19.29 51.05 6.13
C ASP A 324 19.53 51.68 4.77
N TYR A 325 18.79 51.24 3.76
CA TYR A 325 18.94 51.76 2.41
C TYR A 325 17.57 52.08 1.77
N PRO A 326 16.93 53.18 2.18
CA PRO A 326 15.60 53.51 1.67
C PRO A 326 15.58 54.03 0.24
N GLU A 327 16.75 54.42 -0.26
CA GLU A 327 16.99 54.58 -1.69
C GLU A 327 16.31 53.48 -2.48
N LEU A 328 16.44 52.26 -1.96
CA LEU A 328 16.04 51.08 -2.70
C LEU A 328 14.55 50.84 -2.49
N GLY A 329 13.91 51.73 -1.74
CA GLY A 329 12.48 51.63 -1.57
C GLY A 329 12.15 51.26 -0.14
N PRO A 330 10.86 51.31 0.22
CA PRO A 330 9.78 51.73 -0.67
C PRO A 330 9.84 53.22 -0.97
N ILE A 331 9.55 53.53 -2.22
CA ILE A 331 9.55 54.89 -2.71
C ILE A 331 8.14 55.48 -2.59
N LYS A 332 7.94 56.45 -1.70
CA LYS A 332 6.59 56.96 -1.39
C LYS A 332 5.93 57.79 -2.51
N ALA B 1 -27.49 -24.56 19.35
CA ALA B 1 -26.39 -23.66 19.81
C ALA B 1 -25.03 -24.18 19.34
N LEU B 2 -24.93 -25.49 19.13
CA LEU B 2 -23.67 -26.10 18.80
C LEU B 2 -23.69 -26.60 17.39
N LEU B 3 -22.61 -26.38 16.65
CA LEU B 3 -22.46 -27.03 15.37
C LEU B 3 -22.62 -28.54 15.60
N SER B 4 -23.02 -29.26 14.56
CA SER B 4 -23.27 -30.69 14.68
C SER B 4 -22.07 -31.47 15.22
N PHE B 5 -20.87 -30.95 15.00
CA PHE B 5 -19.64 -31.64 15.37
C PHE B 5 -18.93 -31.02 16.56
N GLU B 6 -19.52 -30.00 17.14
CA GLU B 6 -18.80 -29.13 18.03
C GLU B 6 -18.55 -29.70 19.42
N ARG B 7 -19.53 -30.41 19.94
N ARG B 7 -19.55 -30.40 19.95
CA ARG B 7 -19.54 -30.79 21.35
CA ARG B 7 -19.57 -30.83 21.35
C ARG B 7 -18.30 -31.56 21.81
C ARG B 7 -18.28 -31.54 21.79
N LYS B 8 -17.79 -32.43 20.94
CA LYS B 8 -16.63 -33.22 21.31
C LYS B 8 -15.39 -32.36 21.56
N TYR B 9 -15.43 -31.10 21.10
CA TYR B 9 -14.27 -30.22 21.17
C TYR B 9 -14.36 -29.28 22.38
N ARG B 10 -15.52 -29.20 22.99
CA ARG B 10 -15.72 -28.23 24.05
C ARG B 10 -15.19 -28.69 25.41
N VAL B 11 -13.88 -28.93 25.51
CA VAL B 11 -13.28 -29.46 26.72
C VAL B 11 -12.65 -28.34 27.54
N ARG B 12 -12.30 -28.61 28.79
CA ARG B 12 -11.64 -27.62 29.62
C ARG B 12 -10.16 -27.65 29.33
N GLY B 13 -9.50 -26.51 29.54
CA GLY B 13 -8.06 -26.46 29.44
C GLY B 13 -7.59 -25.57 28.33
N GLY B 14 -6.31 -25.23 28.36
CA GLY B 14 -5.72 -24.49 27.26
C GLY B 14 -5.52 -23.02 27.59
N THR B 15 -6.04 -22.55 28.73
CA THR B 15 -5.90 -21.15 29.09
C THR B 15 -4.44 -20.77 29.31
N LEU B 16 -4.14 -19.49 29.06
CA LEU B 16 -2.84 -18.93 29.33
C LEU B 16 -2.80 -18.50 30.77
N ILE B 17 -3.83 -17.77 31.18
CA ILE B 17 -3.92 -17.22 32.52
C ILE B 17 -5.37 -17.41 32.91
N GLY B 18 -5.61 -17.75 34.17
CA GLY B 18 -6.97 -17.78 34.68
C GLY B 18 -7.49 -19.18 34.96
N GLY B 19 -7.11 -20.15 34.13
CA GLY B 19 -7.56 -21.51 34.32
C GLY B 19 -9.07 -21.64 34.19
N ASP B 20 -9.68 -22.31 35.16
CA ASP B 20 -11.10 -22.65 35.12
C ASP B 20 -12.03 -21.47 35.33
N LEU B 21 -11.50 -20.39 35.89
CA LEU B 21 -12.30 -19.25 36.27
C LEU B 21 -13.15 -18.68 35.12
N PHE B 22 -12.55 -18.44 33.96
CA PHE B 22 -13.32 -17.96 32.80
C PHE B 22 -13.26 -18.92 31.64
N ASP B 23 -12.83 -20.16 31.88
CA ASP B 23 -12.88 -21.18 30.85
C ASP B 23 -14.32 -21.59 30.52
N PHE B 24 -15.00 -20.80 29.70
CA PHE B 24 -16.34 -21.15 29.25
C PHE B 24 -16.80 -20.34 28.04
N TRP B 25 -17.97 -20.68 27.52
CA TRP B 25 -18.49 -20.06 26.33
C TRP B 25 -19.71 -19.28 26.72
N VAL B 26 -19.90 -18.17 26.03
CA VAL B 26 -21.18 -17.48 26.04
C VAL B 26 -21.65 -17.51 24.62
N GLY B 27 -22.59 -18.40 24.34
CA GLY B 27 -23.06 -18.57 22.99
C GLY B 27 -21.95 -19.24 22.19
N PRO B 28 -21.58 -18.68 21.04
CA PRO B 28 -20.48 -19.30 20.28
C PRO B 28 -19.13 -18.82 20.77
N TYR B 29 -19.10 -17.75 21.54
CA TYR B 29 -17.85 -17.13 21.91
C TYR B 29 -17.22 -17.87 23.05
N PHE B 30 -15.95 -18.22 22.91
CA PHE B 30 -15.16 -18.54 24.07
C PHE B 30 -14.90 -17.22 24.83
N VAL B 31 -14.94 -17.28 26.15
CA VAL B 31 -14.64 -16.11 26.98
C VAL B 31 -13.15 -16.14 27.39
N GLY B 32 -12.82 -16.83 28.48
CA GLY B 32 -11.46 -16.84 28.97
C GLY B 32 -11.07 -15.51 29.59
N PHE B 33 -9.97 -15.48 30.31
CA PHE B 33 -9.56 -14.25 30.95
C PHE B 33 -9.46 -13.10 29.94
N PHE B 34 -8.95 -13.40 28.75
CA PHE B 34 -8.68 -12.32 27.80
C PHE B 34 -9.93 -11.82 27.08
N GLY B 35 -10.98 -12.63 27.08
CA GLY B 35 -12.26 -12.17 26.56
C GLY B 35 -12.89 -11.17 27.50
N VAL B 36 -12.65 -11.37 28.79
CA VAL B 36 -13.11 -10.47 29.81
C VAL B 36 -12.39 -9.15 29.69
N SER B 37 -11.08 -9.19 29.47
CA SER B 37 -10.36 -7.93 29.30
C SER B 37 -10.63 -7.26 27.96
N ALA B 38 -10.79 -8.05 26.90
CA ALA B 38 -11.17 -7.50 25.60
C ALA B 38 -12.43 -6.68 25.78
N ILE B 39 -13.42 -7.29 26.42
CA ILE B 39 -14.70 -6.62 26.62
C ILE B 39 -14.58 -5.38 27.51
N PHE B 40 -13.83 -5.50 28.58
CA PHE B 40 -13.56 -4.36 29.43
C PHE B 40 -13.03 -3.16 28.62
N PHE B 41 -12.00 -3.41 27.80
CA PHE B 41 -11.36 -2.37 27.01
C PHE B 41 -12.26 -1.84 25.90
N ILE B 42 -13.03 -2.72 25.27
CA ILE B 42 -13.88 -2.29 24.17
C ILE B 42 -14.84 -1.30 24.75
N PHE B 43 -15.49 -1.74 25.81
CA PHE B 43 -16.51 -0.95 26.46
C PHE B 43 -15.96 0.39 26.93
N LEU B 44 -14.78 0.37 27.54
CA LEU B 44 -14.08 1.59 27.92
C LEU B 44 -13.85 2.46 26.69
N GLY B 45 -13.13 1.93 25.71
CA GLY B 45 -12.72 2.72 24.57
C GLY B 45 -13.93 3.29 23.87
N VAL B 46 -14.96 2.48 23.72
CA VAL B 46 -16.15 2.92 23.00
C VAL B 46 -16.93 3.96 23.81
N SER B 47 -16.88 3.87 25.13
CA SER B 47 -17.52 4.88 25.96
C SER B 47 -16.80 6.20 25.81
N LEU B 48 -15.47 6.17 25.73
CA LEU B 48 -14.67 7.38 25.56
C LEU B 48 -14.97 8.05 24.26
N ILE B 49 -15.23 7.25 23.23
CA ILE B 49 -15.53 7.74 21.89
C ILE B 49 -16.88 8.44 21.87
N GLY B 50 -17.87 7.84 22.52
CA GLY B 50 -19.17 8.46 22.64
C GLY B 50 -19.12 9.80 23.35
N TYR B 51 -18.48 9.85 24.51
CA TYR B 51 -18.37 11.12 25.21
C TYR B 51 -17.61 12.11 24.33
N ALA B 52 -16.39 11.76 23.95
CA ALA B 52 -15.58 12.69 23.16
C ALA B 52 -16.38 13.19 21.97
N ALA B 53 -17.17 12.31 21.37
CA ALA B 53 -17.95 12.67 20.19
C ALA B 53 -19.09 13.63 20.51
N SER B 54 -19.62 13.52 21.73
CA SER B 54 -20.75 14.36 22.13
C SER B 54 -20.26 15.76 22.41
N GLN B 55 -19.00 15.88 22.81
CA GLN B 55 -18.38 17.16 23.12
C GLN B 55 -18.07 17.99 21.90
N GLY B 56 -18.30 17.41 20.74
CA GLY B 56 -17.86 18.03 19.51
C GLY B 56 -19.05 18.40 18.63
N PRO B 57 -18.76 18.85 17.41
CA PRO B 57 -19.71 19.63 16.60
C PRO B 57 -20.56 18.81 15.66
N THR B 58 -20.69 17.51 15.90
CA THR B 58 -21.33 16.66 14.93
C THR B 58 -21.60 15.28 15.46
N TRP B 59 -22.70 14.72 14.97
CA TRP B 59 -23.00 13.33 15.19
C TRP B 59 -23.07 12.63 13.85
N ASP B 60 -22.62 13.30 12.80
CA ASP B 60 -22.49 12.64 11.51
C ASP B 60 -21.30 11.68 11.54
N PRO B 61 -21.54 10.41 11.19
CA PRO B 61 -20.55 9.31 11.21
C PRO B 61 -19.26 9.64 10.46
N PHE B 62 -19.38 10.16 9.25
CA PHE B 62 -18.22 10.45 8.42
C PHE B 62 -17.39 11.65 8.87
N ALA B 63 -18.03 12.58 9.58
CA ALA B 63 -17.40 13.83 9.97
C ALA B 63 -16.82 13.82 11.39
N ILE B 64 -17.27 12.87 12.22
CA ILE B 64 -16.80 12.79 13.61
C ILE B 64 -15.31 12.57 13.61
N SER B 65 -14.59 13.35 14.42
CA SER B 65 -13.15 13.18 14.51
C SER B 65 -12.68 13.45 15.91
N ILE B 66 -11.88 12.51 16.41
CA ILE B 66 -11.26 12.60 17.71
C ILE B 66 -9.75 12.63 17.48
N ASN B 67 -9.12 13.78 17.69
CA ASN B 67 -7.75 14.03 17.23
C ASN B 67 -6.72 14.08 18.36
N PRO B 68 -5.43 13.80 18.05
CA PRO B 68 -4.35 13.83 19.04
C PRO B 68 -4.05 15.24 19.46
N PRO B 69 -3.17 15.43 20.47
CA PRO B 69 -2.83 16.79 20.93
C PRO B 69 -2.02 17.60 19.91
N ASP B 70 -2.01 18.92 20.08
CA ASP B 70 -1.12 19.80 19.34
C ASP B 70 0.28 19.31 19.54
N LEU B 71 1.17 19.62 18.60
CA LEU B 71 2.56 19.19 18.72
C LEU B 71 3.22 19.60 20.03
N LYS B 72 2.90 20.81 20.50
CA LYS B 72 3.56 21.38 21.66
C LYS B 72 3.33 20.60 22.95
N TYR B 73 2.27 19.82 23.06
CA TYR B 73 2.10 19.02 24.27
C TYR B 73 3.13 17.92 24.34
N GLY B 74 3.91 17.76 23.27
CA GLY B 74 4.96 16.78 23.28
C GLY B 74 4.45 15.38 23.57
N LEU B 75 5.25 14.63 24.32
CA LEU B 75 4.92 13.27 24.71
C LEU B 75 4.21 13.26 26.05
N GLY B 76 3.68 14.41 26.42
CA GLY B 76 3.01 14.55 27.71
C GLY B 76 1.51 14.41 27.53
N ALA B 77 0.78 14.53 28.65
CA ALA B 77 -0.65 14.30 28.67
C ALA B 77 -1.30 15.61 28.37
N ALA B 78 -2.32 15.55 27.53
CA ALA B 78 -2.96 16.75 27.03
C ALA B 78 -4.32 16.83 27.65
N PRO B 79 -4.89 18.04 27.70
CA PRO B 79 -6.24 18.14 28.24
C PRO B 79 -7.22 17.26 27.46
N LEU B 80 -8.14 16.66 28.19
CA LEU B 80 -9.07 15.68 27.66
C LEU B 80 -9.60 16.04 26.26
N LEU B 81 -10.06 17.28 26.12
CA LEU B 81 -10.73 17.68 24.90
C LEU B 81 -9.77 18.10 23.79
N GLU B 82 -8.50 18.29 24.15
CA GLU B 82 -7.49 18.71 23.19
C GLU B 82 -6.51 17.59 23.00
N GLY B 83 -6.99 16.35 23.01
CA GLY B 83 -6.11 15.25 22.76
C GLY B 83 -6.13 14.22 23.87
N GLY B 84 -6.64 14.62 25.02
CA GLY B 84 -6.62 13.70 26.16
C GLY B 84 -7.46 12.50 25.88
N PHE B 85 -8.62 12.73 25.29
CA PHE B 85 -9.51 11.66 24.89
C PHE B 85 -8.82 10.72 23.92
N TRP B 86 -8.14 11.29 22.92
CA TRP B 86 -7.44 10.49 21.92
C TRP B 86 -6.40 9.61 22.59
N GLN B 87 -5.71 10.13 23.60
CA GLN B 87 -4.66 9.37 24.29
C GLN B 87 -5.27 8.18 25.04
N ALA B 88 -6.42 8.43 25.65
CA ALA B 88 -7.15 7.41 26.37
C ALA B 88 -7.64 6.31 25.44
N ILE B 89 -8.37 6.70 24.39
CA ILE B 89 -8.87 5.75 23.39
C ILE B 89 -7.74 4.92 22.78
N THR B 90 -6.55 5.48 22.66
CA THR B 90 -5.43 4.75 22.11
C THR B 90 -4.95 3.63 23.02
N VAL B 91 -5.01 3.88 24.31
CA VAL B 91 -4.67 2.88 25.29
C VAL B 91 -5.71 1.76 25.31
N CYS B 92 -6.98 2.12 25.20
CA CYS B 92 -8.02 1.11 25.17
C CYS B 92 -7.97 0.28 23.91
N ALA B 93 -7.69 0.91 22.77
CA ALA B 93 -7.60 0.19 21.52
C ALA B 93 -6.48 -0.85 21.64
N LEU B 94 -5.36 -0.43 22.20
CA LEU B 94 -4.22 -1.32 22.33
C LEU B 94 -4.54 -2.51 23.22
N GLY B 95 -5.27 -2.23 24.30
CA GLY B 95 -5.65 -3.28 25.24
C GLY B 95 -6.64 -4.24 24.64
N ALA B 96 -7.57 -3.74 23.84
CA ALA B 96 -8.52 -4.56 23.12
C ALA B 96 -7.83 -5.49 22.14
N PHE B 97 -6.93 -4.92 21.33
CA PHE B 97 -6.20 -5.69 20.31
C PHE B 97 -5.37 -6.82 20.92
N ILE B 98 -4.51 -6.49 21.86
CA ILE B 98 -3.66 -7.50 22.49
C ILE B 98 -4.46 -8.59 23.24
N SER B 99 -5.52 -8.20 23.95
CA SER B 99 -6.46 -9.16 24.50
C SER B 99 -7.02 -10.09 23.43
N TRP B 100 -7.54 -9.53 22.35
CA TRP B 100 -8.04 -10.32 21.23
C TRP B 100 -6.98 -11.32 20.74
N MET B 101 -5.74 -10.86 20.66
CA MET B 101 -4.64 -11.70 20.22
C MET B 101 -4.39 -12.87 21.18
N LEU B 102 -4.32 -12.55 22.48
CA LEU B 102 -4.07 -13.56 23.49
C LEU B 102 -5.24 -14.51 23.67
N ARG B 103 -6.47 -14.01 23.56
CA ARG B 103 -7.65 -14.89 23.56
C ARG B 103 -7.57 -15.91 22.44
N GLU B 104 -7.01 -15.53 21.30
CA GLU B 104 -6.86 -16.47 20.19
C GLU B 104 -5.85 -17.60 20.47
N VAL B 105 -4.84 -17.32 21.31
CA VAL B 105 -3.87 -18.34 21.65
C VAL B 105 -4.53 -19.40 22.51
N GLU B 106 -5.32 -18.96 23.47
CA GLU B 106 -6.09 -19.85 24.33
C GLU B 106 -7.02 -20.71 23.50
N ILE B 107 -7.69 -20.14 22.51
CA ILE B 107 -8.57 -20.93 21.64
C ILE B 107 -7.78 -21.96 20.85
N SER B 108 -6.65 -21.56 20.27
CA SER B 108 -5.77 -22.49 19.58
C SER B 108 -5.34 -23.64 20.47
N ARG B 109 -4.93 -23.32 21.71
CA ARG B 109 -4.46 -24.32 22.67
C ARG B 109 -5.55 -25.34 22.96
N LYS B 110 -6.76 -24.88 23.23
CA LYS B 110 -7.86 -25.79 23.55
C LYS B 110 -8.16 -26.73 22.36
N LEU B 111 -7.93 -26.24 21.16
CA LEU B 111 -8.27 -26.99 19.96
C LEU B 111 -7.12 -27.87 19.53
N GLY B 112 -5.94 -27.65 20.12
CA GLY B 112 -4.78 -28.45 19.79
C GLY B 112 -4.17 -28.11 18.44
N ILE B 113 -4.46 -26.91 17.95
CA ILE B 113 -3.91 -26.45 16.68
C ILE B 113 -2.82 -25.40 16.90
N GLY B 114 -2.05 -25.14 15.85
CA GLY B 114 -0.98 -24.18 15.96
C GLY B 114 -1.43 -22.77 16.23
N TRP B 115 -0.48 -21.93 16.62
CA TRP B 115 -0.78 -20.59 17.06
C TRP B 115 -0.58 -19.59 15.93
N HIS B 116 -0.60 -20.06 14.69
CA HIS B 116 -0.23 -19.19 13.58
C HIS B 116 -1.14 -17.98 13.43
N VAL B 117 -2.42 -18.14 13.78
CA VAL B 117 -3.36 -17.06 13.57
C VAL B 117 -3.13 -15.88 14.51
N PRO B 118 -3.05 -16.10 15.84
CA PRO B 118 -2.74 -14.95 16.70
C PRO B 118 -1.41 -14.31 16.34
N LEU B 119 -0.48 -15.15 15.91
CA LEU B 119 0.80 -14.69 15.41
C LEU B 119 0.64 -13.77 14.22
N ALA B 120 -0.13 -14.20 13.23
CA ALA B 120 -0.39 -13.37 12.07
C ALA B 120 -1.06 -12.06 12.51
N PHE B 121 -1.95 -12.12 13.49
CA PHE B 121 -2.64 -10.93 13.96
C PHE B 121 -1.71 -9.90 14.66
N CYS B 122 -0.52 -10.34 15.10
CA CYS B 122 0.47 -9.42 15.68
C CYS B 122 0.96 -8.40 14.68
N VAL B 123 0.99 -8.76 13.40
CA VAL B 123 1.49 -7.89 12.36
C VAL B 123 0.68 -6.60 12.23
N PRO B 124 -0.64 -6.68 12.17
CA PRO B 124 -1.37 -5.41 12.17
C PRO B 124 -1.31 -4.64 13.48
N ILE B 125 -1.21 -5.34 14.61
CA ILE B 125 -1.08 -4.66 15.89
C ILE B 125 0.23 -3.87 15.93
N PHE B 126 1.30 -4.51 15.50
CA PHE B 126 2.59 -3.89 15.27
C PHE B 126 2.50 -2.61 14.46
N MET B 127 1.92 -2.69 13.26
CA MET B 127 1.78 -1.51 12.40
C MET B 127 0.99 -0.40 13.10
N PHE B 128 -0.05 -0.76 13.84
CA PHE B 128 -0.79 0.23 14.58
C PHE B 128 0.16 0.94 15.53
N CYS B 129 1.07 0.18 16.14
CA CYS B 129 2.00 0.78 17.08
C CYS B 129 3.03 1.65 16.39
N VAL B 130 3.42 1.28 15.16
CA VAL B 130 4.41 2.06 14.41
C VAL B 130 3.82 3.44 14.14
N LEU B 131 2.58 3.47 13.70
CA LEU B 131 1.91 4.69 13.37
C LEU B 131 1.63 5.55 14.60
N GLN B 132 1.15 4.94 15.68
CA GLN B 132 0.59 5.67 16.81
C GLN B 132 1.55 5.82 17.98
N VAL B 133 2.53 4.95 18.08
CA VAL B 133 3.37 4.94 19.27
C VAL B 133 4.85 5.23 18.97
N PHE B 134 5.47 4.35 18.20
CA PHE B 134 6.88 4.46 17.89
C PHE B 134 7.20 5.72 17.12
N ARG B 135 6.55 5.92 15.98
CA ARG B 135 6.86 7.09 15.17
C ARG B 135 6.62 8.40 15.93
N PRO B 136 5.48 8.52 16.64
CA PRO B 136 5.34 9.69 17.52
C PRO B 136 6.45 9.81 18.55
N LEU B 137 6.85 8.70 19.15
CA LEU B 137 7.97 8.75 20.08
C LEU B 137 9.27 9.24 19.42
N LEU B 138 9.64 8.73 18.25
CA LEU B 138 10.85 9.17 17.57
C LEU B 138 10.82 10.66 17.23
N LEU B 139 9.63 11.18 16.96
CA LEU B 139 9.50 12.58 16.58
C LEU B 139 9.23 13.47 17.79
N GLY B 140 8.95 12.84 18.92
CA GLY B 140 8.88 13.59 20.16
C GLY B 140 7.52 14.15 20.50
N SER B 141 6.48 13.77 19.78
CA SER B 141 5.17 14.30 20.11
C SER B 141 4.01 13.38 19.69
N TRP B 142 3.07 13.16 20.60
CA TRP B 142 1.86 12.39 20.31
C TRP B 142 1.06 13.01 19.16
N GLY B 143 1.32 14.29 18.87
CA GLY B 143 0.57 15.00 17.86
C GLY B 143 0.82 14.52 16.44
N HIS B 144 1.79 13.62 16.24
CA HIS B 144 2.11 13.09 14.91
C HIS B 144 1.27 11.85 14.56
N ALA B 145 0.52 11.33 15.53
CA ALA B 145 -0.32 10.15 15.31
C ALA B 145 -1.60 10.53 14.54
N PHE B 146 -2.37 9.54 14.11
CA PHE B 146 -3.54 9.82 13.28
C PHE B 146 -4.81 9.95 14.10
N PRO B 147 -5.77 10.78 13.63
CA PRO B 147 -7.02 11.01 14.32
C PRO B 147 -7.96 9.82 14.15
N TYR B 148 -8.89 9.68 15.08
CA TYR B 148 -9.87 8.61 15.01
C TYR B 148 -11.13 9.22 14.44
N GLY B 149 -11.21 9.18 13.11
CA GLY B 149 -12.41 9.56 12.42
C GLY B 149 -12.39 8.83 11.10
N ILE B 150 -13.55 8.38 10.66
CA ILE B 150 -13.72 7.62 9.42
C ILE B 150 -13.07 8.28 8.22
N LEU B 151 -13.32 9.59 8.04
CA LEU B 151 -12.77 10.34 6.90
C LEU B 151 -11.55 11.16 7.28
N SER B 152 -11.54 11.69 8.50
CA SER B 152 -10.43 12.50 8.97
C SER B 152 -9.11 11.72 8.99
N HIS B 153 -9.17 10.43 9.27
CA HIS B 153 -7.95 9.63 9.23
C HIS B 153 -7.40 9.54 7.82
N LEU B 154 -8.24 9.73 6.80
CA LEU B 154 -7.75 9.80 5.43
C LEU B 154 -7.09 11.15 5.12
N ASP B 155 -7.55 12.24 5.75
CA ASP B 155 -6.91 13.55 5.63
C ASP B 155 -5.48 13.60 6.22
N TRP B 156 -5.28 12.87 7.31
CA TRP B 156 -3.97 12.66 7.92
C TRP B 156 -3.05 11.87 7.00
N VAL B 157 -3.50 10.70 6.52
CA VAL B 157 -2.73 9.93 5.54
C VAL B 157 -2.30 10.80 4.33
N ASN B 158 -3.26 11.47 3.73
CA ASN B 158 -3.01 12.44 2.68
C ASN B 158 -1.91 13.47 3.00
N ASN B 159 -2.09 14.24 4.06
CA ASN B 159 -1.11 15.27 4.38
C ASN B 159 0.25 14.69 4.76
N PHE B 160 0.23 13.56 5.43
CA PHE B 160 1.47 12.93 5.83
C PHE B 160 2.24 12.58 4.56
N GLY B 161 1.54 12.10 3.55
CA GLY B 161 2.25 11.71 2.35
C GLY B 161 2.84 12.92 1.65
N TYR B 162 2.07 14.00 1.59
CA TYR B 162 2.49 15.19 0.83
C TYR B 162 3.52 16.05 1.56
N GLN B 163 3.74 15.76 2.83
CA GLN B 163 4.86 16.31 3.57
C GLN B 163 6.20 15.90 2.95
N TYR B 164 6.21 14.72 2.32
CA TYR B 164 7.41 14.23 1.68
C TYR B 164 7.24 14.30 0.17
N LEU B 165 6.41 15.25 -0.26
CA LEU B 165 6.31 15.71 -1.66
C LEU B 165 5.65 14.71 -2.58
N ASN B 166 6.27 13.56 -2.79
CA ASN B 166 5.56 12.45 -3.42
C ASN B 166 5.84 11.13 -2.69
N TRP B 167 4.89 10.71 -1.84
CA TRP B 167 5.06 9.53 -1.02
C TRP B 167 5.23 8.27 -1.84
N HIS B 168 4.87 8.33 -3.12
CA HIS B 168 4.90 7.14 -3.96
C HIS B 168 6.33 6.67 -4.22
N TYR B 169 7.30 7.60 -4.10
CA TYR B 169 8.69 7.27 -4.37
C TYR B 169 9.39 6.76 -3.12
N ASN B 170 8.67 6.69 -2.02
CA ASN B 170 9.20 6.16 -0.78
C ASN B 170 9.43 4.66 -0.99
N PRO B 171 10.70 4.21 -0.96
CA PRO B 171 11.00 2.82 -1.30
C PRO B 171 10.32 1.79 -0.40
N GLY B 172 10.09 2.13 0.86
CA GLY B 172 9.30 1.27 1.74
C GLY B 172 7.83 1.15 1.33
N HIS B 173 7.26 2.26 0.86
CA HIS B 173 5.92 2.24 0.33
C HIS B 173 5.84 1.42 -0.96
N MET B 174 6.79 1.62 -1.85
CA MET B 174 6.84 0.83 -3.07
C MET B 174 6.79 -0.68 -2.77
N SER B 175 7.57 -1.11 -1.80
CA SER B 175 7.56 -2.51 -1.41
C SER B 175 6.20 -2.88 -0.84
N SER B 176 5.71 -2.03 0.06
CA SER B 176 4.43 -2.23 0.71
C SER B 176 3.31 -2.42 -0.31
N VAL B 177 3.16 -1.47 -1.23
CA VAL B 177 2.14 -1.51 -2.27
C VAL B 177 2.23 -2.80 -3.09
N SER B 178 3.45 -3.21 -3.39
CA SER B 178 3.65 -4.35 -4.24
C SER B 178 3.12 -5.59 -3.57
N PHE B 179 3.37 -5.72 -2.28
CA PHE B 179 2.81 -6.85 -1.56
C PHE B 179 1.29 -6.78 -1.42
N LEU B 180 0.72 -5.58 -1.29
CA LEU B 180 -0.73 -5.43 -1.26
C LEU B 180 -1.38 -5.97 -2.55
N PHE B 181 -0.84 -5.55 -3.70
CA PHE B 181 -1.29 -5.99 -5.02
C PHE B 181 -1.05 -7.48 -5.31
N VAL B 182 0.16 -8.00 -5.05
CA VAL B 182 0.40 -9.43 -5.26
C VAL B 182 -0.54 -10.24 -4.40
N ASN B 183 -0.66 -9.86 -3.14
CA ASN B 183 -1.47 -10.64 -2.23
C ASN B 183 -2.94 -10.69 -2.62
N ALA B 184 -3.47 -9.59 -3.15
CA ALA B 184 -4.84 -9.58 -3.65
C ALA B 184 -5.00 -10.48 -4.87
N MET B 185 -4.04 -10.43 -5.79
CA MET B 185 -4.07 -11.31 -6.95
C MET B 185 -4.04 -12.77 -6.53
N ALA B 186 -3.09 -13.10 -5.67
CA ALA B 186 -2.90 -14.45 -5.19
C ALA B 186 -4.11 -15.01 -4.46
N LEU B 187 -4.79 -14.20 -3.65
CA LEU B 187 -6.01 -14.65 -3.00
C LEU B 187 -7.06 -14.94 -4.07
N GLY B 188 -7.15 -14.12 -5.11
CA GLY B 188 -8.02 -14.44 -6.22
C GLY B 188 -7.63 -15.77 -6.85
N LEU B 189 -6.36 -15.93 -7.16
CA LEU B 189 -5.90 -17.14 -7.81
C LEU B 189 -6.21 -18.36 -6.94
N HIS B 190 -5.85 -18.30 -5.64
CA HIS B 190 -5.99 -19.46 -4.74
C HIS B 190 -7.47 -19.80 -4.52
N GLY B 191 -8.27 -18.79 -4.21
CA GLY B 191 -9.71 -18.99 -4.14
C GLY B 191 -10.24 -19.59 -5.44
N GLY B 192 -9.88 -19.01 -6.58
CA GLY B 192 -10.45 -19.45 -7.85
C GLY B 192 -10.10 -20.88 -8.19
N LEU B 193 -8.89 -21.28 -7.87
CA LEU B 193 -8.42 -22.60 -8.23
C LEU B 193 -9.18 -23.61 -7.42
N ILE B 194 -9.21 -23.43 -6.11
CA ILE B 194 -9.84 -24.39 -5.22
C ILE B 194 -11.32 -24.54 -5.58
N LEU B 195 -11.94 -23.43 -6.00
CA LEU B 195 -13.32 -23.51 -6.46
C LEU B 195 -13.44 -24.19 -7.82
N SER B 196 -12.52 -23.91 -8.74
CA SER B 196 -12.58 -24.49 -10.09
C SER B 196 -12.48 -26.01 -10.05
N VAL B 197 -11.74 -26.52 -9.06
CA VAL B 197 -11.52 -27.94 -8.92
C VAL B 197 -12.72 -28.59 -8.22
N ALA B 198 -13.23 -27.95 -7.18
CA ALA B 198 -14.34 -28.54 -6.46
C ALA B 198 -15.67 -28.34 -7.20
N ASN B 199 -15.69 -27.40 -8.14
CA ASN B 199 -16.92 -27.05 -8.84
C ASN B 199 -16.67 -26.98 -10.33
N PRO B 200 -16.50 -28.14 -10.98
CA PRO B 200 -16.10 -28.16 -12.40
C PRO B 200 -17.19 -27.69 -13.37
N GLY B 201 -18.43 -27.66 -12.91
CA GLY B 201 -19.52 -27.30 -13.80
C GLY B 201 -20.26 -28.52 -14.28
N ASP B 202 -21.38 -28.30 -14.99
CA ASP B 202 -22.30 -29.38 -15.43
C ASP B 202 -22.42 -30.40 -14.32
N GLY B 203 -22.21 -31.66 -14.66
CA GLY B 203 -22.21 -32.71 -13.68
C GLY B 203 -20.87 -33.40 -13.72
N ASP B 204 -19.81 -32.66 -14.04
CA ASP B 204 -18.47 -33.25 -14.08
C ASP B 204 -17.97 -33.56 -12.69
N LYS B 205 -16.98 -34.43 -12.63
CA LYS B 205 -16.41 -34.83 -11.36
C LYS B 205 -15.61 -33.70 -10.75
N VAL B 206 -15.69 -33.61 -9.43
CA VAL B 206 -14.67 -32.94 -8.66
C VAL B 206 -13.31 -33.48 -9.12
N LYS B 207 -12.31 -32.61 -9.28
CA LYS B 207 -10.97 -33.06 -9.65
C LYS B 207 -10.06 -33.35 -8.47
N THR B 208 -8.74 -33.27 -8.73
CA THR B 208 -7.76 -33.72 -7.76
C THR B 208 -6.61 -32.75 -7.45
N ALA B 209 -5.74 -33.16 -6.53
CA ALA B 209 -4.55 -32.38 -6.20
C ALA B 209 -3.66 -32.28 -7.43
N GLU B 210 -3.67 -33.33 -8.25
CA GLU B 210 -2.81 -33.39 -9.44
C GLU B 210 -3.24 -32.38 -10.48
N HIS B 211 -4.54 -32.16 -10.58
CA HIS B 211 -5.08 -31.14 -11.47
C HIS B 211 -4.66 -29.74 -11.09
N GLU B 212 -4.75 -29.42 -9.79
CA GLU B 212 -4.42 -28.08 -9.28
C GLU B 212 -3.04 -27.70 -9.78
N ASN B 213 -2.11 -28.62 -9.58
CA ASN B 213 -0.72 -28.45 -9.96
C ASN B 213 -0.52 -28.39 -11.47
N GLN B 214 -1.27 -29.21 -12.20
CA GLN B 214 -1.20 -29.21 -13.67
C GLN B 214 -1.65 -27.88 -14.21
N TYR B 215 -2.71 -27.32 -13.65
CA TYR B 215 -3.23 -26.05 -14.13
C TYR B 215 -2.14 -24.97 -14.13
N PHE B 216 -1.48 -24.77 -12.99
CA PHE B 216 -0.50 -23.70 -12.92
C PHE B 216 0.84 -23.98 -13.60
N ARG B 217 1.20 -25.26 -13.70
CA ARG B 217 2.35 -25.65 -14.52
C ARG B 217 2.04 -25.31 -15.96
N ASP B 218 0.80 -25.50 -16.35
CA ASP B 218 0.43 -25.20 -17.72
C ASP B 218 0.40 -23.72 -17.96
N VAL B 219 -0.26 -22.97 -17.07
CA VAL B 219 -0.43 -21.55 -17.32
C VAL B 219 0.88 -20.77 -17.17
N VAL B 220 1.67 -21.08 -16.14
CA VAL B 220 2.85 -20.27 -15.82
C VAL B 220 4.16 -21.07 -15.64
N GLY B 221 4.12 -22.37 -15.80
CA GLY B 221 5.35 -23.13 -15.74
C GLY B 221 5.78 -23.53 -14.34
N TYR B 222 4.97 -23.20 -13.34
CA TYR B 222 5.27 -23.58 -11.96
C TYR B 222 4.01 -23.68 -11.08
N SER B 223 3.96 -24.65 -10.17
CA SER B 223 2.96 -24.61 -9.11
C SER B 223 3.60 -24.83 -7.73
N ILE B 224 3.34 -23.89 -6.82
CA ILE B 224 3.97 -23.92 -5.51
C ILE B 224 3.39 -25.06 -4.65
N GLY B 225 2.14 -25.45 -4.93
CA GLY B 225 1.54 -26.54 -4.20
C GLY B 225 0.59 -26.14 -3.08
N ALA B 226 -0.10 -27.13 -2.52
CA ALA B 226 -1.24 -26.86 -1.68
C ALA B 226 -0.86 -26.28 -0.33
N LEU B 227 0.03 -26.91 0.42
CA LEU B 227 0.46 -26.32 1.70
C LEU B 227 1.17 -25.00 1.46
N SER B 228 2.01 -24.97 0.43
CA SER B 228 2.89 -23.85 0.24
C SER B 228 2.20 -22.57 -0.16
N ILE B 229 1.07 -22.66 -0.87
CA ILE B 229 0.34 -21.46 -1.23
C ILE B 229 -0.25 -20.75 0.01
N HIS B 230 -0.51 -21.51 1.05
CA HIS B 230 -1.02 -20.92 2.29
C HIS B 230 0.11 -20.25 3.09
N ARG B 231 1.31 -20.84 3.03
CA ARG B 231 2.50 -20.27 3.62
C ARG B 231 2.92 -19.03 2.83
N LEU B 232 2.89 -19.11 1.52
CA LEU B 232 3.16 -17.93 0.71
C LEU B 232 2.18 -16.79 1.02
N GLY B 233 0.92 -17.13 1.25
CA GLY B 233 -0.11 -16.12 1.35
C GLY B 233 -0.02 -15.39 2.65
N LEU B 234 0.33 -16.11 3.70
CA LEU B 234 0.58 -15.54 5.01
C LEU B 234 1.82 -14.63 4.97
N PHE B 235 2.75 -14.98 4.10
CA PHE B 235 3.94 -14.19 3.89
C PHE B 235 3.69 -12.93 3.10
N LEU B 236 3.02 -13.01 1.97
CA LEU B 236 2.80 -11.82 1.14
C LEU B 236 1.96 -10.80 1.92
N ALA B 237 0.95 -11.27 2.64
CA ALA B 237 0.07 -10.39 3.38
C ALA B 237 0.84 -9.70 4.49
N SER B 238 1.63 -10.49 5.22
CA SER B 238 2.35 -9.97 6.37
C SER B 238 3.35 -8.90 5.96
N ASN B 239 3.96 -9.06 4.80
CA ASN B 239 4.98 -8.13 4.37
C ASN B 239 4.39 -6.83 3.90
N ILE B 240 3.08 -6.79 3.67
CA ILE B 240 2.44 -5.53 3.39
C ILE B 240 2.78 -4.52 4.50
N PHE B 241 2.78 -4.98 5.75
CA PHE B 241 3.08 -4.10 6.88
C PHE B 241 4.52 -4.18 7.33
N LEU B 242 5.10 -5.37 7.30
CA LEU B 242 6.45 -5.50 7.80
C LEU B 242 7.44 -4.70 6.95
N THR B 243 7.23 -4.62 5.64
CA THR B 243 8.05 -3.70 4.84
C THR B 243 7.57 -2.25 4.93
N GLY B 244 6.25 -2.06 4.93
CA GLY B 244 5.68 -0.73 5.02
C GLY B 244 6.12 0.05 6.25
N ALA B 245 6.24 -0.65 7.36
CA ALA B 245 6.68 -0.05 8.62
C ALA B 245 8.01 0.72 8.49
N PHE B 246 8.92 0.20 7.67
CA PHE B 246 10.19 0.86 7.44
C PHE B 246 10.00 2.17 6.69
N GLY B 247 9.16 2.16 5.67
CA GLY B 247 8.86 3.40 4.96
C GLY B 247 8.21 4.44 5.85
N THR B 248 7.44 3.99 6.82
CA THR B 248 6.72 4.90 7.72
C THR B 248 7.66 5.44 8.76
N ILE B 249 8.44 4.56 9.39
CA ILE B 249 9.41 4.99 10.39
C ILE B 249 10.50 5.89 9.83
N ALA B 250 10.89 5.68 8.58
CA ALA B 250 11.97 6.47 8.01
C ALA B 250 11.57 7.91 7.77
N SER B 251 10.27 8.15 7.57
CA SER B 251 9.78 9.47 7.20
C SER B 251 9.69 10.41 8.39
N GLY B 252 10.62 11.34 8.47
CA GLY B 252 10.72 12.19 9.64
C GLY B 252 11.98 11.86 10.44
N PRO B 253 11.98 10.74 11.16
CA PRO B 253 13.15 10.47 12.01
C PRO B 253 14.43 10.21 11.23
N PHE B 254 14.32 9.66 10.00
CA PHE B 254 15.49 9.37 9.18
C PHE B 254 15.53 10.00 7.79
N TRP B 255 14.50 10.74 7.40
CA TRP B 255 14.50 11.38 6.09
C TRP B 255 13.51 12.51 6.10
N THR B 256 13.98 13.72 5.81
CA THR B 256 13.17 14.92 5.97
C THR B 256 12.92 15.63 4.63
N ARG B 257 13.49 15.06 3.57
N ARG B 257 13.48 15.05 3.57
CA ARG B 257 13.34 15.65 2.24
CA ARG B 257 13.34 15.63 2.24
C ARG B 257 12.23 14.90 1.52
C ARG B 257 12.16 14.97 1.56
N GLY B 258 11.85 15.40 0.34
CA GLY B 258 10.88 14.68 -0.47
C GLY B 258 11.41 13.29 -0.80
N TRP B 259 10.52 12.33 -0.99
CA TRP B 259 10.97 10.98 -1.32
C TRP B 259 11.57 10.81 -2.72
N PRO B 260 11.07 11.54 -3.75
CA PRO B 260 11.74 11.45 -5.06
C PRO B 260 13.25 11.64 -4.94
N GLU B 261 13.64 12.67 -4.20
CA GLU B 261 15.04 13.03 -4.04
C GLU B 261 15.89 11.95 -3.40
N TRP B 262 15.27 11.04 -2.68
CA TRP B 262 16.01 9.97 -2.03
C TRP B 262 16.68 9.13 -3.11
N TRP B 263 16.05 9.04 -4.27
CA TRP B 263 16.54 8.23 -5.38
C TRP B 263 17.76 8.81 -6.06
N GLY B 264 18.16 9.97 -5.58
CA GLY B 264 19.45 10.55 -5.93
C GLY B 264 20.64 9.64 -5.65
N TRP B 265 20.57 8.79 -4.63
CA TRP B 265 21.66 7.86 -4.37
C TRP B 265 21.93 7.02 -5.63
N TRP B 266 20.92 6.87 -6.48
CA TRP B 266 21.09 6.19 -7.75
C TRP B 266 21.48 7.19 -8.83
N LEU B 267 20.61 8.16 -9.03
CA LEU B 267 20.73 9.06 -10.15
C LEU B 267 22.08 9.76 -10.15
N ASP B 268 22.60 10.03 -8.97
CA ASP B 268 23.77 10.91 -8.84
C ASP B 268 25.06 10.13 -8.57
N ILE B 269 25.06 8.83 -8.85
CA ILE B 269 26.33 8.10 -8.90
C ILE B 269 27.17 8.84 -9.92
N PRO B 270 28.31 9.37 -9.49
CA PRO B 270 28.99 10.42 -10.27
C PRO B 270 29.56 9.87 -11.57
N PHE B 271 29.73 8.55 -11.64
CA PHE B 271 30.26 7.91 -12.84
C PHE B 271 29.33 7.98 -14.06
N TRP B 272 28.05 8.31 -13.86
CA TRP B 272 27.17 8.52 -15.00
C TRP B 272 26.43 9.84 -14.94
N SER B 273 26.88 10.72 -14.06
CA SER B 273 26.32 12.07 -13.95
C SER B 273 26.94 13.05 -14.95
N ALA C 1 6.82 -26.93 18.09
CA ALA C 1 6.34 -26.24 16.85
C ALA C 1 6.15 -27.29 15.79
N ASP C 2 5.33 -26.96 14.80
CA ASP C 2 5.26 -27.76 13.60
C ASP C 2 6.22 -27.12 12.61
N TYR C 3 7.36 -27.75 12.39
CA TYR C 3 8.37 -27.22 11.49
C TYR C 3 7.98 -27.31 10.03
N GLN C 4 7.04 -28.19 9.73
CA GLN C 4 6.58 -28.37 8.36
C GLN C 4 5.90 -27.11 7.83
N THR C 5 5.31 -26.34 8.74
CA THR C 5 4.66 -25.11 8.36
C THR C 5 5.66 -24.03 8.01
N ILE C 6 6.87 -24.12 8.58
CA ILE C 6 7.99 -23.26 8.16
C ILE C 6 8.65 -23.73 6.86
N TYR C 7 9.07 -25.00 6.81
CA TYR C 7 9.67 -25.53 5.59
C TYR C 7 9.58 -27.04 5.59
N THR C 8 9.79 -27.61 4.43
CA THR C 8 9.77 -29.04 4.26
C THR C 8 11.06 -29.72 4.78
N GLN C 9 10.96 -30.37 5.92
CA GLN C 9 12.11 -31.03 6.53
C GLN C 9 12.77 -32.15 5.69
N ILE C 10 11.98 -33.09 5.16
CA ILE C 10 12.51 -34.13 4.28
C ILE C 10 11.77 -34.03 2.97
N GLN C 11 12.49 -33.79 1.89
CA GLN C 11 11.90 -33.60 0.58
C GLN C 11 11.74 -34.94 -0.12
N ALA C 12 10.65 -35.11 -0.85
CA ALA C 12 10.37 -36.33 -1.60
C ALA C 12 10.64 -36.05 -3.05
N ARG C 13 11.31 -37.02 -3.68
CA ARG C 13 11.53 -37.01 -5.11
C ARG C 13 10.86 -38.25 -5.67
N GLY C 14 10.16 -38.08 -6.78
CA GLY C 14 9.46 -39.19 -7.39
C GLY C 14 9.25 -38.78 -8.82
N PRO C 15 8.82 -39.70 -9.68
CA PRO C 15 8.67 -39.40 -11.10
C PRO C 15 7.56 -38.37 -11.32
N HIS C 16 7.75 -37.46 -12.27
CA HIS C 16 6.83 -36.35 -12.36
C HIS C 16 5.46 -36.74 -12.93
N ILE C 17 4.44 -35.96 -12.61
CA ILE C 17 3.04 -36.26 -12.94
C ILE C 17 2.56 -35.37 -14.09
N THR C 18 1.80 -35.96 -15.00
CA THR C 18 1.17 -35.21 -16.08
C THR C 18 -0.32 -35.50 -16.09
N VAL C 19 -1.15 -34.48 -15.93
CA VAL C 19 -2.58 -34.66 -16.02
C VAL C 19 -3.02 -34.24 -17.40
N SER C 20 -3.61 -35.19 -18.10
CA SER C 20 -3.95 -35.04 -19.48
C SER C 20 -5.14 -34.12 -19.64
N GLY C 21 -4.99 -33.15 -20.54
CA GLY C 21 -6.09 -32.26 -20.85
C GLY C 21 -6.80 -32.71 -22.10
N GLU C 22 -7.95 -32.10 -22.36
CA GLU C 22 -8.75 -32.37 -23.56
C GLU C 22 -8.03 -32.02 -24.83
N TRP C 23 -7.00 -31.19 -24.74
CA TRP C 23 -6.21 -30.85 -25.91
C TRP C 23 -4.87 -30.24 -25.54
N GLY C 24 -3.99 -30.17 -26.53
CA GLY C 24 -2.78 -29.39 -26.40
C GLY C 24 -1.74 -30.10 -25.58
N ASP C 25 -1.97 -31.36 -25.26
CA ASP C 25 -1.00 -32.09 -24.45
C ASP C 25 0.37 -32.22 -25.12
N ASN C 26 0.39 -32.09 -26.44
CA ASN C 26 1.62 -32.13 -27.21
C ASN C 26 2.40 -30.83 -27.12
N ASP C 27 1.74 -29.79 -26.61
CA ASP C 27 2.34 -28.47 -26.50
C ASP C 27 3.06 -28.23 -25.19
N ARG C 28 3.05 -29.21 -24.30
CA ARG C 28 3.76 -29.04 -23.05
C ARG C 28 5.24 -29.21 -23.32
N VAL C 29 5.93 -28.09 -23.49
CA VAL C 29 7.32 -28.09 -23.89
C VAL C 29 8.21 -27.96 -22.67
N GLY C 30 9.26 -28.76 -22.63
CA GLY C 30 10.26 -28.60 -21.60
C GLY C 30 10.49 -29.86 -20.77
N LYS C 31 11.60 -29.87 -20.06
CA LYS C 31 11.89 -30.93 -19.11
C LYS C 31 11.70 -30.33 -17.74
N PRO C 32 10.91 -30.99 -16.89
CA PRO C 32 10.95 -30.62 -15.48
C PRO C 32 12.38 -30.71 -14.97
N PHE C 33 12.76 -29.78 -14.10
CA PHE C 33 13.85 -30.04 -13.21
C PHE C 33 13.51 -29.54 -11.82
N TYR C 34 14.42 -29.79 -10.90
CA TYR C 34 14.05 -29.72 -9.51
C TYR C 34 15.04 -28.84 -8.80
N SER C 35 14.52 -27.80 -8.15
CA SER C 35 15.34 -26.98 -7.30
C SER C 35 15.23 -27.52 -5.89
N TYR C 36 16.36 -27.75 -5.26
CA TYR C 36 16.37 -28.29 -3.92
C TYR C 36 16.00 -27.23 -2.92
N TRP C 37 16.43 -26.00 -3.19
CA TRP C 37 16.21 -24.93 -2.24
C TRP C 37 14.80 -24.41 -2.34
N LEU C 38 14.30 -24.33 -3.56
CA LEU C 38 12.91 -24.04 -3.80
C LEU C 38 12.03 -25.10 -3.12
N GLY C 39 12.48 -26.34 -3.16
CA GLY C 39 11.72 -27.43 -2.58
C GLY C 39 11.52 -27.30 -1.09
N LYS C 40 12.34 -26.48 -0.43
CA LYS C 40 12.21 -26.29 1.00
C LYS C 40 10.91 -25.55 1.39
N ILE C 41 10.38 -24.72 0.48
CA ILE C 41 9.23 -23.87 0.77
C ILE C 41 8.16 -23.94 -0.31
N GLY C 42 8.26 -24.94 -1.19
CA GLY C 42 7.36 -25.04 -2.32
C GLY C 42 7.59 -26.36 -3.02
N ASP C 43 6.90 -26.58 -4.13
CA ASP C 43 7.17 -27.75 -4.94
C ASP C 43 8.48 -27.50 -5.68
N ALA C 44 9.34 -28.51 -5.72
CA ALA C 44 10.68 -28.38 -6.33
C ALA C 44 10.72 -28.48 -7.86
N GLN C 45 9.68 -29.02 -8.49
CA GLN C 45 9.70 -29.22 -9.93
C GLN C 45 9.42 -27.87 -10.56
N ILE C 46 10.36 -27.40 -11.34
CA ILE C 46 10.09 -26.30 -12.24
C ILE C 46 9.89 -26.85 -13.64
N GLY C 47 8.87 -26.35 -14.32
CA GLY C 47 8.55 -26.84 -15.66
C GLY C 47 7.80 -28.16 -15.60
N PRO C 48 7.30 -28.66 -16.74
CA PRO C 48 7.30 -28.07 -18.09
C PRO C 48 6.30 -26.92 -18.21
N ILE C 49 6.24 -26.31 -19.38
CA ILE C 49 5.22 -25.31 -19.61
C ILE C 49 4.50 -25.53 -20.93
N TYR C 50 3.20 -25.29 -20.90
CA TYR C 50 2.35 -25.41 -22.07
C TYR C 50 2.53 -24.19 -22.97
N LEU C 51 2.65 -24.42 -24.27
CA LEU C 51 2.71 -23.31 -25.19
C LEU C 51 1.31 -22.95 -25.63
N GLY C 52 0.98 -23.27 -26.87
CA GLY C 52 -0.38 -23.10 -27.33
C GLY C 52 -0.50 -21.82 -28.12
N ALA C 53 -1.61 -21.68 -28.83
CA ALA C 53 -1.82 -20.55 -29.74
C ALA C 53 -2.03 -19.25 -28.99
N SER C 54 -2.94 -19.25 -28.01
CA SER C 54 -3.28 -18.02 -27.30
C SER C 54 -2.08 -17.50 -26.49
N GLY C 55 -1.37 -18.42 -25.83
CA GLY C 55 -0.13 -18.07 -25.16
C GLY C 55 0.94 -17.45 -26.06
N ILE C 56 1.21 -18.11 -27.18
CA ILE C 56 2.13 -17.55 -28.16
C ILE C 56 1.65 -16.22 -28.70
N ALA C 57 0.38 -16.14 -29.07
CA ALA C 57 -0.26 -14.87 -29.44
C ALA C 57 0.02 -13.78 -28.39
N ALA C 58 -0.20 -14.12 -27.12
CA ALA C 58 0.03 -13.20 -26.01
C ALA C 58 1.47 -12.69 -25.98
N PHE C 59 2.45 -13.58 -26.16
CA PHE C 59 3.86 -13.19 -26.15
C PHE C 59 4.24 -12.32 -27.33
N ALA C 60 3.55 -12.50 -28.44
CA ALA C 60 3.82 -11.74 -29.64
C ALA C 60 3.38 -10.30 -29.46
N PHE C 61 2.09 -10.10 -29.20
CA PHE C 61 1.57 -8.78 -28.90
C PHE C 61 2.32 -8.08 -27.76
N GLY C 62 2.56 -8.82 -26.68
CA GLY C 62 3.15 -8.24 -25.49
C GLY C 62 4.53 -7.70 -25.76
N SER C 63 5.31 -8.44 -26.53
CA SER C 63 6.66 -8.04 -26.87
C SER C 63 6.68 -6.87 -27.83
N THR C 64 5.70 -6.79 -28.71
CA THR C 64 5.57 -5.64 -29.59
C THR C 64 5.29 -4.40 -28.78
N ALA C 65 4.44 -4.53 -27.77
CA ALA C 65 4.12 -3.43 -26.90
C ALA C 65 5.41 -2.98 -26.26
N ILE C 66 6.18 -3.94 -25.77
CA ILE C 66 7.40 -3.62 -25.06
C ILE C 66 8.42 -2.94 -25.96
N LEU C 67 8.50 -3.35 -27.22
CA LEU C 67 9.43 -2.72 -28.14
C LEU C 67 9.13 -1.26 -28.39
N ILE C 68 7.86 -0.92 -28.58
CA ILE C 68 7.45 0.47 -28.76
C ILE C 68 7.79 1.32 -27.51
N ILE C 69 7.54 0.78 -26.32
CA ILE C 69 7.83 1.51 -25.08
C ILE C 69 9.33 1.75 -24.96
N LEU C 70 10.12 0.68 -25.09
CA LEU C 70 11.55 0.75 -24.86
C LEU C 70 12.22 1.56 -25.95
N PHE C 71 11.65 1.55 -27.15
CA PHE C 71 12.21 2.35 -28.20
C PHE C 71 11.98 3.83 -28.01
N ASN C 72 10.79 4.19 -27.55
CA ASN C 72 10.50 5.59 -27.25
C ASN C 72 11.28 6.04 -26.03
N MET C 73 11.48 5.14 -25.09
CA MET C 73 12.27 5.45 -23.91
C MET C 73 13.72 5.70 -24.31
N ALA C 74 14.30 4.82 -25.12
CA ALA C 74 15.63 5.05 -25.68
C ALA C 74 15.74 6.38 -26.40
N ALA C 75 14.69 6.76 -27.12
CA ALA C 75 14.69 8.05 -27.80
C ALA C 75 14.85 9.21 -26.82
N GLU C 76 14.32 9.03 -25.61
CA GLU C 76 14.26 10.08 -24.60
C GLU C 76 15.64 10.43 -23.99
N VAL C 77 16.54 9.45 -23.87
CA VAL C 77 17.94 9.73 -23.51
C VAL C 77 18.78 9.75 -24.78
N HIS C 78 18.12 10.02 -25.90
CA HIS C 78 18.79 10.18 -27.18
C HIS C 78 19.67 8.98 -27.53
N PHE C 79 19.19 7.80 -27.16
CA PHE C 79 19.86 6.54 -27.47
C PHE C 79 21.24 6.41 -26.87
N ASP C 80 21.53 7.24 -25.87
CA ASP C 80 22.66 6.98 -25.01
C ASP C 80 22.32 5.81 -24.12
N PRO C 81 23.18 4.79 -24.13
CA PRO C 81 23.02 3.50 -23.42
C PRO C 81 23.22 3.60 -21.93
N LEU C 82 24.26 4.33 -21.52
CA LEU C 82 24.51 4.50 -20.11
C LEU C 82 23.46 5.40 -19.46
N GLN C 83 23.07 6.46 -20.14
CA GLN C 83 22.01 7.34 -19.64
C GLN C 83 20.67 6.63 -19.64
N PHE C 84 20.47 5.76 -20.61
CA PHE C 84 19.28 4.93 -20.63
C PHE C 84 19.17 4.09 -19.35
N PHE C 85 20.24 3.36 -19.02
N PHE C 85 20.22 3.34 -19.02
CA PHE C 85 20.26 2.49 -17.85
CA PHE C 85 20.19 2.50 -17.83
C PHE C 85 20.14 3.30 -16.56
C PHE C 85 20.00 3.38 -16.60
N ARG C 86 20.75 4.48 -16.54
CA ARG C 86 20.74 5.38 -15.39
C ARG C 86 19.34 5.99 -15.17
N GLN C 87 18.70 6.44 -16.24
CA GLN C 87 17.49 7.22 -16.14
C GLN C 87 16.22 6.40 -16.32
N PHE C 88 16.35 5.07 -16.41
CA PHE C 88 15.28 4.21 -16.88
C PHE C 88 13.93 4.49 -16.20
N PHE C 89 13.93 4.55 -14.87
CA PHE C 89 12.73 4.81 -14.08
C PHE C 89 12.00 6.07 -14.44
N TRP C 90 12.76 7.08 -14.82
CA TRP C 90 12.21 8.39 -15.08
C TRP C 90 11.65 8.44 -16.48
N LEU C 91 12.01 7.45 -17.30
CA LEU C 91 11.69 7.52 -18.72
C LEU C 91 10.29 6.99 -18.93
N GLY C 92 9.57 7.54 -19.89
CA GLY C 92 8.22 7.06 -20.13
C GLY C 92 7.75 7.26 -21.54
N LEU C 93 6.61 6.67 -21.85
CA LEU C 93 5.93 6.84 -23.12
C LEU C 93 4.58 7.47 -22.79
N TYR C 94 4.37 8.73 -23.16
CA TYR C 94 3.18 9.47 -22.71
C TYR C 94 2.04 9.54 -23.71
N PRO C 95 0.81 9.72 -23.20
CA PRO C 95 -0.37 10.07 -24.01
C PRO C 95 -0.30 11.52 -24.48
N PRO C 96 -1.22 11.92 -25.39
CA PRO C 96 -1.35 13.32 -25.80
C PRO C 96 -1.16 14.28 -24.63
N LYS C 97 -0.21 15.18 -24.78
CA LYS C 97 -0.10 16.30 -23.87
C LYS C 97 -1.04 17.41 -24.30
N ALA C 98 -1.30 17.50 -25.61
CA ALA C 98 -2.29 18.44 -26.13
C ALA C 98 -3.69 17.81 -26.22
N GLN C 99 -4.69 18.67 -26.25
CA GLN C 99 -6.08 18.24 -26.27
C GLN C 99 -6.45 18.03 -27.71
N TYR C 100 -6.41 16.77 -28.15
CA TYR C 100 -6.87 16.42 -29.48
C TYR C 100 -8.29 15.87 -29.39
N GLY C 101 -8.88 15.92 -28.21
CA GLY C 101 -10.18 15.33 -28.01
C GLY C 101 -10.02 13.83 -28.18
N MET C 102 -10.93 13.22 -28.92
CA MET C 102 -10.80 11.81 -29.22
C MET C 102 -10.07 11.62 -30.54
N GLY C 103 -9.50 12.70 -31.05
CA GLY C 103 -8.68 12.61 -32.26
C GLY C 103 -7.47 11.72 -32.04
N ILE C 104 -7.18 10.87 -33.04
CA ILE C 104 -6.00 10.02 -33.01
C ILE C 104 -4.76 10.93 -32.98
N PRO C 105 -3.99 10.87 -31.89
CA PRO C 105 -2.84 11.78 -31.71
C PRO C 105 -1.71 11.53 -32.72
N PRO C 106 -0.96 12.58 -33.08
CA PRO C 106 0.31 12.41 -33.81
C PRO C 106 1.27 11.48 -33.08
N LEU C 107 2.15 10.83 -33.83
CA LEU C 107 3.05 9.82 -33.27
C LEU C 107 3.91 10.41 -32.18
N HIS C 108 4.28 11.68 -32.37
CA HIS C 108 5.14 12.37 -31.44
C HIS C 108 4.37 12.89 -30.22
N ASP C 109 3.05 12.96 -30.32
CA ASP C 109 2.27 13.37 -29.18
C ASP C 109 1.18 12.37 -28.82
N GLY C 110 1.60 11.15 -28.50
CA GLY C 110 0.67 10.18 -27.95
C GLY C 110 0.30 9.08 -28.92
N GLY C 111 0.54 9.32 -30.21
CA GLY C 111 0.40 8.27 -31.21
C GLY C 111 1.04 6.96 -30.84
N TRP C 112 2.33 6.95 -30.48
CA TRP C 112 2.98 5.70 -30.05
C TRP C 112 2.36 5.09 -28.79
N TRP C 113 1.90 5.95 -27.89
CA TRP C 113 1.29 5.51 -26.65
C TRP C 113 0.04 4.66 -26.97
N LEU C 114 -0.80 5.18 -27.86
CA LEU C 114 -2.04 4.50 -28.25
C LEU C 114 -1.76 3.14 -28.88
N MET C 115 -0.66 3.05 -29.61
CA MET C 115 -0.22 1.85 -30.27
C MET C 115 0.16 0.78 -29.27
N ALA C 116 1.09 1.14 -28.41
CA ALA C 116 1.51 0.26 -27.33
C ALA C 116 0.29 -0.12 -26.48
N GLY C 117 -0.66 0.79 -26.32
CA GLY C 117 -1.84 0.50 -25.52
C GLY C 117 -2.71 -0.55 -26.17
N LEU C 118 -2.79 -0.50 -27.49
CA LEU C 118 -3.54 -1.46 -28.27
C LEU C 118 -2.92 -2.85 -28.25
N PHE C 119 -1.61 -2.93 -28.45
CA PHE C 119 -0.93 -4.21 -28.40
C PHE C 119 -0.95 -4.86 -27.02
N MET C 120 -0.87 -4.06 -25.97
CA MET C 120 -0.95 -4.58 -24.62
C MET C 120 -2.34 -5.18 -24.39
N THR C 121 -3.37 -4.51 -24.89
CA THR C 121 -4.75 -4.99 -24.81
C THR C 121 -4.90 -6.36 -25.47
N LEU C 122 -4.41 -6.47 -26.70
CA LEU C 122 -4.45 -7.76 -27.38
C LEU C 122 -3.67 -8.80 -26.60
N SER C 123 -2.53 -8.39 -26.06
CA SER C 123 -1.73 -9.25 -25.20
C SER C 123 -2.54 -9.80 -24.01
N LEU C 124 -3.32 -8.94 -23.36
CA LEU C 124 -4.17 -9.34 -22.24
C LEU C 124 -5.33 -10.24 -22.66
N GLY C 125 -6.01 -9.86 -23.74
CA GLY C 125 -6.96 -10.78 -24.37
C GLY C 125 -6.41 -12.19 -24.62
N SER C 126 -5.27 -12.27 -25.29
CA SER C 126 -4.74 -13.58 -25.62
C SER C 126 -4.49 -14.37 -24.36
N TRP C 127 -3.90 -13.70 -23.37
CA TRP C 127 -3.58 -14.39 -22.12
C TRP C 127 -4.84 -14.87 -21.38
N TRP C 128 -5.91 -14.09 -21.48
CA TRP C 128 -7.17 -14.45 -20.86
C TRP C 128 -7.70 -15.73 -21.45
N ILE C 129 -7.69 -15.82 -22.77
CA ILE C 129 -8.05 -17.07 -23.46
C ILE C 129 -7.25 -18.23 -22.93
N ARG C 130 -5.94 -18.08 -22.84
CA ARG C 130 -5.07 -19.12 -22.29
C ARG C 130 -5.51 -19.56 -20.89
N VAL C 131 -5.85 -18.59 -20.05
CA VAL C 131 -6.19 -18.84 -18.64
C VAL C 131 -7.57 -19.48 -18.51
N TYR C 132 -8.43 -19.19 -19.47
CA TYR C 132 -9.76 -19.73 -19.52
C TYR C 132 -9.76 -21.16 -20.11
N SER C 133 -9.15 -21.30 -21.30
CA SER C 133 -8.92 -22.59 -21.96
C SER C 133 -8.35 -23.68 -21.06
N ARG C 134 -7.20 -23.40 -20.42
CA ARG C 134 -6.52 -24.45 -19.65
C ARG C 134 -7.44 -25.05 -18.60
N ALA C 135 -8.33 -24.24 -18.06
CA ALA C 135 -9.26 -24.72 -17.06
C ALA C 135 -10.20 -25.69 -17.75
N ARG C 136 -10.71 -25.28 -18.91
CA ARG C 136 -11.62 -26.13 -19.65
C ARG C 136 -10.96 -27.41 -20.15
N ALA C 137 -9.73 -27.32 -20.61
CA ALA C 137 -8.99 -28.49 -21.06
C ALA C 137 -8.85 -29.48 -19.92
N LEU C 138 -8.60 -28.97 -18.72
CA LEU C 138 -8.32 -29.86 -17.61
C LEU C 138 -9.58 -30.23 -16.84
N GLY C 139 -10.73 -29.76 -17.31
CA GLY C 139 -11.99 -30.15 -16.70
C GLY C 139 -12.28 -29.39 -15.42
N LEU C 140 -11.87 -28.13 -15.38
CA LEU C 140 -11.99 -27.31 -14.19
C LEU C 140 -13.01 -26.21 -14.46
N GLY C 141 -13.58 -25.64 -13.40
CA GLY C 141 -14.41 -24.46 -13.56
C GLY C 141 -13.58 -23.26 -14.00
N THR C 142 -14.24 -22.17 -14.39
CA THR C 142 -13.54 -21.00 -14.91
C THR C 142 -13.46 -19.78 -13.95
N HIS C 143 -13.42 -20.05 -12.65
CA HIS C 143 -13.41 -19.01 -11.61
C HIS C 143 -12.22 -18.05 -11.77
N ILE C 144 -11.04 -18.62 -12.00
CA ILE C 144 -9.86 -17.79 -12.21
C ILE C 144 -10.05 -16.87 -13.43
N ALA C 145 -10.56 -17.41 -14.54
CA ALA C 145 -10.69 -16.59 -15.74
C ALA C 145 -11.64 -15.43 -15.47
N TRP C 146 -12.64 -15.65 -14.64
CA TRP C 146 -13.54 -14.55 -14.30
C TRP C 146 -12.96 -13.55 -13.33
N ASN C 147 -12.08 -13.96 -12.41
CA ASN C 147 -11.44 -13.00 -11.53
C ASN C 147 -10.45 -12.16 -12.33
N PHE C 148 -9.82 -12.78 -13.32
CA PHE C 148 -8.87 -12.10 -14.22
C PHE C 148 -9.59 -11.09 -15.11
N ALA C 149 -10.73 -11.48 -15.67
CA ALA C 149 -11.54 -10.57 -16.45
C ALA C 149 -11.78 -9.21 -15.76
N ALA C 150 -12.06 -9.24 -14.46
CA ALA C 150 -12.36 -8.04 -13.70
C ALA C 150 -11.13 -7.14 -13.68
N ALA C 151 -9.96 -7.78 -13.59
CA ALA C 151 -8.71 -7.07 -13.51
C ALA C 151 -8.36 -6.43 -14.85
N ILE C 152 -8.53 -7.17 -15.93
CA ILE C 152 -8.35 -6.61 -17.25
C ILE C 152 -9.31 -5.46 -17.46
N PHE C 153 -10.55 -5.61 -17.02
CA PHE C 153 -11.53 -4.55 -17.26
C PHE C 153 -11.12 -3.25 -16.56
N PHE C 154 -10.57 -3.38 -15.35
CA PHE C 154 -10.08 -2.20 -14.65
C PHE C 154 -9.06 -1.47 -15.51
N VAL C 155 -8.06 -2.21 -15.99
CA VAL C 155 -7.00 -1.65 -16.83
C VAL C 155 -7.58 -0.93 -18.04
N LEU C 156 -8.60 -1.52 -18.67
CA LEU C 156 -9.22 -0.87 -19.81
C LEU C 156 -9.87 0.39 -19.35
N CYS C 157 -10.44 0.38 -18.15
CA CYS C 157 -11.13 1.56 -17.63
C CYS C 157 -10.19 2.74 -17.50
N ILE C 158 -9.02 2.53 -16.91
CA ILE C 158 -8.07 3.64 -16.73
C ILE C 158 -7.26 3.88 -18.01
N GLY C 159 -7.24 2.88 -18.89
CA GLY C 159 -6.49 2.97 -20.13
C GLY C 159 -7.23 3.64 -21.27
N CYS C 160 -8.46 3.21 -21.56
CA CYS C 160 -9.20 3.86 -22.61
C CYS C 160 -10.68 4.12 -22.43
N ILE C 161 -11.37 3.38 -21.58
CA ILE C 161 -12.78 3.68 -21.45
C ILE C 161 -13.06 5.04 -20.80
N HIS C 162 -12.37 5.34 -19.71
CA HIS C 162 -12.53 6.66 -19.12
C HIS C 162 -12.10 7.76 -20.09
N PRO C 163 -10.90 7.62 -20.72
CA PRO C 163 -10.50 8.64 -21.71
C PRO C 163 -11.55 8.86 -22.79
N THR C 164 -12.14 7.77 -23.25
CA THR C 164 -13.22 7.81 -24.21
C THR C 164 -14.46 8.47 -23.66
N LEU C 165 -14.85 8.05 -22.46
CA LEU C 165 -16.06 8.55 -21.81
C LEU C 165 -16.03 10.05 -21.69
N VAL C 166 -14.89 10.64 -21.34
CA VAL C 166 -14.78 12.10 -21.22
C VAL C 166 -14.31 12.75 -22.53
N GLY C 167 -13.84 11.91 -23.45
CA GLY C 167 -13.52 12.38 -24.78
C GLY C 167 -12.13 12.95 -24.90
N SER C 168 -11.18 12.44 -24.13
CA SER C 168 -9.77 12.85 -24.30
C SER C 168 -8.80 11.74 -23.99
N TRP C 169 -7.90 11.51 -24.92
CA TRP C 169 -6.84 10.53 -24.75
C TRP C 169 -5.78 11.06 -23.80
N SER C 170 -5.84 12.36 -23.50
CA SER C 170 -4.84 13.01 -22.67
C SER C 170 -4.83 12.44 -21.25
N GLU C 171 -5.81 11.60 -20.93
CA GLU C 171 -6.09 11.21 -19.56
C GLU C 171 -5.62 9.81 -19.23
N GLY C 172 -5.04 9.14 -20.21
CA GLY C 172 -4.67 7.76 -20.01
C GLY C 172 -3.38 7.64 -19.23
N VAL C 173 -2.98 6.41 -18.96
CA VAL C 173 -1.89 6.15 -18.05
C VAL C 173 -0.61 6.00 -18.88
N PRO C 174 0.42 6.78 -18.57
CA PRO C 174 1.74 6.65 -19.21
C PRO C 174 2.32 5.27 -18.99
N PHE C 175 3.25 4.86 -19.85
CA PHE C 175 4.06 3.67 -19.57
C PHE C 175 5.41 4.13 -19.05
N GLY C 176 5.85 3.55 -17.94
CA GLY C 176 7.14 3.88 -17.36
C GLY C 176 7.01 3.64 -15.89
N ILE C 177 8.12 3.47 -15.19
CA ILE C 177 8.08 3.29 -13.75
C ILE C 177 7.57 4.49 -12.96
N TRP C 178 8.31 5.60 -12.95
CA TRP C 178 7.80 6.77 -12.24
C TRP C 178 6.62 7.38 -12.98
N PRO C 179 6.60 7.33 -14.33
CA PRO C 179 5.46 8.00 -14.97
C PRO C 179 4.06 7.45 -14.69
N HIS C 180 3.90 6.13 -14.62
CA HIS C 180 2.57 5.60 -14.33
C HIS C 180 2.15 5.94 -12.89
N ILE C 181 3.15 6.26 -12.07
CA ILE C 181 2.97 6.67 -10.67
C ILE C 181 2.53 8.11 -10.62
N ASP C 182 3.17 8.97 -11.42
CA ASP C 182 2.86 10.39 -11.38
C ASP C 182 1.44 10.64 -11.81
N TRP C 183 0.99 9.81 -12.75
CA TRP C 183 -0.38 9.85 -13.22
C TRP C 183 -1.38 9.74 -12.06
N LEU C 184 -1.10 8.87 -11.10
CA LEU C 184 -1.94 8.68 -9.92
C LEU C 184 -2.20 10.00 -9.25
N THR C 185 -1.17 10.85 -9.15
CA THR C 185 -1.34 12.13 -8.47
C THR C 185 -1.98 13.15 -9.38
N ALA C 186 -1.62 13.14 -10.66
CA ALA C 186 -2.23 14.08 -11.59
C ALA C 186 -3.77 13.84 -11.65
N PHE C 187 -4.17 12.57 -11.65
CA PHE C 187 -5.56 12.20 -11.86
C PHE C 187 -6.41 12.49 -10.58
N SER C 188 -5.83 12.17 -9.43
CA SER C 188 -6.46 12.51 -8.16
C SER C 188 -6.61 14.03 -8.00
N ILE C 189 -5.57 14.78 -8.31
CA ILE C 189 -5.64 16.23 -8.21
C ILE C 189 -6.72 16.77 -9.13
N ARG C 190 -6.73 16.33 -10.38
CA ARG C 190 -7.69 16.84 -11.36
C ARG C 190 -9.13 16.56 -10.90
N TYR C 191 -9.33 15.46 -10.17
CA TYR C 191 -10.66 15.01 -9.84
C TYR C 191 -11.01 15.22 -8.38
N GLY C 192 -10.30 16.13 -7.74
CA GLY C 192 -10.68 16.58 -6.41
C GLY C 192 -10.47 15.61 -5.25
N ASN C 193 -9.34 14.90 -5.27
CA ASN C 193 -8.89 14.10 -4.14
C ASN C 193 -9.56 12.74 -4.09
N PHE C 194 -8.86 11.70 -4.55
CA PHE C 194 -9.47 10.37 -4.62
C PHE C 194 -9.79 9.73 -3.27
N TYR C 195 -9.35 10.31 -2.17
CA TYR C 195 -9.74 9.79 -0.87
C TYR C 195 -11.23 9.97 -0.64
N TYR C 196 -11.82 10.93 -1.35
CA TYR C 196 -13.22 11.29 -1.17
C TYR C 196 -14.10 10.65 -2.23
N CYS C 197 -13.55 9.70 -2.97
CA CYS C 197 -14.30 8.88 -3.89
C CYS C 197 -14.74 7.59 -3.19
N PRO C 198 -16.06 7.39 -3.02
CA PRO C 198 -16.54 6.19 -2.31
C PRO C 198 -15.99 4.84 -2.84
N TRP C 199 -15.85 4.70 -4.15
CA TRP C 199 -15.43 3.44 -4.74
C TRP C 199 -13.95 3.21 -4.56
N HIS C 200 -13.19 4.31 -4.43
CA HIS C 200 -11.80 4.23 -3.97
C HIS C 200 -11.77 3.63 -2.55
N GLY C 201 -12.66 4.12 -1.69
CA GLY C 201 -12.85 3.55 -0.36
C GLY C 201 -13.26 2.09 -0.36
N PHE C 202 -14.22 1.73 -1.21
CA PHE C 202 -14.60 0.32 -1.39
C PHE C 202 -13.43 -0.57 -1.80
N SER C 203 -12.77 -0.18 -2.88
CA SER C 203 -11.63 -0.90 -3.38
C SER C 203 -10.56 -1.15 -2.31
N ILE C 204 -10.24 -0.13 -1.52
CA ILE C 204 -9.21 -0.25 -0.48
C ILE C 204 -9.71 -1.17 0.61
N GLY C 205 -10.99 -1.04 0.91
CA GLY C 205 -11.66 -1.95 1.82
C GLY C 205 -11.41 -3.38 1.41
N PHE C 206 -11.71 -3.72 0.16
CA PHE C 206 -11.51 -5.09 -0.27
C PHE C 206 -10.05 -5.46 -0.36
N ALA C 207 -9.18 -4.51 -0.70
CA ALA C 207 -7.75 -4.79 -0.81
C ALA C 207 -7.12 -5.08 0.54
N TYR C 208 -7.38 -4.22 1.51
CA TYR C 208 -7.00 -4.47 2.89
C TYR C 208 -7.57 -5.81 3.34
N GLY C 209 -8.84 -6.03 2.94
CA GLY C 209 -9.57 -7.23 3.31
C GLY C 209 -8.97 -8.50 2.74
N CYS C 210 -8.41 -8.42 1.55
CA CYS C 210 -7.66 -9.54 0.98
C CYS C 210 -6.43 -9.84 1.84
N GLY C 211 -5.77 -8.78 2.31
CA GLY C 211 -4.69 -8.94 3.25
C GLY C 211 -5.14 -9.62 4.53
N LEU C 212 -6.22 -9.11 5.12
CA LEU C 212 -6.78 -9.72 6.32
C LEU C 212 -7.08 -11.19 6.03
N LEU C 213 -7.82 -11.44 4.97
CA LEU C 213 -8.34 -12.76 4.68
C LEU C 213 -7.26 -13.78 4.29
N PHE C 214 -6.24 -13.37 3.51
CA PHE C 214 -5.19 -14.30 3.14
C PHE C 214 -4.20 -14.55 4.28
N ALA C 215 -3.96 -13.52 5.09
CA ALA C 215 -3.26 -13.69 6.36
C ALA C 215 -4.01 -14.70 7.24
N ALA C 216 -5.32 -14.50 7.46
CA ALA C 216 -6.09 -15.38 8.35
C ALA C 216 -6.30 -16.77 7.79
N HIS C 217 -6.57 -16.89 6.49
CA HIS C 217 -6.70 -18.19 5.84
C HIS C 217 -5.38 -18.97 5.78
N GLY C 218 -4.33 -18.36 5.21
CA GLY C 218 -3.03 -19.02 5.17
C GLY C 218 -2.61 -19.48 6.56
N ALA C 219 -2.78 -18.61 7.55
CA ALA C 219 -2.47 -18.99 8.93
C ALA C 219 -3.34 -20.13 9.41
N THR C 220 -4.63 -20.08 9.09
CA THR C 220 -5.57 -21.09 9.56
C THR C 220 -5.18 -22.47 9.02
N ILE C 221 -4.76 -22.52 7.77
CA ILE C 221 -4.37 -23.80 7.19
C ILE C 221 -3.04 -24.34 7.72
N LEU C 222 -2.05 -23.48 7.94
CA LEU C 222 -0.80 -23.96 8.54
C LEU C 222 -1.06 -24.45 9.95
N ALA C 223 -2.03 -23.85 10.66
CA ALA C 223 -2.29 -24.24 12.04
C ALA C 223 -2.94 -25.62 12.14
N VAL C 224 -3.62 -26.04 11.06
CA VAL C 224 -4.13 -27.42 11.01
C VAL C 224 -3.45 -28.27 9.94
N ALA C 225 -2.21 -27.92 9.60
CA ALA C 225 -1.43 -28.76 8.70
C ALA C 225 -1.20 -30.16 9.31
N ARG C 226 -1.10 -30.23 10.62
CA ARG C 226 -0.92 -31.51 11.30
C ARG C 226 -2.05 -32.48 11.03
N PHE C 227 -3.21 -31.97 10.65
CA PHE C 227 -4.38 -32.79 10.43
C PHE C 227 -4.68 -32.88 8.96
N GLY C 228 -3.72 -32.49 8.13
CA GLY C 228 -3.87 -32.55 6.68
C GLY C 228 -4.80 -31.51 6.10
N GLY C 229 -4.85 -30.34 6.74
CA GLY C 229 -5.73 -29.27 6.31
C GLY C 229 -5.43 -28.68 4.95
N ASP C 230 -4.20 -28.87 4.48
CA ASP C 230 -3.78 -28.37 3.17
C ASP C 230 -4.49 -29.08 2.00
N ARG C 231 -5.03 -30.25 2.28
CA ARG C 231 -5.64 -31.09 1.27
C ARG C 231 -7.09 -30.67 1.12
N GLU C 232 -7.27 -29.45 0.62
CA GLU C 232 -8.50 -28.73 0.83
C GLU C 232 -9.64 -29.35 0.03
N ILE C 233 -9.31 -30.01 -1.08
CA ILE C 233 -10.35 -30.57 -1.95
C ILE C 233 -11.12 -31.69 -1.28
N GLU C 234 -10.42 -32.63 -0.66
CA GLU C 234 -11.06 -33.72 0.06
C GLU C 234 -11.56 -33.33 1.46
N GLN C 235 -11.08 -32.20 1.97
CA GLN C 235 -11.70 -31.61 3.16
C GLN C 235 -13.06 -30.99 2.81
N ILE C 236 -13.25 -30.63 1.54
CA ILE C 236 -14.57 -30.18 1.04
C ILE C 236 -15.58 -31.34 0.90
N THR C 237 -15.17 -32.41 0.20
CA THR C 237 -16.07 -33.51 -0.10
C THR C 237 -16.12 -34.48 1.06
N ASP C 238 -15.23 -34.33 2.02
CA ASP C 238 -15.33 -35.16 3.21
C ASP C 238 -14.73 -34.52 4.44
N ARG C 239 -15.53 -33.66 5.07
CA ARG C 239 -15.08 -32.87 6.20
C ARG C 239 -14.26 -33.69 7.19
N GLY C 240 -13.08 -33.19 7.55
CA GLY C 240 -12.23 -33.84 8.55
C GLY C 240 -11.86 -32.96 9.74
N THR C 241 -11.04 -33.47 10.67
CA THR C 241 -10.86 -32.76 11.94
C THR C 241 -10.13 -31.43 11.73
N ALA C 242 -9.36 -31.36 10.65
CA ALA C 242 -8.72 -30.15 10.20
C ALA C 242 -9.69 -28.99 10.13
N VAL C 243 -10.72 -29.14 9.31
CA VAL C 243 -11.58 -28.01 9.01
C VAL C 243 -12.72 -27.94 10.00
N GLU C 244 -12.88 -28.97 10.83
CA GLU C 244 -13.77 -28.86 11.97
C GLU C 244 -13.10 -27.95 12.96
N ARG C 245 -11.80 -28.16 13.15
CA ARG C 245 -11.02 -27.36 14.07
C ARG C 245 -10.82 -25.95 13.54
N ALA C 246 -10.61 -25.79 12.23
CA ALA C 246 -10.48 -24.46 11.65
C ALA C 246 -11.74 -23.64 11.85
N ALA C 247 -12.89 -24.22 11.54
CA ALA C 247 -14.18 -23.58 11.73
C ALA C 247 -14.43 -23.16 13.17
N LEU C 248 -14.12 -24.06 14.10
CA LEU C 248 -14.38 -23.80 15.50
C LEU C 248 -13.46 -22.74 16.09
N PHE C 249 -12.24 -22.63 15.56
CA PHE C 249 -11.35 -21.59 16.01
C PHE C 249 -12.05 -20.27 15.73
N TRP C 250 -12.57 -20.14 14.51
CA TRP C 250 -13.16 -18.88 14.07
C TRP C 250 -14.50 -18.61 14.71
N ARG C 251 -15.28 -19.65 14.91
CA ARG C 251 -16.56 -19.51 15.59
C ARG C 251 -16.35 -19.05 17.03
N TRP C 252 -15.35 -19.60 17.69
CA TRP C 252 -15.13 -19.30 19.10
C TRP C 252 -14.55 -17.92 19.26
N THR C 253 -13.92 -17.44 18.20
CA THR C 253 -13.28 -16.13 18.21
C THR C 253 -14.26 -15.04 17.81
N ILE C 254 -14.86 -15.18 16.63
CA ILE C 254 -15.70 -14.12 16.09
C ILE C 254 -17.21 -14.40 16.07
N GLY C 255 -17.61 -15.62 16.45
CA GLY C 255 -19.02 -15.90 16.63
C GLY C 255 -19.74 -16.58 15.48
N PHE C 256 -19.12 -16.56 14.30
CA PHE C 256 -19.65 -17.25 13.12
C PHE C 256 -18.42 -17.79 12.39
N ASN C 257 -18.63 -18.63 11.39
CA ASN C 257 -17.51 -19.29 10.72
C ASN C 257 -17.91 -19.64 9.29
N ALA C 258 -16.93 -19.91 8.46
CA ALA C 258 -17.19 -20.31 7.10
C ALA C 258 -17.06 -21.84 7.06
N THR C 259 -17.05 -22.41 5.86
CA THR C 259 -16.55 -23.77 5.66
C THR C 259 -15.25 -23.71 4.83
N ILE C 260 -14.62 -24.85 4.65
CA ILE C 260 -13.36 -24.84 3.94
C ILE C 260 -13.56 -24.48 2.46
N GLU C 261 -14.75 -24.70 1.91
CA GLU C 261 -15.02 -24.23 0.55
C GLU C 261 -15.42 -22.77 0.53
N SER C 262 -16.34 -22.38 1.41
CA SER C 262 -16.92 -21.03 1.33
C SER C 262 -15.87 -19.94 1.59
N VAL C 263 -14.91 -20.23 2.46
CA VAL C 263 -13.83 -19.29 2.72
C VAL C 263 -13.05 -18.91 1.46
N HIS C 264 -13.01 -19.82 0.48
CA HIS C 264 -12.35 -19.53 -0.79
C HIS C 264 -13.25 -18.66 -1.64
N ARG C 265 -14.56 -18.81 -1.43
CA ARG C 265 -15.56 -17.97 -2.06
C ARG C 265 -15.46 -16.55 -1.52
N TRP C 266 -15.36 -16.39 -0.21
CA TRP C 266 -15.11 -15.09 0.39
C TRP C 266 -13.85 -14.47 -0.18
N GLY C 267 -12.81 -15.27 -0.29
CA GLY C 267 -11.54 -14.78 -0.78
C GLY C 267 -11.65 -14.31 -2.21
N TRP C 268 -12.23 -15.16 -3.05
CA TRP C 268 -12.42 -14.86 -4.45
C TRP C 268 -13.20 -13.57 -4.61
N PHE C 269 -14.27 -13.47 -3.81
CA PHE C 269 -15.22 -12.37 -3.92
C PHE C 269 -14.50 -11.09 -3.51
N PHE C 270 -13.75 -11.12 -2.40
CA PHE C 270 -13.01 -9.95 -1.96
C PHE C 270 -12.01 -9.50 -3.02
N SER C 271 -11.34 -10.48 -3.64
CA SER C 271 -10.37 -10.21 -4.69
C SER C 271 -11.05 -9.52 -5.87
N LEU C 272 -12.04 -10.19 -6.42
CA LEU C 272 -12.84 -9.60 -7.47
C LEU C 272 -13.29 -8.17 -7.20
N MET C 273 -13.74 -7.90 -5.98
CA MET C 273 -14.36 -6.61 -5.68
C MET C 273 -13.40 -5.44 -5.62
N VAL C 274 -12.12 -5.73 -5.40
CA VAL C 274 -11.07 -4.71 -5.53
C VAL C 274 -11.14 -4.09 -6.92
N MET C 275 -11.27 -4.93 -7.94
CA MET C 275 -11.20 -4.49 -9.33
C MET C 275 -12.55 -3.96 -9.82
N VAL C 276 -13.63 -4.60 -9.37
CA VAL C 276 -14.98 -4.15 -9.69
C VAL C 276 -15.27 -2.74 -9.10
N SER C 277 -15.02 -2.54 -7.81
CA SER C 277 -15.22 -1.24 -7.18
C SER C 277 -14.35 -0.19 -7.84
N ALA C 278 -13.11 -0.55 -8.16
CA ALA C 278 -12.19 0.37 -8.81
C ALA C 278 -12.73 0.83 -10.16
N SER C 279 -13.22 -0.10 -10.97
CA SER C 279 -13.78 0.25 -12.26
C SER C 279 -14.95 1.19 -12.15
N VAL C 280 -15.88 0.88 -11.26
CA VAL C 280 -17.05 1.73 -11.05
C VAL C 280 -16.63 3.13 -10.67
N GLY C 281 -15.64 3.24 -9.79
CA GLY C 281 -15.12 4.54 -9.39
C GLY C 281 -14.58 5.33 -10.57
N ILE C 282 -13.87 4.65 -11.47
CA ILE C 282 -13.33 5.31 -12.67
C ILE C 282 -14.41 5.65 -13.72
N LEU C 283 -15.39 4.80 -13.92
CA LEU C 283 -16.47 5.12 -14.83
C LEU C 283 -17.27 6.34 -14.38
N LEU C 284 -17.41 6.53 -13.08
CA LEU C 284 -18.13 7.69 -12.58
C LEU C 284 -17.30 8.98 -12.65
N THR C 285 -15.96 8.87 -12.57
CA THR C 285 -15.08 10.05 -12.47
C THR C 285 -14.95 10.78 -13.81
N GLY C 286 -15.27 12.08 -13.82
CA GLY C 286 -15.21 12.88 -15.04
C GLY C 286 -16.49 12.88 -15.86
N THR C 287 -17.02 11.68 -16.05
CA THR C 287 -18.36 11.46 -16.54
C THR C 287 -19.41 12.18 -15.70
N PHE C 288 -19.51 11.83 -14.42
CA PHE C 288 -20.58 12.36 -13.56
C PHE C 288 -20.15 13.08 -12.31
N VAL C 289 -18.89 12.92 -11.92
CA VAL C 289 -18.35 13.67 -10.79
C VAL C 289 -17.06 14.35 -11.23
N ASP C 290 -16.90 15.62 -10.90
CA ASP C 290 -15.72 16.39 -11.28
C ASP C 290 -14.79 16.60 -10.09
N ASN C 291 -15.35 16.81 -8.91
CA ASN C 291 -14.56 17.06 -7.72
C ASN C 291 -15.11 16.18 -6.60
N TRP C 292 -14.45 15.06 -6.34
CA TRP C 292 -14.96 14.13 -5.35
C TRP C 292 -15.08 14.74 -3.96
N TYR C 293 -14.14 15.59 -3.55
CA TYR C 293 -14.28 16.26 -2.26
C TYR C 293 -15.56 17.12 -2.22
N LEU C 294 -15.82 17.88 -3.27
CA LEU C 294 -17.01 18.75 -3.27
C LEU C 294 -18.27 17.92 -3.33
N TRP C 295 -18.21 16.78 -3.99
CA TRP C 295 -19.34 15.88 -4.04
C TRP C 295 -19.66 15.39 -2.62
N CYS C 296 -18.64 15.03 -1.86
CA CYS C 296 -18.85 14.66 -0.45
C CYS C 296 -19.39 15.83 0.34
N VAL C 297 -18.83 17.01 0.12
CA VAL C 297 -19.35 18.20 0.77
C VAL C 297 -20.82 18.42 0.42
N LYS C 298 -21.17 18.17 -0.83
CA LYS C 298 -22.53 18.39 -1.29
C LYS C 298 -23.47 17.46 -0.53
N HIS C 299 -23.00 16.26 -0.22
CA HIS C 299 -23.84 15.25 0.38
C HIS C 299 -23.67 15.14 1.86
N GLY C 300 -22.87 16.04 2.42
CA GLY C 300 -22.76 16.13 3.87
C GLY C 300 -21.73 15.23 4.52
N ALA C 301 -21.02 14.42 3.73
CA ALA C 301 -20.06 13.49 4.30
C ALA C 301 -18.74 14.09 4.86
N ALA C 302 -18.25 15.20 4.31
CA ALA C 302 -16.89 15.69 4.62
C ALA C 302 -16.62 16.22 6.05
N PRO C 303 -15.49 15.80 6.64
CA PRO C 303 -15.06 16.41 7.88
C PRO C 303 -14.54 17.84 7.66
N ASP C 304 -14.58 18.65 8.71
CA ASP C 304 -14.06 20.01 8.66
C ASP C 304 -13.38 20.30 9.98
N TYR C 305 -12.40 21.19 9.96
CA TYR C 305 -11.56 21.43 11.12
C TYR C 305 -11.45 22.94 11.33
N PRO C 306 -11.32 23.36 12.57
CA PRO C 306 -10.91 24.72 12.94
C PRO C 306 -9.71 25.22 12.15
N ALA C 307 -9.62 26.54 11.99
CA ALA C 307 -8.36 27.11 11.57
C ALA C 307 -7.32 26.87 12.67
N TYR C 308 -6.07 26.70 12.27
CA TYR C 308 -4.99 26.68 13.25
C TYR C 308 -4.17 27.95 13.03
N LEU C 309 -3.48 28.05 11.89
CA LEU C 309 -3.05 29.36 11.41
C LEU C 309 -4.30 30.01 10.81
N PRO C 310 -4.30 31.34 10.72
CA PRO C 310 -5.49 32.10 10.29
C PRO C 310 -6.02 31.69 8.92
N ALA C 311 -7.35 31.75 8.80
CA ALA C 311 -8.02 31.43 7.57
C ALA C 311 -7.55 32.41 6.52
N THR C 312 -7.30 31.92 5.32
CA THR C 312 -6.69 32.70 4.28
C THR C 312 -7.57 32.78 3.04
N PRO C 313 -8.26 33.91 2.88
CA PRO C 313 -8.99 34.33 1.69
C PRO C 313 -8.19 34.13 0.45
N ASP C 314 -8.89 33.84 -0.64
CA ASP C 314 -8.27 33.72 -1.94
C ASP C 314 -7.87 35.12 -2.40
N PRO C 315 -6.55 35.35 -2.58
CA PRO C 315 -6.10 36.69 -2.95
C PRO C 315 -6.65 37.08 -4.30
N ALA C 316 -6.87 36.07 -5.14
CA ALA C 316 -7.37 36.29 -6.48
C ALA C 316 -8.76 36.93 -6.47
N SER C 317 -9.47 36.81 -5.36
CA SER C 317 -10.84 37.30 -5.26
C SER C 317 -10.89 38.64 -4.55
N LEU C 318 -9.75 39.02 -3.96
CA LEU C 318 -9.66 40.32 -3.34
C LEU C 318 -9.96 41.34 -4.43
N PRO C 319 -10.51 42.49 -4.04
CA PRO C 319 -10.78 43.53 -5.01
C PRO C 319 -9.51 44.32 -5.34
N GLY C 320 -9.21 44.40 -6.63
CA GLY C 320 -7.97 45.02 -7.07
C GLY C 320 -6.91 43.98 -7.34
N ALA C 321 -7.15 42.75 -6.89
CA ALA C 321 -6.22 41.65 -7.11
C ALA C 321 -5.99 41.52 -8.61
N PRO C 322 -4.73 41.34 -9.02
CA PRO C 322 -4.35 40.99 -10.39
C PRO C 322 -4.94 39.66 -10.81
N LYS C 323 -4.50 39.17 -11.96
CA LYS C 323 -4.99 37.89 -12.46
C LYS C 323 -3.92 36.80 -12.35
N FME D 1 -25.86 23.69 -16.77
N FME D 1 -26.16 23.63 -16.89
CN FME D 1 -26.18 24.82 -16.05
CN FME D 1 -25.59 24.41 -15.91
O1 FME D 1 -26.49 24.62 -14.86
O1 FME D 1 -26.39 24.66 -15.00
CA FME D 1 -26.40 22.43 -16.29
CA FME D 1 -26.50 22.28 -16.47
CB FME D 1 -27.46 21.91 -17.27
CB FME D 1 -27.28 21.56 -17.58
CG FME D 1 -27.21 22.22 -18.75
CG FME D 1 -28.73 22.01 -17.72
SD FME D 1 -28.76 22.19 -19.72
SD FME D 1 -28.97 23.50 -18.73
CE FME D 1 -28.56 20.55 -20.37
CE FME D 1 -30.07 24.32 -17.57
C FME D 1 -25.25 21.43 -16.13
C FME D 1 -25.27 21.45 -16.11
O FME D 1 -24.14 21.69 -16.59
O FME D 1 -24.14 21.81 -16.45
N TYR D 2 -25.49 20.31 -15.43
CA TYR D 2 -24.41 19.38 -15.07
C TYR D 2 -24.62 17.97 -15.55
N HIS D 3 -23.52 17.32 -15.92
CA HIS D 3 -23.51 15.89 -16.14
C HIS D 3 -23.72 15.18 -14.80
N GLY D 4 -24.77 14.39 -14.72
CA GLY D 4 -25.00 13.58 -13.53
C GLY D 4 -26.18 14.04 -12.70
N ALA D 5 -26.56 15.30 -12.84
CA ALA D 5 -27.69 15.84 -12.09
C ALA D 5 -28.99 15.13 -12.47
N LEU D 6 -29.82 14.85 -11.47
CA LEU D 6 -31.12 14.22 -11.67
C LEU D 6 -32.25 14.99 -11.00
N ALA D 7 -31.92 15.88 -10.07
CA ALA D 7 -32.96 16.63 -9.36
C ALA D 7 -32.35 17.78 -8.60
N GLN D 8 -33.20 18.50 -7.87
CA GLN D 8 -32.77 19.53 -6.92
C GLN D 8 -31.56 19.01 -6.17
N HIS D 9 -31.65 17.76 -5.74
CA HIS D 9 -30.46 17.06 -5.29
C HIS D 9 -30.57 15.55 -5.49
N LEU D 10 -30.04 15.08 -6.61
CA LEU D 10 -29.94 13.67 -6.88
C LEU D 10 -28.97 13.60 -8.02
N ASP D 11 -27.95 12.80 -7.87
CA ASP D 11 -27.06 12.63 -8.98
C ASP D 11 -26.75 11.17 -9.07
N ILE D 12 -26.38 10.74 -10.26
CA ILE D 12 -26.00 9.38 -10.53
C ILE D 12 -25.10 8.73 -9.47
N ALA D 13 -23.94 9.34 -9.19
CA ALA D 13 -22.98 8.71 -8.29
C ALA D 13 -23.62 8.45 -6.93
N GLN D 14 -24.57 9.27 -6.56
CA GLN D 14 -25.25 9.11 -5.29
C GLN D 14 -26.14 7.87 -5.27
N LEU D 15 -26.77 7.56 -6.40
CA LEU D 15 -27.62 6.38 -6.43
C LEU D 15 -26.80 5.11 -6.54
N VAL D 16 -25.66 5.20 -7.21
CA VAL D 16 -24.75 4.06 -7.32
C VAL D 16 -24.14 3.70 -5.94
N TRP D 17 -24.00 4.71 -5.09
CA TRP D 17 -23.59 4.47 -3.72
C TRP D 17 -24.52 3.43 -3.08
N TYR D 18 -25.82 3.64 -3.20
CA TYR D 18 -26.81 2.74 -2.63
C TYR D 18 -26.81 1.41 -3.31
N ALA D 19 -26.74 1.40 -4.63
CA ALA D 19 -26.69 0.13 -5.35
C ALA D 19 -25.49 -0.69 -4.93
N GLN D 20 -24.35 -0.02 -4.77
CA GLN D 20 -23.15 -0.70 -4.35
C GLN D 20 -23.35 -1.38 -3.02
N TRP D 21 -24.01 -0.70 -2.10
CA TRP D 21 -24.24 -1.29 -0.80
C TRP D 21 -25.22 -2.43 -0.82
N LEU D 22 -26.27 -2.34 -1.63
CA LEU D 22 -27.19 -3.44 -1.76
C LEU D 22 -26.54 -4.67 -2.37
N VAL D 23 -25.66 -4.44 -3.33
CA VAL D 23 -25.05 -5.57 -3.99
C VAL D 23 -24.15 -6.33 -3.02
N ILE D 24 -23.44 -5.57 -2.19
CA ILE D 24 -22.56 -6.15 -1.20
C ILE D 24 -23.31 -6.97 -0.13
N TRP D 25 -24.34 -6.40 0.48
CA TRP D 25 -25.05 -7.11 1.53
C TRP D 25 -25.89 -8.28 1.05
N THR D 26 -26.37 -8.18 -0.18
CA THR D 26 -27.05 -9.28 -0.83
C THR D 26 -26.12 -10.47 -0.98
N VAL D 27 -24.95 -10.23 -1.54
CA VAL D 27 -24.01 -11.30 -1.78
C VAL D 27 -23.54 -11.84 -0.45
N VAL D 28 -23.23 -10.96 0.48
CA VAL D 28 -22.73 -11.41 1.77
C VAL D 28 -23.75 -12.23 2.60
N LEU D 29 -24.96 -11.69 2.79
CA LEU D 29 -25.98 -12.35 3.64
C LEU D 29 -26.71 -13.47 2.94
N LEU D 30 -27.21 -13.16 1.75
CA LEU D 30 -28.10 -14.07 1.08
C LEU D 30 -27.34 -15.18 0.37
N TYR D 31 -26.08 -14.93 0.01
CA TYR D 31 -25.27 -15.93 -0.66
C TYR D 31 -24.17 -16.53 0.23
N LEU D 32 -23.15 -15.73 0.56
CA LEU D 32 -21.97 -16.27 1.24
C LEU D 32 -22.27 -16.80 2.63
N ARG D 33 -23.10 -16.09 3.39
CA ARG D 33 -23.45 -16.57 4.72
C ARG D 33 -24.25 -17.85 4.70
N ARG D 34 -24.82 -18.20 3.57
CA ARG D 34 -25.49 -19.50 3.51
C ARG D 34 -24.60 -20.63 3.03
N GLU D 35 -23.71 -20.33 2.09
CA GLU D 35 -22.62 -21.26 1.76
C GLU D 35 -21.84 -21.60 3.01
N ASP D 36 -21.73 -20.67 3.94
CA ASP D 36 -21.03 -20.91 5.20
C ASP D 36 -21.69 -22.00 6.03
N ARG D 37 -22.94 -22.32 5.72
CA ARG D 37 -23.71 -23.27 6.52
C ARG D 37 -23.91 -24.65 5.87
N ARG D 38 -22.97 -25.12 5.05
CA ARG D 38 -23.10 -26.43 4.43
C ARG D 38 -22.48 -27.57 5.25
N GLU D 39 -21.87 -27.21 6.37
CA GLU D 39 -21.31 -28.19 7.32
C GLU D 39 -21.74 -27.79 8.71
N GLY D 40 -22.28 -28.73 9.46
CA GLY D 40 -22.48 -28.51 10.87
C GLY D 40 -23.88 -28.09 11.22
N TYR D 41 -24.67 -27.74 10.19
CA TYR D 41 -26.07 -27.34 10.36
C TYR D 41 -27.03 -28.45 10.00
N PRO D 42 -28.19 -28.49 10.66
CA PRO D 42 -28.54 -27.47 11.66
C PRO D 42 -27.90 -27.67 13.02
N LEU D 43 -27.77 -26.55 13.72
CA LEU D 43 -27.21 -26.51 15.06
C LEU D 43 -27.90 -27.52 15.96
N VAL D 44 -27.12 -28.20 16.77
CA VAL D 44 -27.67 -29.16 17.70
C VAL D 44 -27.84 -28.60 19.12
N GLU D 45 -28.81 -29.17 19.83
CA GLU D 45 -29.24 -28.73 21.17
C GLU D 45 -30.13 -29.79 21.78
N PRO D 46 -30.40 -29.71 23.05
CA PRO D 46 -31.50 -30.48 23.62
C PRO D 46 -32.82 -29.88 23.13
N LEU D 47 -33.93 -30.39 23.67
CA LEU D 47 -35.25 -29.87 23.37
C LEU D 47 -36.16 -30.09 24.56
N GLY D 48 -37.46 -29.87 24.38
CA GLY D 48 -38.41 -30.06 25.47
C GLY D 48 -39.21 -31.35 25.31
N LEU D 49 -39.94 -31.70 26.36
CA LEU D 49 -40.77 -32.92 26.35
C LEU D 49 -41.82 -32.87 25.25
N VAL D 50 -42.49 -31.72 25.13
CA VAL D 50 -43.48 -31.52 24.09
C VAL D 50 -43.02 -30.32 23.25
N LYS D 51 -42.55 -30.59 22.04
CA LYS D 51 -42.07 -29.54 21.16
C LYS D 51 -42.04 -30.02 19.72
N LEU D 52 -42.86 -29.41 18.87
CA LEU D 52 -42.87 -29.74 17.46
C LEU D 52 -42.29 -28.59 16.66
N ALA D 53 -41.06 -28.77 16.18
CA ALA D 53 -40.43 -27.79 15.30
C ALA D 53 -39.16 -27.82 14.60
N PRO D 54 -39.19 -28.10 13.35
CA PRO D 54 -38.18 -27.56 12.57
C PRO D 54 -38.58 -26.08 12.62
N GLU D 55 -37.71 -25.26 13.21
CA GLU D 55 -37.88 -23.82 13.17
C GLU D 55 -37.87 -23.34 11.70
N ASP D 56 -38.64 -22.29 11.41
CA ASP D 56 -38.56 -21.67 10.08
C ASP D 56 -37.12 -21.23 9.80
N GLY D 57 -36.48 -20.67 10.83
CA GLY D 57 -35.14 -20.13 10.70
C GLY D 57 -34.10 -21.14 10.28
N GLN D 58 -34.27 -22.38 10.73
CA GLN D 58 -33.39 -23.47 10.34
C GLN D 58 -33.52 -23.77 8.86
N VAL D 59 -34.69 -23.50 8.28
CA VAL D 59 -34.91 -23.70 6.86
C VAL D 59 -34.32 -22.54 6.09
N TYR D 60 -34.56 -21.33 6.60
CA TYR D 60 -34.21 -20.11 5.88
C TYR D 60 -32.72 -19.94 5.72
N GLU D 61 -31.97 -20.33 6.72
CA GLU D 61 -30.55 -20.05 6.70
C GLU D 61 -29.75 -21.04 5.85
N LEU D 62 -30.34 -22.18 5.51
CA LEU D 62 -29.61 -23.18 4.77
C LEU D 62 -29.66 -22.82 3.31
N PRO D 63 -28.64 -23.18 2.54
CA PRO D 63 -28.77 -23.19 1.08
C PRO D 63 -29.46 -24.46 0.59
N TYR D 64 -29.86 -24.44 -0.67
CA TYR D 64 -30.31 -25.66 -1.31
C TYR D 64 -29.16 -26.62 -1.33
N PRO D 65 -29.42 -27.92 -1.21
CA PRO D 65 -28.29 -28.85 -1.19
C PRO D 65 -27.49 -28.82 -2.50
N LYS D 66 -26.18 -29.04 -2.41
CA LYS D 66 -25.36 -29.29 -3.60
C LYS D 66 -24.74 -30.69 -3.51
N THR D 67 -24.43 -31.28 -4.67
CA THR D 67 -23.90 -32.64 -4.76
C THR D 67 -22.62 -32.66 -5.59
N PHE D 68 -21.52 -33.09 -4.99
CA PHE D 68 -20.30 -33.26 -5.75
C PHE D 68 -20.31 -34.66 -6.34
N VAL D 69 -20.09 -34.80 -7.63
CA VAL D 69 -19.91 -36.14 -8.13
C VAL D 69 -18.43 -36.40 -8.07
N LEU D 70 -18.11 -37.40 -7.27
CA LEU D 70 -16.75 -37.70 -6.87
C LEU D 70 -15.97 -38.36 -8.00
N PRO D 71 -14.64 -38.14 -8.04
CA PRO D 71 -13.81 -38.48 -9.20
C PRO D 71 -13.71 -39.99 -9.40
N HIS D 72 -13.63 -40.75 -8.33
CA HIS D 72 -13.56 -42.19 -8.47
C HIS D 72 -14.89 -42.87 -8.09
N GLY D 73 -16.00 -42.15 -8.33
CA GLY D 73 -17.32 -42.71 -8.16
C GLY D 73 -17.99 -42.40 -6.84
N GLY D 74 -19.28 -42.10 -6.91
CA GLY D 74 -20.00 -41.69 -5.73
C GLY D 74 -20.42 -40.23 -5.82
N THR D 75 -21.27 -39.82 -4.90
CA THR D 75 -21.62 -38.42 -4.75
C THR D 75 -21.60 -38.08 -3.29
N VAL D 76 -21.54 -36.79 -3.01
CA VAL D 76 -21.69 -36.31 -1.65
C VAL D 76 -22.56 -35.10 -1.79
N THR D 77 -23.47 -34.96 -0.83
CA THR D 77 -24.44 -33.88 -0.87
C THR D 77 -24.34 -33.12 0.41
N VAL D 78 -24.14 -31.81 0.30
CA VAL D 78 -24.10 -30.97 1.49
C VAL D 78 -24.98 -29.75 1.24
N PRO D 79 -25.69 -29.29 2.28
CA PRO D 79 -25.72 -29.75 3.67
C PRO D 79 -26.42 -31.09 3.80
N ARG D 80 -26.12 -31.83 4.86
CA ARG D 80 -26.89 -33.01 5.21
C ARG D 80 -26.84 -33.33 6.71
N ARG D 81 -27.91 -33.94 7.19
CA ARG D 81 -28.01 -34.29 8.59
C ARG D 81 -26.96 -35.34 8.87
N ARG D 82 -26.00 -34.97 9.71
CA ARG D 82 -24.88 -35.84 10.07
C ARG D 82 -24.69 -35.85 11.58
N PRO D 83 -25.48 -36.65 12.31
CA PRO D 83 -25.35 -36.66 13.78
C PRO D 83 -24.07 -37.34 14.23
N GLU D 84 -23.55 -36.89 15.36
CA GLU D 84 -22.43 -37.59 15.97
C GLU D 84 -23.05 -38.71 16.81
N THR D 85 -22.94 -39.93 16.27
CA THR D 85 -23.51 -41.12 16.90
C THR D 85 -22.57 -41.69 17.98
N ARG D 86 -21.28 -41.46 17.80
CA ARG D 86 -20.25 -41.98 18.70
C ARG D 86 -20.43 -41.55 20.16
N GLU D 87 -20.24 -42.50 21.08
CA GLU D 87 -20.36 -42.23 22.51
C GLU D 87 -19.10 -41.52 22.99
N LEU D 88 -19.27 -40.42 23.72
CA LEU D 88 -18.13 -39.59 24.12
C LEU D 88 -17.92 -39.63 25.62
N LYS D 89 -16.69 -39.93 26.01
CA LYS D 89 -16.35 -39.99 27.42
C LYS D 89 -16.02 -38.61 27.98
N LEU D 90 -17.07 -37.82 28.21
CA LEU D 90 -16.98 -36.45 28.68
C LEU D 90 -18.10 -36.18 29.69
N ALA D 91 -17.85 -35.28 30.63
CA ALA D 91 -18.80 -34.94 31.67
C ALA D 91 -18.94 -33.45 31.82
N GLN D 92 -20.15 -33.00 32.08
CA GLN D 92 -20.41 -31.61 32.44
C GLN D 92 -19.59 -31.29 33.67
N THR D 93 -18.64 -30.36 33.53
CA THR D 93 -17.89 -29.87 34.67
C THR D 93 -18.80 -29.03 35.55
N ASP D 94 -19.74 -28.32 34.93
CA ASP D 94 -20.61 -27.39 35.64
C ASP D 94 -22.01 -27.55 35.10
N GLY D 95 -22.89 -26.60 35.43
CA GLY D 95 -24.28 -26.75 35.06
C GLY D 95 -24.61 -26.12 33.72
N PHE D 96 -24.24 -24.86 33.57
CA PHE D 96 -24.69 -24.06 32.45
C PHE D 96 -24.17 -24.54 31.09
N GLU D 97 -24.83 -24.08 30.03
CA GLU D 97 -24.55 -24.50 28.64
C GLU D 97 -23.14 -24.13 28.17
N GLY D 98 -22.60 -23.04 28.72
CA GLY D 98 -21.31 -22.58 28.30
C GLY D 98 -20.19 -23.36 28.96
N ALA D 99 -20.52 -24.25 29.88
CA ALA D 99 -19.50 -24.94 30.67
C ALA D 99 -18.72 -25.95 29.83
N PRO D 100 -17.39 -26.02 30.01
CA PRO D 100 -16.62 -27.00 29.25
C PRO D 100 -16.85 -28.44 29.79
N LEU D 101 -16.71 -29.43 28.93
CA LEU D 101 -16.81 -30.84 29.34
C LEU D 101 -15.44 -31.35 29.81
N GLN D 102 -15.42 -32.48 30.47
CA GLN D 102 -14.20 -33.02 31.05
C GLN D 102 -14.10 -34.51 30.69
N PRO D 103 -12.94 -34.97 30.21
CA PRO D 103 -12.89 -36.42 29.96
C PRO D 103 -13.09 -37.25 31.22
N THR D 104 -13.86 -38.31 31.07
CA THR D 104 -14.08 -39.24 32.15
C THR D 104 -13.14 -40.46 32.08
N GLY D 105 -12.51 -40.67 30.92
CA GLY D 105 -11.55 -41.77 30.75
C GLY D 105 -10.16 -41.29 30.35
N ASN D 106 -9.53 -41.98 29.41
CA ASN D 106 -8.32 -41.48 28.78
C ASN D 106 -8.69 -40.72 27.52
N PRO D 107 -8.44 -39.41 27.50
CA PRO D 107 -8.94 -38.60 26.39
C PRO D 107 -8.22 -38.93 25.12
N LEU D 108 -6.99 -39.42 25.22
CA LEU D 108 -6.22 -39.77 24.02
C LEU D 108 -6.85 -40.97 23.34
N VAL D 109 -7.39 -41.85 24.16
CA VAL D 109 -7.89 -43.12 23.68
C VAL D 109 -9.38 -42.98 23.42
N ASP D 110 -10.07 -42.35 24.35
CA ASP D 110 -11.46 -42.01 24.15
C ASP D 110 -11.66 -41.04 22.99
N ALA D 111 -10.59 -40.36 22.59
CA ALA D 111 -10.60 -39.42 21.48
C ALA D 111 -11.58 -38.27 21.71
N VAL D 112 -11.29 -37.42 22.68
CA VAL D 112 -12.16 -36.30 22.97
C VAL D 112 -11.31 -35.03 23.11
N GLY D 113 -11.95 -33.86 22.99
CA GLY D 113 -11.21 -32.60 22.95
C GLY D 113 -10.20 -32.56 21.82
N PRO D 114 -8.97 -32.07 22.06
CA PRO D 114 -7.96 -32.03 21.01
C PRO D 114 -7.62 -33.39 20.38
N ALA D 115 -8.14 -34.48 20.95
CA ALA D 115 -7.87 -35.84 20.45
C ALA D 115 -8.99 -36.42 19.58
N SER D 116 -10.02 -35.61 19.28
CA SER D 116 -11.15 -36.03 18.46
C SER D 116 -10.79 -36.16 17.00
N TYR D 117 -11.35 -37.16 16.34
CA TYR D 117 -11.26 -37.19 14.89
C TYR D 117 -12.64 -36.94 14.34
N ALA D 118 -12.71 -36.71 13.03
CA ALA D 118 -13.98 -36.54 12.38
C ALA D 118 -14.42 -37.89 11.86
N GLU D 119 -15.71 -38.03 11.61
CA GLU D 119 -16.27 -39.24 11.03
C GLU D 119 -16.01 -39.24 9.53
N ARG D 120 -14.74 -39.28 9.13
CA ARG D 120 -14.41 -39.30 7.72
C ARG D 120 -14.72 -40.67 7.12
N ALA D 121 -14.73 -40.75 5.81
CA ALA D 121 -14.93 -42.01 5.12
C ALA D 121 -13.85 -43.00 5.48
N GLU D 122 -14.21 -44.26 5.71
CA GLU D 122 -13.19 -45.30 5.77
C GLU D 122 -12.80 -45.69 4.36
N VAL D 123 -12.34 -44.72 3.58
CA VAL D 123 -11.80 -44.99 2.26
C VAL D 123 -10.34 -44.56 2.15
N VAL D 124 -9.58 -45.29 1.33
CA VAL D 124 -8.21 -44.91 1.05
C VAL D 124 -8.26 -43.78 0.07
N ASP D 125 -7.65 -42.67 0.44
CA ASP D 125 -7.51 -41.55 -0.47
C ASP D 125 -6.72 -42.05 -1.69
N ALA D 126 -7.11 -41.57 -2.85
CA ALA D 126 -6.61 -42.07 -4.12
C ALA D 126 -5.85 -41.01 -4.90
N THR D 127 -4.92 -41.46 -5.72
CA THR D 127 -4.31 -40.58 -6.67
C THR D 127 -5.29 -40.38 -7.82
N VAL D 128 -4.95 -39.53 -8.77
CA VAL D 128 -5.86 -39.16 -9.84
C VAL D 128 -6.16 -40.37 -10.73
N ASP D 129 -5.22 -41.31 -10.77
CA ASP D 129 -5.34 -42.48 -11.62
C ASP D 129 -5.70 -43.73 -10.82
N GLY D 130 -6.07 -43.53 -9.55
CA GLY D 130 -6.80 -44.56 -8.85
C GLY D 130 -6.01 -45.32 -7.81
N LYS D 131 -4.71 -45.08 -7.71
CA LYS D 131 -3.92 -45.81 -6.72
C LYS D 131 -4.09 -45.25 -5.31
N ALA D 132 -3.62 -45.99 -4.31
CA ALA D 132 -3.62 -45.49 -2.94
C ALA D 132 -2.65 -44.32 -2.90
N LYS D 133 -3.08 -43.20 -2.35
CA LYS D 133 -2.29 -41.96 -2.43
C LYS D 133 -1.17 -41.91 -1.38
N ILE D 134 -1.48 -42.26 -0.14
CA ILE D 134 -0.48 -42.20 0.91
C ILE D 134 -0.01 -43.61 1.33
N VAL D 135 1.21 -43.94 0.93
CA VAL D 135 1.74 -45.29 1.07
C VAL D 135 3.20 -45.27 1.49
N PRO D 136 3.65 -46.29 2.24
CA PRO D 136 5.02 -46.34 2.76
C PRO D 136 6.01 -46.44 1.59
N LEU D 137 7.25 -46.03 1.78
CA LEU D 137 8.21 -46.07 0.68
C LEU D 137 8.59 -47.50 0.33
N ARG D 138 8.42 -48.41 1.28
CA ARG D 138 8.53 -49.83 0.98
C ARG D 138 7.68 -50.15 -0.26
N VAL D 139 6.54 -49.47 -0.37
CA VAL D 139 5.60 -49.63 -1.47
C VAL D 139 5.90 -48.61 -2.60
N ALA D 140 6.03 -47.34 -2.24
CA ALA D 140 6.31 -46.28 -3.21
C ALA D 140 7.79 -46.29 -3.58
N THR D 141 8.13 -47.15 -4.53
CA THR D 141 9.52 -47.52 -4.77
C THR D 141 10.24 -46.62 -5.80
N ASP D 142 9.47 -46.03 -6.69
CA ASP D 142 9.97 -44.99 -7.57
C ASP D 142 10.15 -43.64 -6.84
N PHE D 143 9.94 -43.64 -5.53
CA PHE D 143 10.11 -42.43 -4.71
C PHE D 143 11.31 -42.54 -3.78
N SER D 144 11.82 -41.39 -3.34
CA SER D 144 13.11 -41.30 -2.70
C SER D 144 13.16 -40.08 -1.81
N ILE D 145 14.18 -40.00 -0.97
CA ILE D 145 14.42 -38.81 -0.15
C ILE D 145 15.44 -37.94 -0.88
N ALA D 146 15.12 -36.68 -1.12
CA ALA D 146 16.00 -35.77 -1.85
C ALA D 146 17.41 -35.73 -1.26
N GLU D 147 18.39 -35.71 -2.16
CA GLU D 147 19.78 -35.79 -1.76
C GLU D 147 20.06 -34.54 -0.98
N GLY D 148 20.25 -34.71 0.31
CA GLY D 148 20.58 -33.59 1.15
C GLY D 148 19.87 -33.71 2.47
N ASP D 149 18.69 -34.35 2.45
CA ASP D 149 17.89 -34.41 3.65
C ASP D 149 18.19 -35.68 4.43
N VAL D 150 17.80 -35.67 5.69
CA VAL D 150 17.98 -36.82 6.56
C VAL D 150 17.09 -37.94 6.06
N ASP D 151 17.64 -39.16 6.10
CA ASP D 151 16.87 -40.38 5.93
C ASP D 151 16.65 -40.93 7.35
N PRO D 152 15.41 -40.86 7.84
CA PRO D 152 15.21 -41.08 9.27
C PRO D 152 15.11 -42.57 9.56
N ARG D 153 15.01 -43.37 8.49
CA ARG D 153 14.95 -44.83 8.61
C ARG D 153 16.17 -45.37 9.36
N GLY D 154 15.93 -45.90 10.56
CA GLY D 154 17.01 -46.28 11.46
C GLY D 154 17.17 -45.40 12.70
N LEU D 155 16.80 -44.12 12.61
CA LEU D 155 16.96 -43.21 13.73
C LEU D 155 16.00 -43.55 14.85
N PRO D 156 16.41 -43.30 16.10
CA PRO D 156 15.49 -43.39 17.25
C PRO D 156 14.46 -42.25 17.27
N VAL D 157 13.25 -42.56 17.74
CA VAL D 157 12.25 -41.55 18.07
C VAL D 157 12.32 -41.33 19.56
N VAL D 158 12.25 -40.08 19.98
CA VAL D 158 12.44 -39.75 21.37
C VAL D 158 11.26 -38.94 21.83
N ALA D 159 10.59 -39.43 22.86
CA ALA D 159 9.29 -38.93 23.26
C ALA D 159 9.42 -37.71 24.17
N ALA D 160 8.32 -37.10 24.57
CA ALA D 160 8.38 -35.84 25.33
C ALA D 160 9.19 -35.99 26.60
N ASP D 161 9.26 -37.22 27.08
CA ASP D 161 9.87 -37.54 28.35
C ASP D 161 11.33 -37.94 28.23
N GLY D 162 11.96 -37.63 27.11
CA GLY D 162 13.37 -37.87 26.98
C GLY D 162 13.72 -39.31 26.66
N VAL D 163 12.72 -40.18 26.65
CA VAL D 163 12.95 -41.61 26.49
C VAL D 163 12.78 -42.01 25.03
N GLU D 164 13.66 -42.88 24.54
CA GLU D 164 13.52 -43.45 23.21
C GLU D 164 12.32 -44.38 23.18
N ALA D 165 11.48 -44.24 22.16
CA ALA D 165 10.18 -44.87 22.15
C ALA D 165 10.08 -45.86 20.99
N GLY D 166 11.00 -45.78 20.04
CA GLY D 166 10.98 -46.69 18.92
C GLY D 166 12.01 -46.29 17.90
N THR D 167 11.94 -46.90 16.73
CA THR D 167 12.94 -46.74 15.67
C THR D 167 12.22 -46.49 14.36
N VAL D 168 12.58 -45.43 13.64
CA VAL D 168 11.90 -45.14 12.40
C VAL D 168 12.22 -46.26 11.44
N THR D 169 11.21 -46.65 10.68
CA THR D 169 11.22 -47.84 9.90
C THR D 169 10.88 -47.49 8.46
N ASP D 170 10.03 -46.47 8.28
CA ASP D 170 9.64 -46.02 6.94
C ASP D 170 9.07 -44.60 6.97
N LEU D 171 9.02 -44.00 5.79
CA LEU D 171 8.34 -42.73 5.55
C LEU D 171 7.16 -43.06 4.63
N TRP D 172 5.99 -42.48 4.89
CA TRP D 172 4.88 -42.54 3.94
C TRP D 172 4.81 -41.27 3.10
N VAL D 173 4.81 -41.43 1.78
CA VAL D 173 4.85 -40.31 0.86
C VAL D 173 3.46 -40.08 0.29
N ASP D 174 3.18 -38.83 -0.09
CA ASP D 174 1.94 -38.46 -0.75
C ASP D 174 2.32 -38.47 -2.21
N ARG D 175 1.84 -39.46 -2.93
CA ARG D 175 2.18 -39.64 -4.35
C ARG D 175 1.47 -38.67 -5.29
N SER D 176 0.45 -37.97 -4.81
CA SER D 176 -0.22 -36.97 -5.61
C SER D 176 0.53 -35.64 -5.54
N GLU D 177 1.23 -35.42 -4.44
CA GLU D 177 1.84 -34.11 -4.20
C GLU D 177 3.33 -34.19 -3.96
N HIS D 178 3.86 -35.41 -3.96
CA HIS D 178 5.28 -35.68 -3.81
C HIS D 178 5.75 -35.09 -2.50
N TYR D 179 5.19 -35.60 -1.41
CA TYR D 179 5.36 -34.93 -0.16
C TYR D 179 5.16 -35.93 0.96
N PHE D 180 6.20 -36.16 1.75
CA PHE D 180 6.10 -37.03 2.91
C PHE D 180 5.07 -36.49 3.92
N ARG D 181 4.21 -37.36 4.44
CA ARG D 181 3.27 -36.95 5.49
C ARG D 181 3.33 -37.71 6.84
N TYR D 182 3.88 -38.92 6.85
CA TYR D 182 4.08 -39.66 8.11
C TYR D 182 5.45 -40.34 8.20
N LEU D 183 5.90 -40.59 9.42
CA LEU D 183 6.95 -41.57 9.63
C LEU D 183 6.32 -42.76 10.30
N GLU D 184 6.87 -43.94 10.02
CA GLU D 184 6.42 -45.18 10.63
C GLU D 184 7.52 -45.68 11.52
N LEU D 185 7.16 -46.04 12.74
CA LEU D 185 8.15 -46.48 13.70
C LEU D 185 7.77 -47.82 14.28
N SER D 186 8.78 -48.63 14.58
CA SER D 186 8.64 -49.81 15.40
C SER D 186 8.57 -49.39 16.86
N VAL D 187 7.45 -49.68 17.51
CA VAL D 187 7.27 -49.24 18.89
C VAL D 187 8.06 -50.14 19.82
N ALA D 188 8.90 -49.51 20.62
CA ALA D 188 9.84 -50.24 21.48
C ALA D 188 9.10 -51.12 22.46
N GLY D 189 9.46 -52.41 22.46
CA GLY D 189 8.94 -53.32 23.46
C GLY D 189 7.50 -53.65 23.19
N SER D 190 7.02 -53.18 22.05
CA SER D 190 5.73 -53.57 21.53
C SER D 190 5.97 -54.28 20.21
N ALA D 191 5.00 -55.10 19.86
CA ALA D 191 4.98 -55.70 18.55
C ALA D 191 3.97 -54.92 17.74
N ARG D 192 4.28 -53.65 17.49
CA ARG D 192 3.44 -52.82 16.64
C ARG D 192 4.26 -51.72 16.01
N THR D 193 3.82 -51.26 14.85
CA THR D 193 4.23 -49.96 14.33
C THR D 193 3.24 -48.88 14.72
N ALA D 194 3.72 -47.64 14.71
CA ALA D 194 2.85 -46.51 14.84
C ALA D 194 3.27 -45.63 13.69
N LEU D 195 2.30 -44.89 13.16
CA LEU D 195 2.59 -43.78 12.24
C LEU D 195 2.60 -42.52 13.07
N ILE D 196 3.40 -41.55 12.67
CA ILE D 196 3.36 -40.24 13.29
C ILE D 196 3.47 -39.20 12.20
N PRO D 197 2.53 -38.25 12.19
CA PRO D 197 2.46 -37.27 11.09
C PRO D 197 3.72 -36.44 11.15
N LEU D 198 4.26 -36.02 10.02
CA LEU D 198 5.57 -35.38 10.03
C LEU D 198 5.60 -34.04 10.77
N GLY D 199 4.43 -33.43 10.94
CA GLY D 199 4.35 -32.22 11.75
C GLY D 199 4.54 -32.37 13.25
N PHE D 200 4.58 -33.59 13.78
CA PHE D 200 4.83 -33.76 15.22
C PHE D 200 6.26 -34.17 15.50
N CYS D 201 7.10 -33.94 14.51
CA CYS D 201 8.39 -34.56 14.45
C CYS D 201 9.39 -33.45 14.29
N ASP D 202 10.32 -33.36 15.23
CA ASP D 202 11.52 -32.60 14.99
C ASP D 202 12.60 -33.53 14.45
N VAL D 203 12.95 -33.34 13.19
CA VAL D 203 13.87 -34.23 12.50
C VAL D 203 15.31 -33.76 12.64
N LYS D 204 16.03 -34.38 13.56
CA LYS D 204 17.46 -34.14 13.72
C LYS D 204 18.26 -35.13 12.90
N LYS D 205 19.59 -34.97 12.94
CA LYS D 205 20.48 -35.80 12.13
C LYS D 205 20.61 -37.20 12.69
N ASP D 206 20.21 -37.36 13.96
CA ASP D 206 20.61 -38.51 14.77
C ASP D 206 19.44 -39.01 15.61
N LYS D 207 18.29 -38.37 15.45
CA LYS D 207 17.08 -38.75 16.16
C LYS D 207 15.92 -37.93 15.66
N ILE D 208 14.73 -38.46 15.89
CA ILE D 208 13.50 -37.78 15.58
C ILE D 208 12.89 -37.48 16.94
N VAL D 209 12.63 -36.21 17.21
CA VAL D 209 12.12 -35.81 18.51
C VAL D 209 10.63 -35.50 18.42
N VAL D 210 9.88 -36.05 19.34
CA VAL D 210 8.44 -35.92 19.31
C VAL D 210 7.99 -35.42 20.68
N THR D 211 7.57 -34.16 20.79
CA THR D 211 7.14 -33.63 22.11
C THR D 211 5.67 -33.78 22.50
N SER D 212 4.79 -34.08 21.56
CA SER D 212 3.37 -34.17 21.87
C SER D 212 3.07 -35.17 23.00
N ILE D 213 3.72 -36.33 22.96
CA ILE D 213 3.39 -37.41 23.88
C ILE D 213 4.62 -38.07 24.49
N LEU D 214 4.40 -38.73 25.62
CA LEU D 214 5.45 -39.43 26.34
C LEU D 214 5.66 -40.79 25.71
N SER D 215 6.83 -41.37 25.92
CA SER D 215 7.19 -42.63 25.25
C SER D 215 6.17 -43.71 25.53
N GLU D 216 5.59 -43.70 26.73
CA GLU D 216 4.57 -44.67 27.15
C GLU D 216 3.33 -44.66 26.26
N GLN D 217 3.03 -43.52 25.63
CA GLN D 217 1.77 -43.32 24.95
C GLN D 217 1.79 -43.68 23.46
N PHE D 218 2.97 -44.03 22.94
CA PHE D 218 3.05 -44.59 21.57
C PHE D 218 2.38 -45.96 21.49
N ALA D 219 2.33 -46.65 22.62
CA ALA D 219 1.68 -47.94 22.74
C ALA D 219 0.28 -47.90 22.18
N ASN D 220 -0.44 -46.82 22.45
CA ASN D 220 -1.86 -46.74 22.12
C ASN D 220 -2.17 -45.85 20.93
N VAL D 221 -1.13 -45.42 20.21
CA VAL D 221 -1.36 -44.79 18.93
C VAL D 221 -2.32 -45.69 18.16
N PRO D 222 -3.35 -45.11 17.51
CA PRO D 222 -4.27 -45.86 16.63
C PRO D 222 -3.59 -46.80 15.64
N ARG D 223 -4.23 -47.94 15.41
CA ARG D 223 -3.67 -48.99 14.55
C ARG D 223 -4.40 -49.00 13.20
N LEU D 224 -3.64 -49.11 12.12
CA LEU D 224 -4.23 -49.22 10.79
C LEU D 224 -4.74 -50.64 10.58
N GLN D 225 -5.72 -50.81 9.69
CA GLN D 225 -6.22 -52.14 9.36
C GLN D 225 -5.30 -52.86 8.38
N SER D 226 -4.81 -52.15 7.37
CA SER D 226 -3.77 -52.70 6.51
C SER D 226 -2.42 -52.18 6.99
N ARG D 227 -1.36 -52.66 6.37
CA ARG D 227 -0.01 -52.26 6.74
C ARG D 227 0.52 -51.19 5.80
N ASP D 228 -0.02 -51.15 4.58
CA ASP D 228 0.55 -50.37 3.48
C ASP D 228 -0.49 -49.43 2.91
N GLN D 229 -1.60 -49.31 3.60
CA GLN D 229 -2.69 -48.43 3.22
C GLN D 229 -3.17 -47.73 4.46
N ILE D 230 -3.81 -46.58 4.26
CA ILE D 230 -4.45 -45.83 5.34
C ILE D 230 -5.68 -45.08 4.81
N THR D 231 -6.78 -45.20 5.54
CA THR D 231 -8.06 -44.55 5.18
C THR D 231 -8.13 -43.09 5.66
N LEU D 232 -9.01 -42.32 5.05
CA LEU D 232 -9.21 -40.96 5.49
C LEU D 232 -9.54 -40.90 6.97
N ARG D 233 -10.38 -41.80 7.44
CA ARG D 233 -10.77 -41.71 8.83
C ARG D 233 -9.61 -42.11 9.73
N GLU D 234 -8.73 -42.95 9.21
CA GLU D 234 -7.58 -43.41 9.99
C GLU D 234 -6.52 -42.32 10.17
N GLU D 235 -6.21 -41.63 9.08
CA GLU D 235 -5.36 -40.44 9.14
C GLU D 235 -5.86 -39.47 10.21
N ASP D 236 -7.17 -39.32 10.32
CA ASP D 236 -7.73 -38.39 11.29
C ASP D 236 -7.47 -38.90 12.69
N LYS D 237 -7.58 -40.21 12.85
CA LYS D 237 -7.37 -40.85 14.13
C LYS D 237 -5.93 -40.77 14.61
N VAL D 238 -4.99 -41.10 13.73
CA VAL D 238 -3.55 -41.03 14.00
C VAL D 238 -3.10 -39.59 14.38
N SER D 239 -3.41 -38.64 13.51
CA SER D 239 -3.16 -37.21 13.76
C SER D 239 -3.75 -36.69 15.07
N ALA D 240 -5.06 -36.86 15.23
CA ALA D 240 -5.73 -36.39 16.43
C ALA D 240 -5.08 -36.93 17.70
N TYR D 241 -4.57 -38.17 17.65
CA TYR D 241 -3.98 -38.81 18.81
C TYR D 241 -2.86 -37.96 19.39
N TYR D 242 -1.92 -37.57 18.54
CA TYR D 242 -0.79 -36.78 18.99
C TYR D 242 -1.19 -35.36 19.36
N ALA D 243 -2.09 -34.78 18.57
CA ALA D 243 -2.68 -33.48 18.89
C ALA D 243 -3.24 -33.48 20.32
N GLY D 244 -3.84 -34.60 20.72
CA GLY D 244 -4.36 -34.73 22.06
C GLY D 244 -3.27 -34.70 23.12
N GLY D 245 -2.09 -35.18 22.77
CA GLY D 245 -0.96 -35.08 23.67
C GLY D 245 -0.68 -33.66 24.13
N LEU D 246 -0.91 -32.68 23.27
CA LEU D 246 -0.51 -31.31 23.56
C LEU D 246 -1.26 -30.77 24.77
N LEU D 247 -2.48 -31.25 24.96
CA LEU D 247 -3.31 -30.79 26.07
C LEU D 247 -3.28 -31.81 27.20
N TYR D 248 -2.98 -33.07 26.87
CA TYR D 248 -3.31 -34.19 27.74
C TYR D 248 -2.15 -35.13 28.06
N ALA D 249 -0.98 -34.96 27.45
CA ALA D 249 0.12 -35.90 27.68
C ALA D 249 0.50 -35.97 29.15
N THR D 250 0.34 -34.88 29.90
CA THR D 250 0.58 -34.88 31.36
C THR D 250 -0.40 -33.91 32.06
N PRO D 251 -0.59 -34.05 33.39
CA PRO D 251 -1.67 -33.30 34.07
C PRO D 251 -1.50 -31.78 34.04
N GLU D 252 -0.26 -31.33 33.91
CA GLU D 252 0.03 -29.92 33.86
C GLU D 252 -0.57 -29.28 32.62
N ARG D 253 -0.56 -30.02 31.51
CA ARG D 253 -0.77 -29.43 30.20
C ARG D 253 -2.15 -28.80 29.91
N ALA D 254 -3.19 -29.20 30.63
CA ALA D 254 -4.50 -28.60 30.42
C ALA D 254 -4.62 -27.28 31.17
N GLU D 255 -3.84 -27.11 32.23
CA GLU D 255 -3.95 -25.96 33.13
C GLU D 255 -3.31 -24.69 32.56
N SER D 256 -3.51 -23.58 33.26
CA SER D 256 -2.96 -22.30 32.86
C SER D 256 -1.49 -22.44 32.56
N LEU D 257 -1.07 -21.92 31.41
CA LEU D 257 0.35 -21.82 31.11
C LEU D 257 1.10 -21.04 32.16
N LEU D 258 0.49 -19.96 32.66
CA LEU D 258 1.13 -19.06 33.62
C LEU D 258 0.23 -18.86 34.85
CHA HEM E . 26.82 56.37 -10.63
CHB HEM E . 30.87 55.92 -7.95
CHC HEM E . 30.45 51.12 -7.97
CHD HEM E . 26.71 51.54 -11.06
C1A HEM E . 27.98 56.67 -9.91
C2A HEM E . 28.49 58.00 -9.68
C3A HEM E . 29.58 57.88 -8.88
C4A HEM E . 29.82 56.47 -8.70
CMA HEM E . 30.35 59.10 -8.34
CAA HEM E . 28.05 59.34 -10.23
CBA HEM E . 28.90 59.67 -11.46
CGA HEM E . 28.15 60.47 -12.48
O1A HEM E . 27.37 59.84 -13.24
O2A HEM E . 28.29 61.71 -12.50
C1B HEM E . 31.11 54.58 -7.74
C2B HEM E . 32.15 54.05 -6.90
C3B HEM E . 31.90 52.74 -6.74
C4B HEM E . 30.87 52.39 -7.68
CMB HEM E . 33.31 54.80 -6.29
CAB HEM E . 32.47 51.70 -5.83
CBB HEM E . 32.59 52.19 -4.39
C1C HEM E . 29.41 50.81 -8.85
C2C HEM E . 29.10 49.49 -9.31
C3C HEM E . 28.13 49.60 -10.25
C4C HEM E . 27.76 51.02 -10.31
CMC HEM E . 29.84 48.26 -8.82
CAC HEM E . 27.44 48.62 -11.20
CBC HEM E . 26.76 47.42 -10.53
C1D HEM E . 26.36 52.89 -11.19
C2D HEM E . 25.18 53.42 -11.89
C3D HEM E . 25.15 54.76 -11.67
C4D HEM E . 26.36 55.09 -10.95
CMD HEM E . 24.12 52.71 -12.74
CAD HEM E . 24.02 55.65 -12.12
CBD HEM E . 23.07 55.78 -10.95
CGD HEM E . 21.81 56.53 -11.30
O1D HEM E . 21.16 57.03 -10.37
O2D HEM E . 21.43 56.59 -12.49
NA HEM E . 28.85 55.73 -9.37
NB HEM E . 30.35 53.53 -8.24
NC HEM E . 28.64 51.74 -9.52
ND HEM E . 27.04 53.93 -10.60
FE HEM E . 28.68 53.71 -9.47
CHA HEM F . 22.05 41.04 -13.58
CHB HEM F . 23.08 44.82 -10.73
CHC HEM F . 19.26 43.68 -7.91
CHD HEM F . 18.59 39.57 -10.45
C1A HEM F . 22.67 42.17 -13.05
C2A HEM F . 23.86 42.79 -13.58
C3A HEM F . 24.22 43.75 -12.70
C4A HEM F . 23.14 43.86 -11.74
CMA HEM F . 25.50 44.58 -12.68
CAA HEM F . 24.55 42.43 -14.85
CBA HEM F . 25.48 41.30 -14.52
CGA HEM F . 26.27 40.82 -15.70
O1A HEM F . 27.51 40.82 -15.63
O2A HEM F . 25.64 40.48 -16.73
C1B HEM F . 22.14 44.83 -9.69
C2B HEM F . 22.01 45.88 -8.72
C3B HEM F . 20.91 45.61 -7.97
C4B HEM F . 20.38 44.34 -8.45
CMB HEM F . 22.97 47.05 -8.56
CAB HEM F . 20.25 46.27 -6.76
CBB HEM F . 19.97 47.75 -6.93
C1C HEM F . 18.77 42.44 -8.33
C2C HEM F . 17.67 41.73 -7.71
C3C HEM F . 17.54 40.54 -8.36
C4C HEM F . 18.50 40.54 -9.43
CMC HEM F . 16.90 42.21 -6.53
CAC HEM F . 16.71 39.31 -8.19
CBC HEM F . 15.24 39.69 -8.15
C1D HEM F . 19.46 39.63 -11.55
C2D HEM F . 19.47 38.71 -12.67
C3D HEM F . 20.28 39.24 -13.61
C4D HEM F . 20.98 40.35 -13.01
CMD HEM F . 18.62 37.42 -12.79
CAD HEM F . 20.39 38.83 -15.08
CBD HEM F . 21.43 37.80 -15.38
CGD HEM F . 22.78 38.42 -15.60
O1D HEM F . 22.91 39.27 -16.51
O2D HEM F . 23.70 38.11 -14.82
NA HEM F . 22.30 42.79 -11.90
NB HEM F . 21.17 43.87 -9.49
NC HEM F . 19.29 41.68 -9.35
ND HEM F . 20.38 40.64 -11.80
FE HEM F . 20.82 42.22 -10.65
CHA HEM G . -2.19 25.80 -6.22
CHB HEM G . -0.77 21.30 -5.25
CHC HEM G . 2.83 23.04 -2.59
CHD HEM G . 1.00 27.52 -3.01
C1A HEM G . -2.12 24.43 -6.18
C2A HEM G . -3.00 23.55 -6.89
C3A HEM G . -2.64 22.30 -6.58
C4A HEM G . -1.49 22.39 -5.72
CMA HEM G . -3.35 21.04 -7.00
CAA HEM G . -4.15 23.91 -7.80
CBA HEM G . -5.31 24.56 -7.08
CGA HEM G . -6.51 24.73 -7.96
O1A HEM G . -6.61 24.03 -8.98
O2A HEM G . -7.35 25.58 -7.65
C1B HEM G . 0.32 21.36 -4.42
C2B HEM G . 1.09 20.23 -4.00
C3B HEM G . 2.18 20.72 -3.34
C4B HEM G . 2.01 22.17 -3.28
CMB HEM G . 0.66 18.81 -4.35
CAB HEM G . 3.43 20.07 -2.66
CBB HEM G . 4.25 19.26 -3.69
C1C HEM G . 2.64 24.42 -2.43
C2C HEM G . 3.38 25.28 -1.53
C3C HEM G . 2.78 26.49 -1.53
C4C HEM G . 1.74 26.43 -2.54
CMC HEM G . 4.57 24.87 -0.68
CAC HEM G . 2.97 27.80 -0.75
CBC HEM G . 4.42 28.36 -0.67
C1D HEM G . 0.02 27.44 -4.00
C2D HEM G . -0.66 28.58 -4.59
C3D HEM G . -1.50 28.10 -5.53
C4D HEM G . -1.38 26.66 -5.49
CMD HEM G . -0.46 30.03 -4.26
CAD HEM G . -2.45 28.85 -6.45
CBD HEM G . -1.83 29.25 -7.80
CGD HEM G . -2.53 30.42 -8.46
O1D HEM G . -1.98 31.00 -9.40
O2D HEM G . -3.64 30.77 -8.04
NA HEM G . -1.22 23.70 -5.42
NB HEM G . 0.86 22.55 -3.93
NC HEM G . 1.61 25.12 -2.99
ND HEM G . -0.39 26.27 -4.61
FE HEM G . 0.25 24.46 -4.18
CHA HEM H . 8.32 35.60 1.53
CHB HEM H . 6.87 32.23 -1.61
CHC HEM H . 9.47 34.34 -5.11
CHD HEM H . 11.21 37.47 -1.89
C1A HEM H . 7.69 34.48 1.00
C2A HEM H . 6.72 33.66 1.68
C3A HEM H . 6.38 32.67 0.83
C4A HEM H . 7.07 32.93 -0.42
CMA HEM H . 5.43 31.53 1.13
CAA HEM H . 6.20 33.86 3.04
CBA HEM H . 6.96 32.98 3.98
CGA HEM H . 6.49 33.10 5.41
O1A HEM H . 5.69 34.00 5.72
O2A HEM H . 6.91 32.27 6.23
C1B HEM H . 7.45 32.53 -2.84
C2B HEM H . 7.19 31.78 -4.05
C3B HEM H . 7.92 32.36 -5.04
C4B HEM H . 8.59 33.49 -4.44
CMB HEM H . 6.20 30.66 -4.10
CAB HEM H . 8.11 32.12 -6.53
CBB HEM H . 6.84 32.19 -7.36
C1C HEM H . 10.22 35.36 -4.54
C2C HEM H . 11.26 36.09 -5.21
C3C HEM H . 11.82 36.90 -4.28
C4C HEM H . 11.06 36.73 -3.05
CMC HEM H . 11.68 35.93 -6.66
CAC HEM H . 12.95 37.94 -4.28
CBC HEM H . 12.71 39.11 -5.26
C1D HEM H . 10.56 37.26 -0.69
C2D HEM H . 10.74 38.04 0.50
C3D HEM H . 10.00 37.45 1.48
C4D HEM H . 9.23 36.41 0.86
CMD HEM H . 11.67 39.23 0.65
CAD HEM H . 10.08 37.66 2.95
CBD HEM H . 8.92 38.37 3.61
CGD HEM H . 9.07 38.38 5.12
O1D HEM H . 8.04 38.59 5.82
O2D HEM H . 10.21 38.21 5.62
NA HEM H . 7.90 34.03 -0.30
NB HEM H . 8.33 33.56 -3.10
NC HEM H . 10.16 35.70 -3.20
ND HEM H . 9.63 36.26 -0.45
FE HEM H . 9.05 34.88 -1.76
MG BCB I . -0.05 4.57 0.79
CHA BCB I . 0.92 3.27 3.85
CHB BCB I . -1.13 1.40 -0.16
CHC BCB I . -0.99 5.83 -2.25
CHD BCB I . 0.30 7.73 2.06
NA BCB I . -0.11 2.60 1.73
C1A BCB I . 0.45 2.28 2.97
C2A BCB I . 0.38 0.77 3.17
C3A BCB I . -0.57 0.31 2.10
C4A BCB I . -0.66 1.47 1.13
CMA BCB I . -0.05 -0.95 1.40
CAA BCB I . -0.07 0.24 4.55
CBA BCB I . -1.37 0.78 5.03
CGA BCB I . -1.48 0.76 6.53
O1A BCB I . -0.63 1.26 7.26
O2A BCB I . -2.53 0.18 7.15
NB BCB I . -0.83 3.75 -0.91
C1B BCB I . -1.18 2.43 -1.11
C2B BCB I . -1.53 2.25 -2.49
C3B BCB I . -1.52 3.48 -3.08
C4B BCB I . -1.10 4.44 -2.08
CMB BCB I . -1.82 0.84 -3.07
CAB BCB I . -1.81 3.95 -4.42
OBB BCB I . -1.59 5.08 -4.87
CBB BCB I . -2.42 2.91 -5.33
NC BCB I . -0.28 6.48 0.04
C1C BCB I . -0.61 6.76 -1.27
C2C BCB I . -0.58 8.26 -1.44
C3C BCB I . -0.37 8.80 -0.07
C4C BCB I . -0.11 7.68 0.74
CMC BCB I . 0.60 8.67 -2.33
CAC BCB I . -0.52 10.10 0.40
CBC BCB I . -0.87 11.33 -0.47
ND BCB I . 0.42 5.36 2.53
C1D BCB I . 0.57 6.67 2.91
C2D BCB I . 1.11 6.76 4.24
C3D BCB I . 1.31 5.47 4.64
C4D BCB I . 0.83 4.62 3.59
CMD BCB I . 1.40 8.03 5.00
CAD BCB I . 1.86 4.61 5.67
OBD BCB I . 2.40 4.87 6.74
CBD BCB I . 1.65 3.15 5.22
CGD BCB I . 3.03 2.61 4.86
O1D BCB I . 3.28 1.42 5.18
O2D BCB I . 3.89 3.38 4.13
CED BCB I . 5.12 2.92 3.86
C1 BCB I . -2.59 0.31 8.58
C2 BCB I . -3.58 -0.53 9.03
C3 BCB I . -3.71 -0.92 10.35
C4 BCB I . -2.72 -0.43 11.40
C5 BCB I . -4.80 -1.86 10.77
C6 BCB I . -4.99 -1.96 12.25
C7 BCB I . -6.05 -2.95 12.58
C8 BCB I . -6.08 -3.30 14.05
C9 BCB I . -5.02 -4.33 14.27
C10 BCB I . -7.45 -3.79 14.50
C11 BCB I . -8.54 -2.77 14.28
C12 BCB I . -9.88 -3.36 14.67
C13 BCB I . -11.09 -2.46 14.43
C14 BCB I . -11.06 -1.26 15.36
C15 BCB I . -12.16 -3.44 14.88
C16 BCB I . -13.54 -3.12 14.39
C17 BCB I . -14.51 -4.15 14.91
C18 BCB I . -15.71 -4.41 14.00
C19 BCB I . -16.54 -5.48 14.66
C20 BCB I . -15.22 -4.88 12.67
MG BCB J . -8.22 3.05 7.56
CHA BCB J . -10.39 2.76 4.82
CHB BCB J . -10.59 1.46 9.50
CHC BCB J . -5.88 2.63 10.01
CHD BCB J . -5.74 4.00 5.34
NA BCB J . -10.26 2.36 7.24
C1A BCB J . -10.94 2.32 6.03
C2A BCB J . -12.30 1.69 6.23
C3A BCB J . -12.45 1.66 7.72
C4A BCB J . -11.03 1.81 8.24
CMA BCB J . -13.25 2.87 8.20
CAA BCB J . -12.35 0.27 5.66
CBA BCB J . -11.18 -0.57 6.13
CGA BCB J . -11.27 -2.00 5.72
O1A BCB J . -12.27 -2.44 5.20
O2A BCB J . -10.21 -2.83 5.98
NB BCB J . -8.22 2.11 9.36
C1B BCB J . -9.31 1.58 10.01
C2B BCB J . -8.92 1.13 11.32
C3B BCB J . -7.62 1.51 11.51
C4B BCB J . -7.16 2.11 10.25
CMB BCB J . -9.85 0.34 12.25
CAB BCB J . -6.68 1.39 12.61
OBB BCB J . -5.46 1.28 12.46
CBB BCB J . -7.28 0.94 13.92
NC BCB J . -6.16 3.34 7.67
C1C BCB J . -5.44 3.22 8.83
C2C BCB J . -4.09 3.86 8.61
C3C BCB J . -4.01 4.08 7.12
C4C BCB J . -5.30 3.79 6.65
CMC BCB J . -4.01 5.21 9.31
CAC BCB J . -2.87 4.33 6.37
CBC BCB J . -1.49 4.48 6.98
ND BCB J . -8.05 3.27 5.56
C1D BCB J . -7.01 3.79 4.82
C2D BCB J . -7.51 4.27 3.54
C3D BCB J . -8.80 3.84 3.47
C4D BCB J . -9.11 3.23 4.72
CMD BCB J . -6.77 5.12 2.56
CAD BCB J . -9.99 3.80 2.67
OBD BCB J . -10.30 4.44 1.67
CBD BCB J . -11.03 2.99 3.44
CGD BCB J . -12.23 3.94 3.68
O1D BCB J . -13.25 3.68 3.01
O2D BCB J . -12.18 5.03 4.52
CED BCB J . -13.35 5.56 4.99
C1 BCB J . -10.41 -4.24 5.72
C2 BCB J . -11.07 -4.83 6.83
C3 BCB J . -12.23 -5.58 6.73
C4 BCB J . -13.00 -5.90 5.45
C5 BCB J . -12.94 -6.18 7.93
C6 BCB J . -14.03 -5.25 8.35
C7 BCB J . -13.47 -4.11 9.14
C8 BCB J . -14.50 -3.03 9.42
C9 BCB J . -15.00 -2.42 8.14
C10 BCB J . -13.84 -1.95 10.25
C11 BCB J . -14.78 -0.85 10.63
C12 BCB J . -14.18 -0.08 11.74
C13 BCB J . -15.13 0.92 12.40
C14 BCB J . -15.59 1.90 11.37
C15 BCB J . -14.15 1.65 13.30
C16 BCB J . -14.76 2.10 14.60
C17 BCB J . -14.84 0.95 15.53
C18 BCB J . -15.84 1.18 16.65
C19 BCB J . -15.38 2.33 17.54
C20 BCB J . -16.01 -0.10 17.46
C1 BPB K . -11.21 -6.33 19.50
C2 BPB K . -11.68 -4.99 19.42
C3 BPB K . -12.90 -4.51 18.95
C4 BPB K . -14.05 -5.34 18.37
C5 BPB K . -13.22 -3.03 19.12
C6 BPB K . -12.08 -2.13 19.62
C7 BPB K . -12.57 -0.70 19.76
C8 BPB K . -11.57 0.26 20.40
C9 BPB K . -11.60 0.12 21.91
NA BPB K . -8.77 -7.38 11.86
NB BPB K . -7.80 -5.52 10.04
NC BPB K . -5.47 -7.38 9.36
ND BPB K . -6.41 -9.20 11.06
C10 BPB K . -12.05 1.64 19.97
C11 BPB K . -11.76 2.00 18.49
C12 BPB K . -10.34 2.50 18.32
C13 BPB K . -9.93 2.75 16.86
C14 BPB K . -8.47 3.13 16.86
C15 BPB K . -10.74 3.73 16.02
C16 BPB K . -10.18 3.95 14.63
C17 BPB K . -11.28 4.24 13.64
C18 BPB K . -10.85 5.05 12.40
C19 BPB K . -11.84 4.81 11.29
C1A BPB K . -9.00 -8.44 12.74
O1A BPB K . -9.50 -6.56 17.53
C1B BPB K . -8.94 -4.80 10.32
C1C BPB K . -5.17 -6.26 8.62
C1D BPB K . -5.44 -10.04 10.67
O1D BPB K . -10.47 -11.62 14.47
C20 BPB K . -9.42 4.86 11.91
C2A BPB K . -10.19 -8.12 13.59
O2A BPB K . -11.58 -7.01 18.27
C2B BPB K . -8.93 -3.49 9.71
C2C BPB K . -3.86 -6.49 7.94
C2D BPB K . -5.53 -11.34 11.29
O2D BPB K . -10.34 -11.44 12.13
C3A BPB K . -10.84 -6.94 12.91
C3B BPB K . -7.82 -3.44 8.91
C3C BPB K . -3.48 -7.92 8.27
C3D BPB K . -6.60 -11.23 12.15
C4A BPB K . -9.80 -6.44 11.93
C4B BPB K . -7.10 -4.70 9.13
C4C BPB K . -4.49 -8.37 9.12
C4D BPB K . -7.13 -9.89 11.99
CAA BPB K . -9.76 -7.72 15.00
CAB BPB K . -7.28 -2.41 7.99
CAC BPB K . -2.30 -8.58 8.05
CAD BPB K . -7.41 -11.86 13.17
CBA BPB K . -10.90 -7.75 15.99
CBB BPB K . -6.20 -2.66 6.98
OBB BPB K . -7.74 -1.26 8.05
CBC BPB K . -1.11 -7.96 7.33
CBD BPB K . -8.39 -10.83 13.72
OBD BPB K . -7.27 -12.92 13.74
CED BPB K . -11.62 -11.88 11.93
CGA BPB K . -10.60 -7.06 17.29
CGD BPB K . -9.78 -11.37 13.45
CHA BPB K . -8.23 -9.61 12.80
CHB BPB K . -9.90 -5.25 11.21
CHC BPB K . -5.90 -5.08 8.50
CHD BPB K . -4.51 -9.63 9.73
CMA BPB K . -12.11 -7.36 12.16
CMB BPB K . -9.94 -2.36 10.01
CMC BPB K . -4.07 -6.30 6.43
CMD BPB K . -4.57 -12.54 11.01
N1 LDA L . -24.18 11.09 5.38
O1 LDA L . -25.16 11.72 5.83
CM1 LDA L . -22.98 11.76 5.80
CM2 LDA L . -24.14 9.75 5.92
C1 LDA L . -24.19 11.03 3.91
C2 LDA L . -25.04 10.35 2.83
C3 LDA L . -24.64 10.83 1.42
C4 LDA L . -24.22 9.69 0.49
C5 LDA L . -22.74 9.79 0.15
C6 LDA L . -21.87 9.75 1.41
C7 LDA L . -20.43 10.01 1.08
C8 LDA L . -19.54 8.81 1.38
C9 LDA L . -18.10 9.17 1.08
C10 LDA L . -17.15 8.07 1.46
C11 LDA L . -15.74 8.52 1.16
C12 LDA L . -14.84 7.31 1.16
N1 LDA M . 1.79 -20.33 -8.29
O1 LDA M . 1.78 -21.28 -7.46
CM1 LDA M . 1.45 -20.85 -9.58
CM2 LDA M . 0.79 -19.30 -7.96
C1 LDA M . 3.13 -19.68 -8.41
C2 LDA M . 3.90 -18.71 -7.47
C3 LDA M . 5.39 -18.54 -7.81
C4 LDA M . 6.12 -17.72 -6.73
C5 LDA M . 7.59 -18.15 -6.51
C6 LDA M . 7.87 -18.68 -5.07
C7 LDA M . 8.69 -17.71 -4.21
C8 LDA M . 8.87 -18.23 -2.76
C9 LDA M . 9.05 -17.08 -1.72
C10 LDA M . 9.24 -17.58 -0.25
C11 LDA M . 7.92 -17.86 0.51
C12 LDA M . 8.00 -18.21 2.01
FE FE2 N . -7.01 -22.54 0.78
S SO4 O . -19.86 -22.37 -8.52
O1 SO4 O . -18.62 -22.46 -7.86
O2 SO4 O . -20.72 -21.34 -8.12
O3 SO4 O . -19.61 -22.22 -9.87
O4 SO4 O . -20.53 -23.59 -8.18
S SO4 P . 3.76 -27.56 19.30
O1 SO4 P . 3.87 -28.15 20.58
O2 SO4 P . 2.40 -27.32 18.91
O3 SO4 P . 4.40 -26.28 19.33
O4 SO4 P . 4.46 -28.41 18.40
S SO4 Q . -4.78 -22.52 -26.28
O1 SO4 Q . -5.01 -23.82 -26.64
O2 SO4 Q . -5.98 -21.87 -25.93
O3 SO4 Q . -3.82 -22.55 -25.25
O4 SO4 Q . -4.31 -21.75 -27.38
MG BCB R . 1.81 -0.06 -11.07
CHA BCB R . 4.14 -0.35 -8.47
CHB BCB R . 3.61 -2.45 -12.85
CHC BCB R . -0.81 -0.35 -13.23
CHD BCB R . -0.24 1.70 -8.85
NA BCB R . 3.63 -1.22 -10.70
C1A BCB R . 4.42 -1.18 -9.56
C2A BCB R . 5.60 -2.12 -9.72
C3A BCB R . 5.60 -2.46 -11.18
C4A BCB R . 4.21 -2.05 -11.66
CMA BCB R . 6.63 -1.65 -11.91
CAA BCB R . 5.37 -3.38 -8.91
CBA BCB R . 4.05 -4.05 -9.25
CGA BCB R . 3.84 -5.37 -8.56
O1A BCB R . 4.69 -5.81 -7.79
O2A BCB R . 2.63 -6.07 -8.89
NB BCB R . 1.46 -1.21 -12.71
C1B BCB R . 2.35 -2.08 -13.30
C2B BCB R . 1.73 -2.63 -14.49
C3B BCB R . 0.48 -2.09 -14.60
C4B BCB R . 0.31 -1.16 -13.48
CMB BCB R . 2.49 -3.60 -15.41
CAB BCB R . -0.53 -2.21 -15.64
OBB BCB R . -0.14 -2.58 -16.75
CBB BCB R . -2.02 -2.00 -15.46
NC BCB R . -0.15 0.69 -11.09
C1C BCB R . -1.02 0.50 -12.16
C2C BCB R . -2.23 1.36 -11.92
C3C BCB R . -2.12 1.77 -10.47
C4C BCB R . -0.83 1.38 -10.08
CMC BCB R . -2.14 2.59 -12.82
CAC BCB R . -3.14 2.18 -9.63
CBC BCB R . -4.53 2.56 -10.15
ND BCB R . 1.91 0.63 -9.16
C1D BCB R . 1.03 1.39 -8.41
C2D BCB R . 1.68 1.87 -7.20
C3D BCB R . 2.92 1.22 -7.18
C4D BCB R . 3.00 0.44 -8.37
CMD BCB R . 1.12 2.90 -6.20
CAD BCB R . 4.15 0.99 -6.45
OBD BCB R . 4.56 1.45 -5.39
CBD BCB R . 4.97 -0.06 -7.21
CGD BCB R . 6.22 0.66 -7.70
O1D BCB R . 7.30 0.16 -7.33
O2D BCB R . 6.18 1.77 -8.54
CED BCB R . 7.42 2.24 -8.94
C1 BCB R . 2.43 -7.36 -8.24
C2 BCB R . 3.16 -8.40 -9.00
C3 BCB R . 2.68 -9.54 -9.63
C4 BCB R . 1.18 -9.82 -9.59
C5 BCB R . 3.62 -10.59 -10.32
C6 BCB R . 3.05 -11.96 -10.73
C7 BCB R . 4.09 -13.10 -10.59
C8 BCB R . 3.69 -14.45 -11.22
C9 BCB R . 2.55 -15.12 -10.47
C10 BCB R . 4.89 -15.41 -11.29
C11 BCB R . 4.66 -16.64 -12.16
C12 BCB R . 5.80 -17.68 -12.01
C13 BCB R . 6.94 -17.57 -13.03
C14 BCB R . 6.45 -16.98 -14.35
C15 BCB R . 7.65 -18.93 -13.22
C16 BCB R . 8.70 -18.99 -14.34
C17 BCB R . 9.24 -20.42 -14.61
C18 BCB R . 8.73 -21.07 -15.92
C19 BCB R . 9.44 -22.39 -16.23
C20 BCB R . 8.82 -20.14 -17.11
MG BCB S . -5.61 4.85 -4.51
CHA BCB S . -7.00 3.27 -7.23
CHB BCB S . -5.31 1.79 -2.85
CHC BCB S . -4.23 6.44 -1.83
CHD BCB S . -4.86 7.56 -6.57
NA BCB S . -6.01 2.79 -5.02
C1A BCB S . -6.76 2.41 -6.12
C2A BCB S . -7.06 0.92 -6.05
C3A BCB S . -6.27 0.45 -4.83
C4A BCB S . -5.80 1.71 -4.16
CMA BCB S . -7.12 -0.31 -3.84
CAA BCB S . -6.44 0.46 -7.37
CBA BCB S . -6.66 -0.92 -7.65
CGA BCB S . -5.37 -1.64 -7.90
O1A BCB S . -5.18 -2.73 -7.36
O2A BCB S . -4.45 -1.29 -8.84
NB BCB S . -4.88 4.21 -2.68
C1B BCB S . -4.90 2.94 -2.17
C2B BCB S . -4.53 2.97 -0.79
C3B BCB S . -4.25 4.28 -0.48
C4B BCB S . -4.46 5.06 -1.69
CMB BCB S . -4.47 1.63 -0.04
CAB BCB S . -3.73 4.93 0.73
OBB BCB S . -3.53 6.13 0.92
CBB BCB S . -3.37 3.97 1.84
NC BCB S . -4.67 6.68 -4.26
C1C BCB S . -4.34 7.18 -3.01
C2C BCB S . -4.03 8.66 -3.19
C3C BCB S . -3.85 8.83 -4.67
C4C BCB S . -4.44 7.67 -5.23
CMC BCB S . -5.26 9.38 -2.75
CAC BCB S . -3.13 9.78 -5.33
CBC BCB S . -2.57 10.98 -4.57
ND BCB S . -5.76 5.31 -6.47
C1D BCB S . -5.50 6.46 -7.17
C2D BCB S . -6.06 6.41 -8.51
C3D BCB S . -6.69 5.19 -8.58
C4D BCB S . -6.45 4.52 -7.34
CMD BCB S . -5.93 7.51 -9.58
CAD BCB S . -7.51 4.30 -9.37
OBD BCB S . -7.76 4.30 -10.58
CBD BCB S . -7.84 3.07 -8.50
CGD BCB S . -9.30 3.23 -8.04
O1D BCB S . -9.75 2.32 -7.32
O2D BCB S . -10.01 4.33 -8.32
CED BCB S . -11.40 4.27 -8.03
C1 BCB S . -3.41 -2.28 -9.10
C2 BCB S . -3.96 -3.30 -9.94
C3 BCB S . -3.98 -3.26 -11.33
C4 BCB S . -3.44 -2.08 -12.10
C5 BCB S . -4.58 -4.35 -12.19
C6 BCB S . -3.68 -4.85 -13.30
C7 BCB S . -4.28 -6.08 -13.96
C8 BCB S . -3.61 -6.47 -15.29
C9 BCB S . -4.28 -7.67 -15.94
C10 BCB S . -2.11 -6.78 -15.16
C11 BCB S . -1.42 -6.88 -16.50
C12 BCB S . -0.01 -7.31 -16.32
C13 BCB S . 0.79 -7.46 -17.62
C14 BCB S . 2.13 -8.00 -17.23
C15 BCB S . 1.04 -6.19 -18.40
C16 BCB S . 2.17 -6.32 -19.44
C17 BCB S . 2.41 -5.01 -20.17
C18 BCB S . 3.52 -5.02 -21.21
C19 BCB S . 3.84 -3.58 -21.53
C20 BCB S . 3.08 -5.77 -22.46
C1 BPB T . 0.54 -10.90 -21.28
C2 BPB T . 1.73 -11.18 -22.05
C3 BPB T . 2.96 -10.53 -22.15
C4 BPB T . 3.36 -9.22 -21.43
C5 BPB T . 4.07 -11.16 -22.98
C6 BPB T . 5.43 -10.51 -22.97
C7 BPB T . 6.24 -10.94 -21.75
C8 BPB T . 7.73 -11.15 -22.03
C9 BPB T . 8.50 -11.46 -20.76
NA BPB T . -1.38 -10.89 -13.51
NB BPB T . -1.38 -8.49 -11.84
NC BPB T . -4.06 -9.04 -10.65
ND BPB T . -4.06 -11.33 -12.24
C10 BPB T . 8.40 -10.03 -22.83
C11 BPB T . 9.75 -10.40 -23.44
C12 BPB T . 10.32 -9.24 -24.29
C13 BPB T . 11.37 -9.66 -25.34
C14 BPB T . 11.79 -8.45 -26.16
C15 BPB T . 10.92 -10.81 -26.25
C16 BPB T . 11.62 -12.12 -25.97
C17 BPB T . 10.66 -13.30 -26.11
C18 BPB T . 11.24 -14.63 -25.61
C19 BPB T . 12.27 -15.18 -26.59
C1A BPB T . -1.69 -12.01 -14.25
O1A BPB T . -1.45 -10.85 -19.21
C1B BPB T . -0.10 -8.41 -12.38
C1C BPB T . -3.82 -7.79 -10.10
C1D BPB T . -5.23 -11.59 -11.56
O1D BPB T . -2.03 -15.74 -15.57
C20 BPB T . 10.13 -15.64 -25.36
C2A BPB T . -0.57 -12.31 -15.21
O2A BPB T . 0.63 -11.68 -20.04
C2B BPB T . 0.48 -7.14 -12.05
C2C BPB T . -4.95 -7.45 -9.18
C2D BPB T . -5.70 -12.91 -11.94
O2D BPB T . -1.76 -15.37 -13.32
C3A BPB T . 0.58 -11.49 -14.67
C3B BPB T . -0.39 -6.50 -11.25
C3C BPB T . -5.79 -8.71 -9.11
C3D BPB T . -4.91 -13.35 -12.97
C4A BPB T . -0.09 -10.47 -13.76
C4B BPB T . -1.56 -7.34 -11.11
C4C BPB T . -5.25 -9.55 -10.12
C4D BPB T . -3.87 -12.38 -13.11
CAA BPB T . -1.00 -11.82 -16.59
CAB BPB T . -0.35 -5.21 -10.61
CAC BPB T . -6.89 -9.02 -8.30
CAD BPB T . -4.66 -14.40 -13.95
CBA BPB T . -0.01 -12.10 -17.70
CBB BPB T . -0.72 -5.15 -9.15
OBB BPB T . 0.17 -4.22 -11.12
CBC BPB T . -7.75 -8.10 -7.37
CBD BPB T . -3.42 -14.00 -14.77
OBD BPB T . -5.28 -15.43 -14.22
CED BPB T . -0.92 -16.45 -13.10
CGA BPB T . -0.37 -11.45 -19.03
CGD BPB T . -2.35 -15.10 -14.55
CHA BPB T . -2.89 -12.74 -14.07
CHB BPB T . 0.51 -9.33 -13.25
CHC BPB T . -2.68 -7.03 -10.32
CHD BPB T . -5.79 -10.76 -10.57
CMA BPB T . 1.49 -12.35 -13.80
CMB BPB T . 1.80 -6.58 -12.52
CMC BPB T . -4.47 -7.01 -7.77
CMD BPB T . -6.86 -13.56 -11.28
C1 MQ7 U . -10.56 -19.89 7.37
O1 MQ7 U . -9.51 -19.98 6.75
C2 MQ7 U . -11.04 -18.60 7.82
C2M MQ7 U . -10.13 -17.39 7.61
C3 MQ7 U . -12.26 -18.50 8.46
C4 MQ7 U . -13.05 -19.68 8.68
O4 MQ7 U . -14.09 -19.56 9.28
C5 MQ7 U . -12.56 -20.97 8.23
C6 MQ7 U . -13.36 -22.11 8.41
C7 MQ7 U . -12.93 -23.33 7.93
C8 MQ7 U . -11.72 -23.42 7.27
C9 MQ7 U . -10.93 -22.30 7.11
C10 MQ7 U . -11.37 -21.07 7.59
C11 MQ7 U . -12.82 -17.13 8.86
C12 MQ7 U . -13.45 -16.45 7.78
C13 MQ7 U . -14.77 -16.08 7.67
C14 MQ7 U . -15.80 -16.38 8.74
C15 MQ7 U . -15.21 -15.33 6.46
C16 MQ7 U . -15.76 -13.97 6.91
C17 MQ7 U . -14.66 -13.20 7.47
C18 MQ7 U . -14.17 -11.95 7.08
C19 MQ7 U . -14.79 -11.06 5.99
C20 MQ7 U . -12.99 -11.31 7.79
C21 MQ7 U . -13.51 -10.16 8.65
C22 MQ7 U . -14.28 -10.51 9.87
C23 MQ7 U . -15.24 -9.71 10.44
C24 MQ7 U . -15.55 -8.38 9.87
C25 MQ7 U . -16.06 -10.03 11.64
C26 MQ7 U . -15.34 -9.36 12.77
C27 MQ7 U . -15.94 -9.70 14.00
C28 MQ7 U . -15.44 -9.61 15.28
C29 MQ7 U . -14.04 -9.12 15.63
C30 MQ7 U . -16.33 -10.06 16.44
C31 MQ7 U . -16.74 -8.99 17.42
C32 MQ7 U . -17.47 -9.64 18.59
C33 MQ7 U . -17.39 -9.42 19.97
C34 MQ7 U . -16.47 -8.34 20.57
C35 MQ7 U . -18.14 -10.16 21.08
C36 MQ7 U . -17.07 -10.96 21.82
C37 MQ7 U . -17.51 -11.82 22.96
C38 MQ7 U . -16.78 -12.24 24.06
C39 MQ7 U . -15.32 -11.89 24.37
C40 MQ7 U . -17.36 -13.10 25.16
C41 MQ7 U . -18.11 -12.24 26.17
C42 MQ7 U . -19.43 -12.13 25.61
C43 MQ7 U . -20.20 -11.15 24.97
C44 MQ7 U . -19.84 -9.68 24.68
C45 MQ7 U . -21.60 -11.51 24.46
C1 NS5 V . 8.91 -9.53 -16.13
CM1 NS5 V . 9.92 -10.30 -17.00
CM2 NS5 V . 8.80 -10.17 -14.75
C2 NS5 V . 9.29 -8.05 -16.03
C3 NS5 V . 9.16 -7.28 -17.32
C4 NS5 V . 9.41 -5.78 -17.12
C5 NS5 V . 9.19 -4.97 -18.35
C6 NS5 V . 8.06 -5.42 -19.22
C7 NS5 V . 9.69 -3.71 -18.45
C8 NS5 V . 9.73 -2.93 -19.71
C9 NS5 V . 9.45 -1.42 -19.49
C10 NS5 V . 8.01 -1.13 -19.10
C11 NS5 V . 6.98 -1.69 -20.00
C12 NS5 V . 7.74 -0.17 -18.19
C13 NS5 V . 6.56 -0.04 -17.34
C14 NS5 V . 5.32 0.32 -17.72
C15 NS5 V . 4.18 0.46 -16.82
C16 NS5 V . 4.50 0.23 -15.39
C17 NS5 V . 2.96 0.79 -17.28
C18 NS5 V . 1.76 0.83 -16.51
C19 NS5 V . 0.49 1.14 -16.87
C20 NS5 V . -0.03 1.46 -18.17
C21 NS5 V . -1.36 1.49 -18.46
C22 NS5 V . -2.37 0.81 -17.64
C23 NS5 V . -1.85 1.97 -19.76
C24 NS5 V . -2.86 1.41 -20.44
C25 NS5 V . -3.32 1.81 -21.74
C26 NS5 V . -4.19 1.16 -22.54
C27 NS5 V . -4.67 -0.25 -22.27
C28 NS5 V . -4.74 1.83 -23.75
C29 NS5 V . -5.57 1.23 -24.63
C30 NS5 V . -6.20 1.83 -25.77
C31 NS5 V . -7.10 1.26 -26.62
C32 NS5 V . -7.38 -0.19 -26.68
C33 NS5 V . -7.98 2.13 -27.47
C34 NS5 V . -7.61 2.04 -28.95
C35 NS5 V . -8.46 2.97 -29.86
C36 NS5 V . -8.10 3.41 -31.10
CM3 NS5 V . -6.77 3.09 -31.75
CM4 NS5 V . -8.92 4.42 -31.88
N1 LDA W . -8.69 -23.51 -28.01
O1 LDA W . -9.84 -23.82 -28.33
CM1 LDA W . -8.59 -23.29 -26.60
CM2 LDA W . -7.76 -24.55 -28.39
C1 LDA W . -8.31 -22.26 -28.70
C2 LDA W . -7.08 -21.39 -28.90
C3 LDA W . -7.42 -20.14 -29.68
C4 LDA W . -6.23 -19.22 -29.77
C5 LDA W . -6.60 -17.88 -30.37
C6 LDA W . -5.36 -17.01 -30.57
C7 LDA W . -5.56 -15.62 -29.98
C8 LDA W . -6.13 -14.64 -30.99
C9 LDA W . -6.94 -13.54 -30.31
C10 LDA W . -6.06 -12.38 -29.83
C11 LDA W . -6.69 -11.59 -28.68
C12 LDA W . -8.00 -10.85 -28.94
N1 LDA X . -23.85 -15.10 15.49
O1 LDA X . -24.89 -14.44 15.23
CM1 LDA X . -24.08 -15.96 16.63
CM2 LDA X . -23.46 -15.93 14.38
C1 LDA X . -22.76 -14.19 15.81
C2 LDA X . -22.61 -13.09 14.77
C3 LDA X . -21.35 -12.23 15.01
C4 LDA X . -21.65 -10.75 14.70
C5 LDA X . -20.41 -9.98 14.23
C6 LDA X . -20.85 -8.72 13.50
C7 LDA X . -19.70 -8.03 12.80
C8 LDA X . -20.22 -7.02 11.77
C9 LDA X . -19.10 -6.34 11.02
C10 LDA X . -19.62 -5.51 9.86
C11 LDA X . -18.50 -4.75 9.13
C12 LDA X . -19.00 -3.63 8.19
N1 LDA Y . 9.16 10.40 -29.50
O1 LDA Y . 10.18 10.41 -28.80
CM1 LDA Y . 7.98 10.28 -28.68
CM2 LDA Y . 9.05 11.63 -30.25
C1 LDA Y . 9.20 9.28 -30.43
C2 LDA Y . 10.31 9.02 -31.46
C3 LDA Y . 10.12 7.68 -32.18
C4 LDA Y . 10.85 6.55 -31.45
C5 LDA Y . 10.92 5.27 -32.29
C6 LDA Y . 9.91 4.24 -31.80
C7 LDA Y . 9.24 3.53 -32.96
C8 LDA Y . 9.81 2.14 -33.22
C9 LDA Y . 9.40 1.17 -32.12
C10 LDA Y . 9.60 -0.28 -32.56
C11 LDA Y . 8.43 -0.76 -33.41
C12 LDA Y . 8.29 -2.29 -33.50
S SO4 Z . -25.01 -18.94 12.75
O1 SO4 Z . -23.57 -18.81 12.80
O2 SO4 Z . -25.70 -17.67 12.83
O3 SO4 Z . -25.39 -19.56 11.55
O4 SO4 Z . -25.40 -19.81 13.79
N1 LDA AA . -22.99 -11.67 9.98
O1 LDA AA . -23.41 -12.23 9.00
CM1 LDA AA . -24.01 -10.91 10.67
CM2 LDA AA . -22.51 -12.64 10.94
C1 LDA AA . -21.94 -10.71 9.58
C2 LDA AA . -20.77 -10.99 8.61
C3 LDA AA . -20.11 -9.72 8.10
C4 LDA AA . -18.84 -10.05 7.33
C5 LDA AA . -18.03 -8.80 7.00
C6 LDA AA . -18.60 -8.08 5.78
C7 LDA AA . -17.51 -7.31 5.03
C8 LDA AA . -18.09 -6.14 4.26
C9 LDA AA . -17.02 -5.52 3.41
C10 LDA AA . -17.03 -4.01 3.47
C11 LDA AA . -15.88 -3.42 2.66
C12 LDA AA . -15.86 -1.94 3.04
N1 LDA BA . -33.47 -21.50 0.93
O1 LDA BA . -34.38 -21.18 0.16
CM1 LDA BA . -32.24 -20.89 0.44
CM2 LDA BA . -33.74 -21.01 2.30
C1 LDA BA . -33.30 -22.96 0.98
C2 LDA BA . -34.47 -23.85 1.28
C3 LDA BA . -34.05 -25.30 1.23
C4 LDA BA . -33.43 -25.74 2.54
C5 LDA BA . -32.43 -26.85 2.32
C6 LDA BA . -32.99 -28.21 2.71
C7 LDA BA . -31.84 -29.20 2.93
C8 LDA BA . -32.03 -30.01 4.21
C9 LDA BA . -30.72 -30.60 4.73
C10 LDA BA . -30.89 -31.38 6.04
C11 LDA BA . -30.44 -30.57 7.26
C12 LDA BA . -31.62 -29.74 7.73
#